data_7ECT
#
_entry.id   7ECT
#
_cell.length_a   119.860
_cell.length_b   153.090
_cell.length_c   259.270
_cell.angle_alpha   90.00
_cell.angle_beta   90.00
_cell.angle_gamma   90.00
#
_symmetry.space_group_name_H-M   'I 2 2 2'
#
loop_
_entity.id
_entity.type
_entity.pdbx_description
1 polymer 'Glutamate dehydrogenase'
2 non-polymer 'NADPH DIHYDRO-NICOTINAMIDE-ADENINE-DINUCLEOTIDE PHOSPHATE'
3 non-polymer GLYCEROL
4 non-polymer 'L(+)-TARTARIC ACID'
5 water water
#
_entity_poly.entity_id   1
_entity_poly.type   'polypeptide(L)'
_entity_poly.pdbx_seq_one_letter_code
;MSNLPVEPEFEQAYKELASTLENSTLFQKNPEYRKALAVVSVPERVIQFRVVWENDKGEVQVNRGFRVQFNSALGPYKGG
LRFHPSVNLSILKFLGFEQIFKNALTGLNMGGGKGGSDFDPKGKSDSEIRRFCVAFMTELCRHIGADTDVPAGDIGVTGR
EIGYLFGQYRKLRNSWEGVLTGKGGSWGGSLIRPEATGYGVVYYVEHMIAHATNGAESFAGKRVAISGSGNVAQYAALKV
IELGGRVVSLSDSQGSLIVKDTAKDSFTPAEIDAIAALKVDRKQIAELVTDAAFADKFTYLPGQRPWVHVGAVDVALPSA
TQNEVSGEEAQALIAAGCKFIAEGSNMGCTQAAIDAFEAHREANKGAAAIWYAPGKAANAGGVAVSGLEMAQNSARLSWT
AEEVDARLKDIMKSCFQNGLDTAKEYATPADGILPSLVTGSNIAGFTKVAAAMKDQGDWW
;
_entity_poly.pdbx_strand_id   A,B,C
#
loop_
_chem_comp.id
_chem_comp.type
_chem_comp.name
_chem_comp.formula
GOL non-polymer GLYCEROL 'C3 H8 O3'
NDP non-polymer 'NADPH DIHYDRO-NICOTINAMIDE-ADENINE-DINUCLEOTIDE PHOSPHATE' 'C21 H30 N7 O17 P3'
TLA non-polymer 'L(+)-TARTARIC ACID' 'C4 H6 O6'
#
# COMPACT_ATOMS: atom_id res chain seq x y z
N SER A 2 45.07 4.12 -7.74
CA SER A 2 46.22 3.59 -6.92
C SER A 2 46.16 4.06 -5.45
N ASN A 3 45.41 5.15 -5.19
CA ASN A 3 44.88 5.46 -3.84
C ASN A 3 43.88 4.41 -3.31
N LEU A 4 43.11 3.82 -4.23
CA LEU A 4 42.05 2.85 -3.92
C LEU A 4 42.57 1.58 -3.29
N PRO A 5 41.91 1.10 -2.22
CA PRO A 5 42.37 -0.12 -1.56
C PRO A 5 42.01 -1.34 -2.42
N VAL A 6 42.82 -2.41 -2.38
CA VAL A 6 42.50 -3.62 -3.17
C VAL A 6 41.37 -4.41 -2.50
N GLU A 7 40.29 -4.61 -3.25
CA GLU A 7 39.09 -5.31 -2.77
C GLU A 7 38.80 -6.46 -3.77
N PRO A 8 39.46 -7.63 -3.57
CA PRO A 8 39.51 -8.65 -4.62
C PRO A 8 38.16 -9.34 -4.93
N GLU A 9 37.36 -9.55 -3.87
CA GLU A 9 36.02 -10.14 -3.97
C GLU A 9 35.11 -9.23 -4.78
N PHE A 10 35.13 -7.94 -4.49
CA PHE A 10 34.47 -6.94 -5.34
C PHE A 10 35.03 -6.87 -6.81
N GLU A 11 36.36 -6.75 -6.96
CA GLU A 11 37.01 -6.64 -8.28
C GLU A 11 36.58 -7.82 -9.16
N GLN A 12 36.61 -9.03 -8.60
CA GLN A 12 36.11 -10.24 -9.31
C GLN A 12 34.73 -9.96 -9.88
N ALA A 13 33.82 -9.55 -8.98
CA ALA A 13 32.40 -9.34 -9.32
C ALA A 13 32.27 -8.37 -10.47
N TYR A 14 32.92 -7.22 -10.30
CA TYR A 14 33.03 -6.19 -11.34
C TYR A 14 33.57 -6.73 -12.68
N LYS A 15 34.76 -7.36 -12.65
CA LYS A 15 35.42 -7.82 -13.90
C LYS A 15 34.63 -8.86 -14.70
N GLU A 16 33.99 -9.82 -14.04
CA GLU A 16 33.11 -10.75 -14.77
C GLU A 16 32.04 -9.91 -15.45
N LEU A 17 31.32 -9.08 -14.69
CA LEU A 17 30.22 -8.31 -15.25
C LEU A 17 30.69 -7.48 -16.41
N ALA A 18 31.70 -6.65 -16.16
CA ALA A 18 32.23 -5.78 -17.20
C ALA A 18 32.68 -6.59 -18.43
N SER A 19 33.44 -7.67 -18.21
CA SER A 19 33.94 -8.53 -19.31
C SER A 19 32.80 -9.02 -20.23
N THR A 20 31.72 -9.51 -19.61
CA THR A 20 30.54 -9.95 -20.36
C THR A 20 29.91 -8.78 -21.09
N LEU A 21 29.98 -7.59 -20.51
CA LEU A 21 29.48 -6.42 -21.20
C LEU A 21 30.33 -6.07 -22.43
N GLU A 22 31.65 -6.30 -22.33
CA GLU A 22 32.58 -6.05 -23.44
C GLU A 22 32.39 -7.00 -24.61
N ASN A 23 32.39 -8.30 -24.28
CA ASN A 23 32.26 -9.41 -25.25
C ASN A 23 30.81 -9.54 -25.70
N SER A 24 30.33 -8.45 -26.29
CA SER A 24 28.93 -8.22 -26.65
C SER A 24 28.88 -6.94 -27.46
N THR A 25 27.85 -6.81 -28.27
CA THR A 25 27.70 -5.63 -29.11
C THR A 25 26.94 -4.57 -28.34
N LEU A 26 27.06 -4.57 -27.02
CA LEU A 26 26.27 -3.65 -26.22
C LEU A 26 26.84 -2.25 -26.39
N PHE A 27 28.16 -2.14 -26.22
CA PHE A 27 28.84 -0.82 -26.24
C PHE A 27 29.03 -0.21 -27.64
N GLN A 28 28.67 -0.99 -28.67
CA GLN A 28 28.63 -0.54 -30.03
C GLN A 28 27.32 0.17 -30.24
N LYS A 29 26.25 -0.45 -29.76
CA LYS A 29 24.94 0.15 -29.83
C LYS A 29 24.78 1.32 -28.84
N ASN A 30 25.35 1.18 -27.64
CA ASN A 30 25.20 2.20 -26.58
C ASN A 30 26.54 2.55 -25.94
N PRO A 31 27.39 3.26 -26.67
CA PRO A 31 28.71 3.55 -26.14
C PRO A 31 28.67 4.30 -24.82
N GLU A 32 27.73 5.24 -24.68
CA GLU A 32 27.51 6.02 -23.43
C GLU A 32 27.48 5.18 -22.14
N TYR A 33 27.15 3.91 -22.27
CA TYR A 33 27.04 3.03 -21.12
C TYR A 33 28.35 2.82 -20.32
N ARG A 34 29.50 3.14 -20.89
CA ARG A 34 30.74 3.03 -20.11
C ARG A 34 30.78 4.02 -18.95
N LYS A 35 30.14 5.17 -19.18
CA LYS A 35 29.94 6.19 -18.16
C LYS A 35 28.94 5.70 -17.14
N ALA A 36 27.89 5.00 -17.55
CA ALA A 36 26.98 4.40 -16.58
C ALA A 36 27.63 3.29 -15.70
N LEU A 37 28.45 2.45 -16.33
CA LEU A 37 29.25 1.42 -15.65
C LEU A 37 30.21 2.03 -14.62
N ALA A 38 30.82 3.16 -14.98
CA ALA A 38 31.75 3.85 -14.10
C ALA A 38 31.04 4.40 -12.90
N VAL A 39 29.88 5.03 -13.12
CA VAL A 39 29.13 5.65 -12.03
C VAL A 39 28.58 4.58 -11.09
N VAL A 40 27.83 3.65 -11.65
CA VAL A 40 27.16 2.60 -10.89
C VAL A 40 28.08 1.82 -9.95
N SER A 41 29.34 1.64 -10.37
CA SER A 41 30.38 0.87 -9.64
C SER A 41 30.93 1.52 -8.32
N VAL A 42 30.70 2.81 -8.15
CA VAL A 42 31.00 3.47 -6.92
C VAL A 42 29.67 3.43 -6.18
N PRO A 43 29.67 2.93 -4.95
CA PRO A 43 28.37 2.83 -4.28
C PRO A 43 27.83 4.20 -3.92
N GLU A 44 26.50 4.37 -4.00
CA GLU A 44 25.83 5.61 -3.60
C GLU A 44 26.21 5.96 -2.16
N ARG A 45 26.07 5.01 -1.25
CA ARG A 45 26.41 5.22 0.16
C ARG A 45 26.88 3.94 0.86
N VAL A 46 27.80 4.08 1.80
CA VAL A 46 28.30 2.97 2.66
C VAL A 46 28.33 3.43 4.11
N ILE A 47 27.77 2.67 5.04
CA ILE A 47 27.91 3.02 6.45
C ILE A 47 28.75 1.93 7.14
N GLN A 48 29.89 2.32 7.73
CA GLN A 48 30.65 1.40 8.60
C GLN A 48 30.49 1.86 10.04
N PHE A 49 30.41 0.92 10.99
CA PHE A 49 30.18 1.32 12.36
C PHE A 49 30.60 0.24 13.33
N ARG A 50 31.19 0.68 14.45
CA ARG A 50 31.55 -0.18 15.59
C ARG A 50 30.30 -0.73 16.23
N VAL A 51 30.36 -1.99 16.65
CA VAL A 51 29.27 -2.64 17.40
C VAL A 51 29.85 -3.23 18.70
N VAL A 52 29.46 -2.67 19.84
CA VAL A 52 29.95 -3.13 21.14
C VAL A 52 28.83 -3.84 21.87
N TRP A 53 29.14 -5.02 22.38
CA TRP A 53 28.09 -5.91 22.90
C TRP A 53 28.64 -6.80 24.01
N GLU A 54 27.74 -7.33 24.82
CA GLU A 54 28.10 -8.04 26.02
C GLU A 54 27.88 -9.54 25.88
N ASN A 55 28.92 -10.34 26.12
CA ASN A 55 28.74 -11.80 26.16
C ASN A 55 28.16 -12.25 27.51
N ASP A 56 27.86 -13.54 27.64
CA ASP A 56 27.19 -14.06 28.85
C ASP A 56 28.07 -13.93 30.10
N LYS A 57 29.38 -14.05 29.89
CA LYS A 57 30.37 -13.89 30.95
C LYS A 57 30.54 -12.42 31.39
N GLY A 58 29.69 -11.51 30.90
CA GLY A 58 29.73 -10.09 31.28
C GLY A 58 30.75 -9.23 30.55
N GLU A 59 31.58 -9.83 29.70
CA GLU A 59 32.73 -9.14 29.06
C GLU A 59 32.35 -8.40 27.77
N VAL A 60 33.08 -7.32 27.52
CA VAL A 60 32.78 -6.40 26.43
C VAL A 60 33.49 -6.87 25.15
N GLN A 61 32.73 -6.83 24.06
CA GLN A 61 33.10 -7.39 22.77
C GLN A 61 32.97 -6.32 21.66
N VAL A 62 33.91 -6.32 20.73
CA VAL A 62 33.88 -5.37 19.61
C VAL A 62 33.75 -6.13 18.30
N ASN A 63 32.95 -5.59 17.39
CA ASN A 63 32.77 -6.13 16.05
C ASN A 63 32.45 -5.00 15.06
N ARG A 64 32.53 -5.31 13.77
CA ARG A 64 32.43 -4.30 12.71
C ARG A 64 31.13 -4.38 11.95
N GLY A 65 30.27 -3.37 12.13
CA GLY A 65 29.03 -3.24 11.35
C GLY A 65 29.25 -2.64 9.97
N PHE A 66 28.49 -3.10 8.99
CA PHE A 66 28.58 -2.59 7.64
C PHE A 66 27.19 -2.46 7.06
N ARG A 67 26.99 -1.48 6.20
CA ARG A 67 25.82 -1.46 5.31
C ARG A 67 26.15 -0.73 3.99
N VAL A 68 26.36 -1.51 2.93
CA VAL A 68 26.60 -0.98 1.57
C VAL A 68 25.24 -0.64 1.00
N GLN A 69 25.02 0.62 0.65
CA GLN A 69 23.79 1.01 -0.04
C GLN A 69 24.16 1.39 -1.53
N PHE A 70 24.26 0.38 -2.41
CA PHE A 70 25.05 0.51 -3.68
C PHE A 70 24.33 1.25 -4.84
N ASN A 71 23.03 1.00 -5.00
CA ASN A 71 22.28 1.70 -6.03
C ASN A 71 20.79 1.69 -5.73
N SER A 72 20.19 2.87 -5.55
CA SER A 72 18.73 3.01 -5.32
C SER A 72 17.94 3.54 -6.53
N ALA A 73 18.42 3.28 -7.75
CA ALA A 73 17.75 3.80 -8.94
C ALA A 73 16.40 3.14 -9.16
N LEU A 74 16.43 1.82 -9.14
CA LEU A 74 15.25 1.02 -9.41
C LEU A 74 14.27 0.98 -8.23
N GLY A 75 14.75 1.25 -7.02
CA GLY A 75 13.91 1.13 -5.83
C GLY A 75 14.65 1.44 -4.56
N PRO A 76 14.02 1.17 -3.38
CA PRO A 76 14.78 1.35 -2.16
C PRO A 76 15.88 0.34 -2.12
N TYR A 77 16.92 0.62 -1.36
CA TYR A 77 18.03 -0.30 -1.29
C TYR A 77 17.44 -1.58 -0.71
N LYS A 78 17.87 -2.71 -1.23
CA LYS A 78 17.31 -4.00 -0.84
C LYS A 78 18.44 -5.00 -0.85
N GLY A 79 18.60 -5.71 0.26
CA GLY A 79 19.64 -6.72 0.34
C GLY A 79 19.91 -7.23 1.73
N GLY A 80 20.40 -8.46 1.78
CA GLY A 80 20.59 -9.21 3.01
C GLY A 80 21.67 -8.67 3.93
N LEU A 81 21.81 -9.36 5.07
CA LEU A 81 22.77 -9.07 6.13
C LEU A 81 23.57 -10.32 6.37
N ARG A 82 24.89 -10.22 6.47
CA ARG A 82 25.76 -11.39 6.72
C ARG A 82 26.64 -11.31 8.01
N PHE A 83 26.47 -12.26 8.95
CA PHE A 83 27.31 -12.41 10.13
C PHE A 83 28.25 -13.61 9.93
N HIS A 84 29.49 -13.30 9.60
CA HIS A 84 30.51 -14.32 9.31
C HIS A 84 31.91 -13.68 9.48
N PRO A 85 32.86 -14.38 10.16
CA PRO A 85 34.18 -13.83 10.56
C PRO A 85 35.04 -13.18 9.47
N SER A 86 34.86 -13.64 8.23
CA SER A 86 35.54 -13.13 7.06
C SER A 86 34.91 -11.89 6.44
N VAL A 87 33.77 -11.43 6.99
CA VAL A 87 33.07 -10.23 6.49
C VAL A 87 33.96 -8.99 6.54
N ASN A 88 34.13 -8.35 5.38
CA ASN A 88 34.83 -7.06 5.28
C ASN A 88 34.02 -6.18 4.31
N LEU A 89 34.61 -5.07 3.86
CA LEU A 89 33.96 -4.17 2.87
C LEU A 89 33.93 -4.82 1.49
N SER A 90 35.10 -5.28 1.05
CA SER A 90 35.31 -5.96 -0.24
C SER A 90 34.21 -6.95 -0.57
N ILE A 91 33.90 -7.78 0.44
CA ILE A 91 32.93 -8.86 0.34
C ILE A 91 31.53 -8.26 0.26
N LEU A 92 31.13 -7.45 1.24
CA LEU A 92 29.76 -6.90 1.21
C LEU A 92 29.53 -5.98 0.06
N LYS A 93 30.60 -5.37 -0.47
CA LYS A 93 30.51 -4.65 -1.73
C LYS A 93 30.21 -5.58 -2.91
N PHE A 94 30.78 -6.79 -2.96
CA PHE A 94 30.51 -7.69 -4.12
C PHE A 94 29.06 -8.14 -4.15
N LEU A 95 28.54 -8.45 -2.97
CA LEU A 95 27.16 -8.85 -2.80
C LEU A 95 26.23 -7.71 -3.12
N GLY A 96 26.50 -6.54 -2.56
CA GLY A 96 25.74 -5.34 -2.88
C GLY A 96 25.68 -5.04 -4.37
N PHE A 97 26.77 -5.37 -5.09
CA PHE A 97 26.91 -5.10 -6.52
C PHE A 97 26.11 -6.09 -7.36
N GLU A 98 26.32 -7.38 -7.11
CA GLU A 98 25.44 -8.41 -7.63
C GLU A 98 23.98 -8.02 -7.36
N GLN A 99 23.66 -7.67 -6.13
CA GLN A 99 22.27 -7.39 -5.71
C GLN A 99 21.57 -6.32 -6.52
N ILE A 100 22.31 -5.29 -6.94
CA ILE A 100 21.79 -4.25 -7.82
C ILE A 100 20.98 -4.85 -8.99
N PHE A 101 21.68 -5.77 -9.64
CA PHE A 101 21.36 -6.28 -10.96
C PHE A 101 20.52 -7.54 -10.92
N LYS A 102 20.70 -8.36 -9.90
CA LYS A 102 19.75 -9.42 -9.61
C LYS A 102 18.39 -8.80 -9.44
N ASN A 103 18.32 -7.77 -8.60
CA ASN A 103 17.05 -7.14 -8.23
C ASN A 103 16.32 -6.55 -9.44
N ALA A 104 17.07 -6.06 -10.43
CA ALA A 104 16.48 -5.58 -11.70
C ALA A 104 15.66 -6.64 -12.47
N LEU A 105 16.15 -7.87 -12.46
CA LEU A 105 15.56 -9.03 -13.12
C LEU A 105 14.29 -9.54 -12.45
N THR A 106 13.91 -8.94 -11.34
CA THR A 106 12.63 -9.28 -10.73
C THR A 106 11.52 -8.43 -11.37
N GLY A 107 11.88 -7.24 -11.87
CA GLY A 107 10.87 -6.33 -12.42
C GLY A 107 10.04 -5.67 -11.33
N LEU A 108 10.49 -5.85 -10.08
CA LEU A 108 9.98 -5.14 -8.92
C LEU A 108 11.01 -4.07 -8.64
N ASN A 109 10.53 -2.99 -8.03
CA ASN A 109 11.34 -1.82 -7.70
C ASN A 109 12.21 -1.96 -6.42
N MET A 110 13.42 -2.46 -6.62
CA MET A 110 14.37 -2.77 -5.55
C MET A 110 15.78 -2.38 -5.97
N GLY A 111 16.38 -1.53 -5.14
CA GLY A 111 17.76 -1.15 -5.29
C GLY A 111 18.68 -2.21 -4.72
N GLY A 112 19.95 -2.14 -5.08
CA GLY A 112 20.95 -3.02 -4.51
C GLY A 112 21.60 -2.51 -3.23
N GLY A 113 21.55 -3.32 -2.18
CA GLY A 113 22.32 -3.07 -0.99
C GLY A 113 22.79 -4.38 -0.40
N LYS A 114 23.59 -4.29 0.66
CA LYS A 114 23.97 -5.45 1.47
C LYS A 114 24.81 -4.99 2.65
N GLY A 115 24.65 -5.66 3.77
CA GLY A 115 25.35 -5.29 4.99
C GLY A 115 25.68 -6.54 5.80
N GLY A 116 26.13 -6.32 7.05
CA GLY A 116 26.50 -7.43 7.91
C GLY A 116 27.58 -7.08 8.92
N SER A 117 28.25 -8.12 9.39
CA SER A 117 29.29 -7.98 10.39
C SER A 117 30.28 -9.17 10.37
N ASP A 118 31.46 -8.93 10.95
CA ASP A 118 32.47 -9.98 11.18
C ASP A 118 32.23 -10.72 12.51
N PHE A 119 31.13 -10.38 13.17
CA PHE A 119 30.52 -11.20 14.19
C PHE A 119 30.40 -12.64 13.69
N ASP A 120 30.88 -13.60 14.49
CA ASP A 120 30.75 -15.04 14.14
C ASP A 120 29.70 -15.65 15.04
N PRO A 121 28.57 -16.13 14.48
CA PRO A 121 27.54 -16.76 15.38
C PRO A 121 27.91 -18.14 16.01
N LYS A 122 28.97 -18.79 15.53
CA LYS A 122 29.44 -20.08 16.07
C LYS A 122 30.10 -19.89 17.43
N GLY A 123 29.85 -20.83 18.34
CA GLY A 123 30.30 -20.74 19.71
C GLY A 123 29.40 -19.87 20.55
N LYS A 124 28.45 -19.18 19.92
CA LYS A 124 27.69 -18.12 20.58
C LYS A 124 26.38 -18.64 21.07
N SER A 125 26.03 -18.23 22.27
CA SER A 125 24.71 -18.49 22.80
C SER A 125 23.64 -17.72 22.04
N ASP A 126 22.41 -18.20 22.16
CA ASP A 126 21.21 -17.49 21.73
C ASP A 126 21.13 -16.08 22.35
N SER A 127 21.48 -15.95 23.63
CA SER A 127 21.45 -14.64 24.30
C SER A 127 22.46 -13.65 23.74
N GLU A 128 23.65 -14.19 23.43
CA GLU A 128 24.78 -13.44 22.86
C GLU A 128 24.45 -12.91 21.48
N ILE A 129 23.84 -13.77 20.66
CA ILE A 129 23.27 -13.37 19.38
C ILE A 129 22.20 -12.30 19.54
N ARG A 130 21.34 -12.44 20.54
CA ARG A 130 20.30 -11.44 20.81
C ARG A 130 20.89 -10.06 21.13
N ARG A 131 21.85 -10.02 22.05
CA ARG A 131 22.49 -8.74 22.45
C ARG A 131 23.13 -8.09 21.24
N PHE A 132 23.89 -8.90 20.49
CA PHE A 132 24.59 -8.43 19.32
C PHE A 132 23.67 -7.77 18.32
N CYS A 133 22.56 -8.44 18.01
CA CYS A 133 21.51 -7.84 17.14
C CYS A 133 20.95 -6.51 17.73
N VAL A 134 20.73 -6.48 19.04
CA VAL A 134 20.27 -5.26 19.68
C VAL A 134 21.25 -4.11 19.43
N ALA A 135 22.56 -4.36 19.57
CA ALA A 135 23.58 -3.30 19.40
C ALA A 135 23.80 -2.96 17.93
N PHE A 136 23.70 -4.00 17.08
CA PHE A 136 23.83 -3.85 15.64
C PHE A 136 22.72 -2.99 15.10
N MET A 137 21.49 -3.22 15.56
CA MET A 137 20.34 -2.45 15.07
C MET A 137 20.26 -1.04 15.65
N THR A 138 20.86 -0.81 16.80
CA THR A 138 20.92 0.53 17.36
C THR A 138 21.57 1.51 16.36
N GLU A 139 22.73 1.14 15.84
CA GLU A 139 23.37 1.99 14.86
C GLU A 139 22.75 1.90 13.47
N LEU A 140 22.40 0.71 13.00
CA LEU A 140 21.83 0.58 11.65
C LEU A 140 20.48 1.26 11.53
N CYS A 141 19.73 1.30 12.62
CA CYS A 141 18.43 1.94 12.65
C CYS A 141 18.28 3.22 11.83
N ARG A 142 19.22 4.16 11.96
CA ARG A 142 19.07 5.50 11.37
C ARG A 142 19.31 5.59 9.84
N HIS A 143 19.90 4.56 9.25
CA HIS A 143 20.22 4.58 7.83
C HIS A 143 19.22 3.80 6.97
N ILE A 144 18.25 3.14 7.62
CA ILE A 144 17.33 2.22 6.95
C ILE A 144 15.85 2.53 7.21
N GLY A 145 14.97 1.85 6.48
CA GLY A 145 13.51 2.16 6.52
C GLY A 145 12.74 1.60 5.34
N ALA A 146 11.44 1.51 5.47
CA ALA A 146 10.61 0.75 4.53
C ALA A 146 10.50 1.36 3.13
N ASP A 147 10.72 2.67 3.06
CA ASP A 147 10.84 3.41 1.80
C ASP A 147 12.30 3.81 1.52
N THR A 148 13.26 3.39 2.36
CA THR A 148 14.67 3.73 2.18
C THR A 148 15.58 2.52 1.85
N ASP A 149 15.72 1.63 2.82
CA ASP A 149 16.57 0.43 2.72
C ASP A 149 15.95 -0.71 3.53
N VAL A 150 15.79 -1.87 2.89
CA VAL A 150 15.09 -3.05 3.47
C VAL A 150 15.99 -4.29 3.52
N PRO A 151 16.70 -4.49 4.65
CA PRO A 151 17.54 -5.68 4.78
C PRO A 151 16.79 -7.01 4.98
N ALA A 152 17.57 -8.08 5.07
CA ALA A 152 17.07 -9.43 5.22
C ALA A 152 18.24 -10.31 5.65
N GLY A 153 18.11 -11.63 5.48
CA GLY A 153 19.19 -12.55 5.80
C GLY A 153 20.14 -12.91 4.66
N ASP A 154 21.17 -13.63 5.07
CA ASP A 154 22.20 -14.16 4.19
C ASP A 154 22.96 -15.10 5.17
N ILE A 155 24.18 -15.57 4.82
CA ILE A 155 24.95 -16.46 5.71
C ILE A 155 24.91 -15.90 7.13
N GLY A 156 24.44 -16.67 8.10
CA GLY A 156 24.49 -16.23 9.51
C GLY A 156 23.33 -15.39 10.04
N VAL A 157 22.40 -15.03 9.16
CA VAL A 157 21.26 -14.21 9.54
C VAL A 157 20.02 -14.94 9.08
N THR A 158 19.43 -15.67 10.03
CA THR A 158 18.22 -16.47 9.83
C THR A 158 17.05 -15.65 10.34
N GLY A 159 15.86 -16.22 10.28
CA GLY A 159 14.65 -15.51 10.66
C GLY A 159 14.60 -15.12 12.10
N ARG A 160 15.46 -15.77 12.89
CA ARG A 160 15.57 -15.57 14.33
C ARG A 160 16.32 -14.30 14.65
N GLU A 161 17.49 -14.17 14.04
CA GLU A 161 18.25 -12.95 14.06
C GLU A 161 17.38 -11.78 13.56
N ILE A 162 16.67 -11.99 12.44
CA ILE A 162 15.71 -10.99 11.88
C ILE A 162 14.66 -10.51 12.91
N GLY A 163 14.10 -11.47 13.63
CA GLY A 163 13.23 -11.20 14.76
C GLY A 163 13.85 -10.23 15.75
N TYR A 164 15.05 -10.54 16.26
CA TYR A 164 15.70 -9.65 17.24
C TYR A 164 15.98 -8.26 16.66
N LEU A 165 16.32 -8.21 15.37
CA LEU A 165 16.64 -6.96 14.67
C LEU A 165 15.39 -6.12 14.50
N PHE A 166 14.29 -6.79 14.21
CA PHE A 166 13.03 -6.10 14.00
C PHE A 166 12.55 -5.47 15.29
N GLY A 167 12.66 -6.21 16.38
CA GLY A 167 12.09 -5.80 17.64
C GLY A 167 12.74 -4.54 18.09
N GLN A 168 14.07 -4.50 17.90
CA GLN A 168 14.87 -3.35 18.26
C GLN A 168 14.66 -2.18 17.33
N TYR A 169 14.44 -2.44 16.03
CA TYR A 169 14.09 -1.37 15.08
C TYR A 169 12.82 -0.68 15.53
N ARG A 170 11.88 -1.50 15.98
CA ARG A 170 10.57 -1.05 16.40
C ARG A 170 10.65 -0.23 17.67
N LYS A 171 11.46 -0.69 18.61
CA LYS A 171 11.71 0.06 19.83
C LYS A 171 12.22 1.44 19.44
N LEU A 172 13.35 1.47 18.75
CA LEU A 172 14.02 2.72 18.40
C LEU A 172 13.09 3.68 17.64
N ARG A 173 12.65 3.31 16.43
CA ARG A 173 11.93 4.25 15.54
C ARG A 173 10.43 4.47 15.79
N ASN A 174 9.85 3.71 16.71
CA ASN A 174 8.42 3.75 17.07
C ASN A 174 7.53 3.59 15.86
N SER A 175 7.85 2.56 15.09
CA SER A 175 7.28 2.40 13.78
C SER A 175 7.23 0.91 13.47
N TRP A 176 6.10 0.50 12.93
CA TRP A 176 5.92 -0.86 12.50
C TRP A 176 5.84 -0.84 10.97
N GLU A 177 6.89 -1.28 10.28
CA GLU A 177 6.87 -1.20 8.82
C GLU A 177 7.75 -2.22 8.17
N GLY A 178 7.52 -2.38 6.86
CA GLY A 178 8.27 -3.33 6.04
C GLY A 178 9.70 -2.94 5.81
N VAL A 179 10.45 -2.94 6.91
CA VAL A 179 11.83 -2.47 6.95
C VAL A 179 12.81 -3.63 6.84
N LEU A 180 12.29 -4.84 6.88
CA LEU A 180 13.09 -6.04 6.84
C LEU A 180 12.27 -7.16 6.22
N THR A 181 12.95 -8.10 5.59
CA THR A 181 12.30 -9.28 5.02
C THR A 181 12.97 -10.55 5.57
N GLY A 182 12.35 -11.69 5.33
CA GLY A 182 12.72 -12.92 6.03
C GLY A 182 12.06 -12.96 7.40
N LYS A 183 11.00 -12.15 7.57
CA LYS A 183 10.26 -12.06 8.81
C LYS A 183 9.29 -13.19 8.99
N GLY A 184 9.04 -13.52 10.26
CA GLY A 184 8.14 -14.59 10.66
C GLY A 184 6.66 -14.23 10.56
N GLY A 185 5.87 -15.26 10.27
CA GLY A 185 4.47 -15.10 9.86
C GLY A 185 3.55 -14.22 10.67
N SER A 186 3.57 -14.29 12.00
CA SER A 186 2.61 -13.49 12.77
C SER A 186 2.84 -12.00 12.55
N TRP A 187 4.09 -11.59 12.27
CA TRP A 187 4.49 -10.16 12.25
C TRP A 187 5.05 -9.75 10.87
N GLY A 188 4.16 -9.66 9.88
CA GLY A 188 4.49 -9.15 8.54
C GLY A 188 5.30 -10.04 7.61
N GLY A 189 5.41 -11.33 7.94
CA GLY A 189 6.13 -12.31 7.12
C GLY A 189 5.30 -12.68 5.91
N SER A 190 5.97 -13.23 4.89
CA SER A 190 5.25 -13.78 3.72
C SER A 190 5.46 -15.25 3.69
N LEU A 191 4.38 -15.92 3.35
CA LEU A 191 4.40 -17.36 3.03
C LEU A 191 5.26 -17.60 1.77
N ILE A 192 6.05 -18.68 1.81
CA ILE A 192 7.00 -19.08 0.74
C ILE A 192 8.43 -18.48 0.92
N ARG A 193 8.59 -17.43 1.74
CA ARG A 193 9.92 -16.79 1.87
C ARG A 193 11.04 -17.72 2.36
N PRO A 194 10.79 -18.56 3.37
CA PRO A 194 11.88 -19.48 3.76
C PRO A 194 12.35 -20.36 2.57
N GLU A 195 11.35 -20.81 1.80
CA GLU A 195 11.49 -21.74 0.69
C GLU A 195 11.95 -21.06 -0.59
N ALA A 196 11.70 -19.76 -0.71
CA ALA A 196 11.76 -19.06 -2.00
C ALA A 196 13.09 -19.11 -2.78
N THR A 197 14.22 -19.10 -2.09
CA THR A 197 15.51 -19.02 -2.78
C THR A 197 15.84 -20.35 -3.47
N GLY A 198 15.87 -21.43 -2.69
CA GLY A 198 16.10 -22.80 -3.20
C GLY A 198 15.05 -23.32 -4.20
N TYR A 199 13.80 -22.99 -3.94
CA TYR A 199 12.73 -23.15 -4.91
C TYR A 199 13.04 -22.42 -6.22
N GLY A 200 13.37 -21.14 -6.12
CA GLY A 200 13.74 -20.32 -7.27
C GLY A 200 14.82 -20.93 -8.13
N VAL A 201 15.88 -21.44 -7.49
CA VAL A 201 17.02 -21.99 -8.24
C VAL A 201 16.54 -23.12 -9.11
N VAL A 202 15.87 -24.07 -8.46
CA VAL A 202 15.29 -25.24 -9.15
C VAL A 202 14.35 -24.83 -10.29
N TYR A 203 13.30 -24.06 -9.96
CA TYR A 203 12.41 -23.51 -10.98
C TYR A 203 13.20 -22.97 -12.16
N TYR A 204 14.30 -22.26 -11.92
CA TYR A 204 15.15 -21.73 -13.01
C TYR A 204 15.86 -22.85 -13.78
N VAL A 205 16.37 -23.87 -13.11
CA VAL A 205 17.05 -24.96 -13.83
C VAL A 205 16.03 -25.77 -14.62
N GLU A 206 14.80 -25.92 -14.12
CA GLU A 206 13.74 -26.58 -14.89
C GLU A 206 13.67 -25.98 -16.28
N HIS A 207 13.72 -24.65 -16.36
CA HIS A 207 13.65 -23.97 -17.63
C HIS A 207 14.90 -24.15 -18.47
N MET A 208 16.05 -24.21 -17.83
CA MET A 208 17.34 -24.48 -18.53
C MET A 208 17.31 -25.86 -19.15
N ILE A 209 16.90 -26.84 -18.37
CA ILE A 209 16.80 -28.21 -18.83
C ILE A 209 15.79 -28.29 -19.99
N ALA A 210 14.57 -27.84 -19.76
CA ALA A 210 13.51 -27.84 -20.78
C ALA A 210 14.05 -27.34 -22.13
N HIS A 211 14.50 -26.09 -22.19
CA HIS A 211 15.03 -25.49 -23.43
C HIS A 211 16.25 -26.24 -23.99
N ALA A 212 17.15 -26.69 -23.12
CA ALA A 212 18.41 -27.34 -23.57
C ALA A 212 18.18 -28.62 -24.33
N THR A 213 17.11 -29.33 -23.96
CA THR A 213 16.77 -30.68 -24.43
C THR A 213 15.41 -30.76 -25.14
N ASN A 214 14.87 -29.61 -25.49
CA ASN A 214 13.54 -29.52 -26.09
C ASN A 214 12.36 -30.15 -25.33
N GLY A 215 12.39 -30.07 -24.01
CA GLY A 215 11.32 -30.61 -23.16
C GLY A 215 11.37 -32.12 -22.91
N ALA A 216 12.47 -32.77 -23.35
CA ALA A 216 12.71 -34.22 -23.22
C ALA A 216 12.96 -34.65 -21.77
N GLU A 217 13.82 -33.90 -21.10
CA GLU A 217 14.24 -34.17 -19.74
C GLU A 217 13.65 -33.14 -18.76
N SER A 218 13.62 -33.54 -17.49
CA SER A 218 13.27 -32.69 -16.34
C SER A 218 14.21 -33.08 -15.20
N PHE A 219 13.97 -32.58 -13.99
CA PHE A 219 14.71 -33.07 -12.79
C PHE A 219 14.37 -34.54 -12.43
N ALA A 220 13.28 -35.05 -13.02
CA ALA A 220 12.85 -36.45 -12.93
C ALA A 220 13.98 -37.48 -13.07
N GLY A 221 14.41 -38.00 -11.92
CA GLY A 221 15.45 -39.04 -11.87
C GLY A 221 16.85 -38.55 -12.14
N LYS A 222 17.04 -37.24 -12.08
CA LYS A 222 18.36 -36.65 -12.18
C LYS A 222 19.08 -36.70 -10.82
N ARG A 223 20.39 -36.85 -10.93
CA ARG A 223 21.30 -36.79 -9.82
C ARG A 223 21.82 -35.36 -9.66
N VAL A 224 21.65 -34.82 -8.46
CA VAL A 224 21.84 -33.40 -8.21
C VAL A 224 22.78 -33.17 -7.03
N ALA A 225 24.05 -32.88 -7.30
CA ALA A 225 24.98 -32.49 -6.22
C ALA A 225 24.64 -31.09 -5.73
N ILE A 226 24.55 -30.93 -4.42
CA ILE A 226 24.34 -29.62 -3.78
C ILE A 226 25.47 -29.39 -2.76
N SER A 227 25.88 -28.14 -2.58
CA SER A 227 26.83 -27.81 -1.53
C SER A 227 26.13 -26.89 -0.55
N GLY A 228 26.67 -26.84 0.69
CA GLY A 228 26.07 -26.11 1.79
C GLY A 228 24.84 -26.82 2.32
N SER A 229 24.38 -26.44 3.50
CA SER A 229 23.22 -27.07 4.10
C SER A 229 22.34 -26.06 4.82
N GLY A 230 22.33 -24.85 4.26
CA GLY A 230 21.64 -23.70 4.86
C GLY A 230 20.28 -23.50 4.22
N ASN A 231 19.64 -22.37 4.48
CA ASN A 231 18.30 -22.08 3.95
C ASN A 231 18.14 -22.22 2.41
N VAL A 232 19.20 -21.89 1.68
CA VAL A 232 19.15 -22.04 0.24
C VAL A 232 19.15 -23.50 -0.11
N ALA A 233 20.19 -24.19 0.32
CA ALA A 233 20.44 -25.56 -0.07
C ALA A 233 19.37 -26.51 0.50
N GLN A 234 18.81 -26.16 1.67
CA GLN A 234 17.78 -26.96 2.30
C GLN A 234 16.58 -27.06 1.37
N TYR A 235 16.03 -25.92 0.97
CA TYR A 235 14.82 -25.90 0.15
C TYR A 235 15.09 -26.04 -1.35
N ALA A 236 16.35 -25.93 -1.75
CA ALA A 236 16.74 -26.35 -3.09
C ALA A 236 16.55 -27.85 -3.16
N ALA A 237 17.19 -28.54 -2.22
CA ALA A 237 17.12 -30.00 -2.10
C ALA A 237 15.71 -30.58 -1.99
N LEU A 238 14.85 -29.92 -1.23
CA LEU A 238 13.46 -30.34 -1.07
C LEU A 238 12.65 -30.22 -2.37
N LYS A 239 12.92 -29.21 -3.19
CA LYS A 239 12.23 -29.05 -4.47
C LYS A 239 12.73 -30.04 -5.50
N VAL A 240 14.04 -30.29 -5.56
CA VAL A 240 14.59 -31.31 -6.45
C VAL A 240 13.84 -32.63 -6.24
N ILE A 241 13.77 -33.05 -4.97
CA ILE A 241 13.00 -34.27 -4.59
C ILE A 241 11.54 -34.17 -5.07
N GLU A 242 10.87 -33.08 -4.77
CA GLU A 242 9.47 -32.90 -5.13
C GLU A 242 9.25 -33.10 -6.64
N LEU A 243 10.22 -32.70 -7.47
CA LEU A 243 10.14 -32.94 -8.93
C LEU A 243 10.79 -34.26 -9.36
N GLY A 244 10.92 -35.20 -8.42
CA GLY A 244 11.49 -36.51 -8.69
C GLY A 244 12.98 -36.58 -8.86
N GLY A 245 13.71 -35.57 -8.40
CA GLY A 245 15.16 -35.59 -8.50
C GLY A 245 15.74 -36.23 -7.26
N ARG A 246 16.98 -36.70 -7.40
CA ARG A 246 17.72 -37.28 -6.30
C ARG A 246 18.82 -36.29 -5.90
N VAL A 247 18.79 -35.85 -4.64
CA VAL A 247 19.82 -34.96 -4.10
C VAL A 247 20.90 -35.90 -3.60
N VAL A 248 22.06 -35.93 -4.26
CA VAL A 248 23.10 -36.89 -3.87
C VAL A 248 24.10 -36.34 -2.88
N SER A 249 24.24 -35.02 -2.78
CA SER A 249 25.24 -34.38 -1.86
C SER A 249 24.71 -33.14 -1.12
N LEU A 250 25.26 -32.90 0.09
CA LEU A 250 25.08 -31.65 0.86
C LEU A 250 26.39 -31.40 1.60
N SER A 251 26.70 -30.17 2.01
CA SER A 251 27.96 -29.88 2.75
C SER A 251 27.76 -28.79 3.77
N ASP A 252 28.80 -28.56 4.58
CA ASP A 252 28.83 -27.44 5.51
C ASP A 252 30.24 -26.82 5.52
N SER A 253 30.69 -26.23 6.64
CA SER A 253 32.06 -25.67 6.74
C SER A 253 33.12 -26.77 6.87
N GLN A 254 32.73 -27.90 7.46
CA GLN A 254 33.64 -29.01 7.79
C GLN A 254 33.83 -30.03 6.70
N GLY A 255 32.78 -30.32 5.98
CA GLY A 255 32.87 -31.33 4.94
C GLY A 255 31.62 -31.56 4.13
N SER A 256 31.77 -32.38 3.11
CA SER A 256 30.64 -32.85 2.34
C SER A 256 30.17 -34.22 2.83
N LEU A 257 28.88 -34.45 2.65
CA LEU A 257 28.17 -35.67 3.03
C LEU A 257 27.39 -36.21 1.79
N ILE A 258 27.83 -37.33 1.20
CA ILE A 258 27.30 -37.84 -0.07
C ILE A 258 26.74 -39.24 0.11
N VAL A 259 25.64 -39.55 -0.57
CA VAL A 259 25.11 -40.93 -0.59
C VAL A 259 26.14 -41.91 -1.23
N LYS A 260 26.35 -43.08 -0.62
CA LYS A 260 27.31 -44.08 -1.13
C LYS A 260 26.98 -44.59 -2.56
N ASP A 261 25.68 -44.66 -2.87
CA ASP A 261 25.19 -45.00 -4.21
C ASP A 261 24.55 -43.74 -4.83
N THR A 262 25.37 -42.96 -5.54
CA THR A 262 24.87 -41.75 -6.23
C THR A 262 24.01 -42.08 -7.45
N ALA A 263 24.39 -43.16 -8.14
CA ALA A 263 23.64 -43.67 -9.27
C ALA A 263 22.15 -43.78 -8.97
N LYS A 264 21.80 -44.32 -7.79
CA LYS A 264 20.40 -44.65 -7.43
C LYS A 264 19.86 -44.14 -6.09
N ASP A 265 20.72 -43.69 -5.17
CA ASP A 265 20.28 -43.25 -3.83
C ASP A 265 20.19 -41.74 -3.73
N SER A 266 19.51 -41.27 -2.69
CA SER A 266 19.24 -39.85 -2.45
C SER A 266 19.11 -39.47 -0.97
N PHE A 267 19.10 -38.17 -0.69
CA PHE A 267 18.57 -37.63 0.59
C PHE A 267 17.04 -37.65 0.56
N THR A 268 16.45 -37.51 1.74
CA THR A 268 14.99 -37.52 1.93
C THR A 268 14.61 -36.28 2.74
N PRO A 269 13.36 -35.79 2.57
CA PRO A 269 12.83 -34.69 3.39
C PRO A 269 13.07 -34.85 4.88
N ALA A 270 12.93 -36.06 5.38
CA ALA A 270 13.23 -36.36 6.78
C ALA A 270 14.68 -36.00 7.11
N GLU A 271 15.61 -36.58 6.37
CA GLU A 271 17.04 -36.42 6.64
C GLU A 271 17.48 -34.97 6.57
N ILE A 272 16.85 -34.24 5.66
CA ILE A 272 17.09 -32.81 5.51
C ILE A 272 16.56 -32.10 6.75
N ASP A 273 15.30 -32.33 7.14
CA ASP A 273 14.77 -31.71 8.36
C ASP A 273 15.71 -31.89 9.60
N ALA A 274 16.40 -33.03 9.68
CA ALA A 274 17.36 -33.29 10.76
C ALA A 274 18.60 -32.39 10.65
N ILE A 275 19.07 -32.17 9.43
CA ILE A 275 20.22 -31.28 9.18
C ILE A 275 19.86 -29.80 9.45
N ALA A 276 18.62 -29.42 9.12
CA ALA A 276 18.05 -28.11 9.48
C ALA A 276 18.12 -27.81 10.96
N ALA A 277 17.71 -28.78 11.78
CA ALA A 277 17.70 -28.67 13.25
C ALA A 277 19.07 -28.35 13.83
N LEU A 278 20.10 -29.00 13.29
CA LEU A 278 21.49 -28.71 13.63
C LEU A 278 21.94 -27.27 13.32
N LYS A 279 21.49 -26.74 12.18
CA LYS A 279 21.86 -25.40 11.77
C LYS A 279 20.98 -24.31 12.43
N VAL A 280 19.92 -24.67 13.15
CA VAL A 280 19.30 -23.71 14.07
C VAL A 280 20.21 -23.69 15.30
N ASP A 281 20.64 -24.86 15.78
CA ASP A 281 21.56 -24.92 16.92
C ASP A 281 23.01 -24.64 16.53
N ARG A 282 23.31 -24.49 15.25
CA ARG A 282 24.66 -24.09 14.79
C ARG A 282 25.71 -25.18 14.87
N LYS A 283 25.25 -26.43 14.86
CA LYS A 283 26.13 -27.57 14.91
C LYS A 283 26.48 -27.94 13.48
N GLN A 284 27.51 -28.78 13.35
CA GLN A 284 28.01 -29.25 12.06
C GLN A 284 27.38 -30.62 11.67
N ILE A 285 27.42 -30.91 10.37
CA ILE A 285 26.93 -32.18 9.82
C ILE A 285 27.69 -33.31 10.50
N ALA A 286 29.00 -33.13 10.62
CA ALA A 286 29.89 -34.04 11.34
C ALA A 286 29.23 -34.73 12.54
N GLU A 287 28.38 -34.03 13.32
CA GLU A 287 27.72 -34.61 14.52
C GLU A 287 26.76 -35.80 14.27
N LEU A 288 26.06 -35.86 13.13
CA LEU A 288 25.05 -36.91 12.87
C LEU A 288 25.44 -38.02 11.88
N VAL A 289 26.72 -38.12 11.51
CA VAL A 289 27.22 -39.22 10.65
C VAL A 289 27.37 -40.57 11.35
N THR A 290 27.51 -40.55 12.67
CA THR A 290 27.65 -41.75 13.51
C THR A 290 26.34 -42.52 13.82
N ASP A 291 25.18 -41.87 13.65
CA ASP A 291 23.88 -42.50 13.96
C ASP A 291 23.61 -43.56 12.92
N ALA A 292 22.67 -44.47 13.21
CA ALA A 292 22.48 -45.67 12.35
C ALA A 292 22.01 -45.34 10.93
N ALA A 293 20.93 -44.54 10.87
CA ALA A 293 20.32 -44.03 9.61
C ALA A 293 21.35 -43.48 8.61
N PHE A 294 22.30 -42.69 9.14
CA PHE A 294 23.28 -41.97 8.33
C PHE A 294 24.62 -42.70 8.07
N ALA A 295 25.03 -43.55 9.01
CA ALA A 295 26.33 -44.20 8.92
C ALA A 295 26.36 -45.17 7.78
N ASP A 296 25.29 -45.96 7.65
CA ASP A 296 25.15 -46.98 6.60
C ASP A 296 24.94 -46.39 5.18
N LYS A 297 24.30 -45.23 5.13
CA LYS A 297 23.81 -44.65 3.87
C LYS A 297 24.76 -43.69 3.17
N PHE A 298 25.46 -42.90 4.00
CA PHE A 298 26.30 -41.79 3.53
C PHE A 298 27.80 -42.00 3.91
N THR A 299 28.70 -41.52 3.03
CA THR A 299 30.11 -41.27 3.38
C THR A 299 30.21 -39.78 3.78
N TYR A 300 31.01 -39.47 4.80
CA TYR A 300 31.30 -38.06 5.16
C TYR A 300 32.80 -37.73 4.97
N LEU A 301 33.10 -36.75 4.09
CA LEU A 301 34.46 -36.43 3.70
C LEU A 301 34.92 -35.09 4.30
N PRO A 302 35.71 -35.12 5.38
CA PRO A 302 36.14 -33.85 5.97
C PRO A 302 37.08 -33.03 5.08
N GLY A 303 36.86 -31.72 5.12
CA GLY A 303 37.62 -30.77 4.34
C GLY A 303 37.42 -30.88 2.83
N GLN A 304 36.47 -31.68 2.38
CA GLN A 304 36.33 -31.91 0.98
C GLN A 304 35.00 -31.34 0.53
N ARG A 305 35.01 -30.68 -0.63
CA ARG A 305 33.80 -30.23 -1.28
C ARG A 305 33.15 -31.39 -2.06
N PRO A 306 31.84 -31.27 -2.36
CA PRO A 306 31.14 -32.40 -3.01
C PRO A 306 31.63 -32.79 -4.43
N TRP A 307 32.13 -31.83 -5.19
CA TRP A 307 32.03 -31.90 -6.65
C TRP A 307 32.80 -33.07 -7.22
N VAL A 308 33.98 -33.32 -6.67
CA VAL A 308 34.91 -34.26 -7.28
C VAL A 308 34.71 -35.69 -6.75
N HIS A 309 33.82 -35.86 -5.76
CA HIS A 309 33.53 -37.19 -5.17
C HIS A 309 32.08 -37.67 -5.33
N VAL A 310 31.29 -37.09 -6.24
CA VAL A 310 29.91 -37.57 -6.46
C VAL A 310 29.76 -38.50 -7.65
N GLY A 311 30.88 -38.78 -8.34
CA GLY A 311 30.88 -39.58 -9.56
C GLY A 311 30.09 -38.92 -10.67
N ALA A 312 29.41 -39.72 -11.47
CA ALA A 312 28.44 -39.23 -12.43
C ALA A 312 27.35 -38.38 -11.73
N VAL A 313 26.96 -37.31 -12.42
CA VAL A 313 26.02 -36.37 -11.85
C VAL A 313 25.57 -35.43 -13.00
N ASP A 314 24.33 -34.97 -12.91
CA ASP A 314 23.65 -34.26 -14.00
C ASP A 314 23.52 -32.77 -13.75
N VAL A 315 23.05 -32.40 -12.55
CA VAL A 315 22.87 -30.99 -12.14
C VAL A 315 23.78 -30.65 -10.94
N ALA A 316 24.34 -29.43 -10.90
CA ALA A 316 25.19 -28.98 -9.76
C ALA A 316 24.65 -27.67 -9.23
N LEU A 317 24.45 -27.59 -7.93
CA LEU A 317 23.88 -26.38 -7.33
C LEU A 317 24.73 -25.87 -6.15
N PRO A 318 25.80 -25.12 -6.46
CA PRO A 318 26.59 -24.59 -5.35
C PRO A 318 25.73 -23.63 -4.54
N SER A 319 25.52 -23.96 -3.27
CA SER A 319 24.66 -23.17 -2.42
C SER A 319 25.31 -22.82 -1.06
N ALA A 320 26.62 -22.79 -0.99
CA ALA A 320 27.28 -22.59 0.30
C ALA A 320 27.65 -21.13 0.38
N THR A 321 28.58 -20.71 -0.46
CA THR A 321 29.27 -19.41 -0.33
C THR A 321 29.93 -19.10 -1.65
N GLN A 322 30.46 -17.89 -1.77
CA GLN A 322 31.23 -17.50 -2.96
C GLN A 322 32.49 -18.34 -3.11
N ASN A 323 32.88 -18.55 -4.36
CA ASN A 323 34.18 -19.13 -4.74
C ASN A 323 34.44 -20.54 -4.21
N GLU A 324 33.38 -21.37 -4.32
CA GLU A 324 33.36 -22.77 -3.81
C GLU A 324 33.37 -23.85 -4.89
N VAL A 325 33.47 -23.43 -6.16
CA VAL A 325 33.66 -24.31 -7.31
C VAL A 325 34.86 -23.76 -8.07
N SER A 326 35.98 -24.47 -7.95
CA SER A 326 37.23 -24.12 -8.62
C SER A 326 37.25 -24.69 -10.02
N GLY A 327 38.23 -24.27 -10.82
CA GLY A 327 38.39 -24.80 -12.18
C GLY A 327 38.83 -26.25 -12.23
N GLU A 328 39.65 -26.66 -11.26
CA GLU A 328 39.90 -28.06 -10.99
C GLU A 328 38.57 -28.83 -10.91
N GLU A 329 37.66 -28.26 -10.10
CA GLU A 329 36.37 -28.84 -9.75
C GLU A 329 35.30 -28.69 -10.82
N ALA A 330 35.38 -27.64 -11.64
CA ALA A 330 34.45 -27.49 -12.81
C ALA A 330 34.71 -28.53 -13.92
N GLN A 331 35.99 -28.75 -14.24
CA GLN A 331 36.42 -29.75 -15.25
C GLN A 331 35.96 -31.13 -14.85
N ALA A 332 36.12 -31.44 -13.56
CA ALA A 332 35.64 -32.69 -12.95
C ALA A 332 34.14 -32.89 -13.15
N LEU A 333 33.36 -31.83 -12.97
CA LEU A 333 31.92 -31.91 -13.24
C LEU A 333 31.58 -32.19 -14.72
N ILE A 334 32.30 -31.55 -15.64
CA ILE A 334 32.06 -31.74 -17.08
C ILE A 334 32.32 -33.20 -17.47
N ALA A 335 33.49 -33.68 -17.04
CA ALA A 335 33.93 -35.08 -17.17
C ALA A 335 32.97 -36.12 -16.56
N ALA A 336 32.30 -35.75 -15.48
CA ALA A 336 31.23 -36.56 -14.90
C ALA A 336 29.87 -36.32 -15.58
N GLY A 337 29.88 -35.75 -16.79
CA GLY A 337 28.67 -35.56 -17.57
C GLY A 337 27.66 -34.60 -16.97
N CYS A 338 28.13 -33.66 -16.16
CA CYS A 338 27.24 -32.59 -15.65
C CYS A 338 26.89 -31.68 -16.83
N LYS A 339 25.62 -31.36 -16.97
CA LYS A 339 25.19 -30.56 -18.09
C LYS A 339 24.33 -29.36 -17.69
N PHE A 340 24.15 -29.14 -16.39
CA PHE A 340 23.49 -27.95 -15.87
C PHE A 340 24.19 -27.57 -14.56
N ILE A 341 24.63 -26.30 -14.48
CA ILE A 341 25.07 -25.71 -13.21
C ILE A 341 24.56 -24.27 -13.00
N ALA A 342 23.73 -24.10 -11.96
CA ALA A 342 23.18 -22.80 -11.54
C ALA A 342 23.63 -22.49 -10.11
N GLU A 343 24.01 -21.23 -9.88
CA GLU A 343 24.48 -20.74 -8.57
C GLU A 343 23.32 -20.40 -7.61
N GLY A 344 23.19 -21.23 -6.57
CA GLY A 344 22.39 -20.90 -5.41
C GLY A 344 23.05 -19.83 -4.57
N SER A 345 24.38 -19.87 -4.53
CA SER A 345 25.19 -18.94 -3.75
C SER A 345 25.75 -17.82 -4.64
N ASN A 346 25.82 -16.62 -4.07
CA ASN A 346 26.22 -15.42 -4.81
C ASN A 346 27.68 -15.60 -5.12
N MET A 347 27.99 -15.52 -6.41
CA MET A 347 29.34 -15.73 -6.96
C MET A 347 29.95 -17.10 -6.62
N GLY A 348 29.10 -18.12 -6.52
CA GLY A 348 29.52 -19.47 -6.16
C GLY A 348 30.71 -20.01 -6.95
N CYS A 349 30.77 -19.66 -8.22
CA CYS A 349 31.81 -20.16 -9.09
C CYS A 349 32.90 -19.13 -9.19
N THR A 350 34.12 -19.65 -9.07
CA THR A 350 35.36 -18.95 -9.41
C THR A 350 35.37 -18.63 -10.89
N GLN A 351 36.02 -17.53 -11.27
CA GLN A 351 36.16 -17.15 -12.66
C GLN A 351 36.65 -18.34 -13.49
N ALA A 352 37.73 -18.95 -13.03
CA ALA A 352 38.39 -20.07 -13.71
C ALA A 352 37.40 -21.21 -14.07
N ALA A 353 36.53 -21.53 -13.10
CA ALA A 353 35.43 -22.44 -13.30
C ALA A 353 34.50 -21.92 -14.41
N ILE A 354 34.03 -20.69 -14.28
CA ILE A 354 33.12 -20.09 -15.26
C ILE A 354 33.76 -20.11 -16.65
N ASP A 355 35.06 -19.80 -16.73
CA ASP A 355 35.80 -19.83 -18.01
C ASP A 355 35.78 -21.24 -18.68
N ALA A 356 35.87 -22.31 -17.88
CA ALA A 356 35.69 -23.68 -18.40
C ALA A 356 34.26 -23.93 -18.92
N PHE A 357 33.25 -23.42 -18.17
CA PHE A 357 31.82 -23.62 -18.49
C PHE A 357 31.31 -22.96 -19.74
N GLU A 358 31.79 -21.74 -19.99
CA GLU A 358 31.33 -20.99 -21.13
C GLU A 358 32.16 -21.40 -22.33
N ALA A 359 33.44 -21.74 -22.13
CA ALA A 359 34.28 -22.37 -23.17
C ALA A 359 33.68 -23.67 -23.70
N HIS A 360 33.24 -24.53 -22.77
CA HIS A 360 32.54 -25.77 -23.08
C HIS A 360 31.26 -25.53 -23.91
N ARG A 361 30.44 -24.56 -23.47
CA ARG A 361 29.17 -24.23 -24.14
C ARG A 361 29.40 -23.72 -25.56
N GLU A 362 30.48 -22.95 -25.70
CA GLU A 362 30.94 -22.49 -27.00
C GLU A 362 31.53 -23.61 -27.88
N ALA A 363 32.13 -24.62 -27.26
CA ALA A 363 32.68 -25.80 -27.96
C ALA A 363 31.71 -26.95 -28.32
N ASN A 364 30.62 -27.13 -27.55
CA ASN A 364 29.70 -28.27 -27.71
C ASN A 364 28.26 -27.81 -27.95
N LYS A 365 27.57 -28.48 -28.87
CA LYS A 365 26.26 -28.02 -29.37
C LYS A 365 25.07 -28.52 -28.56
N GLY A 366 24.06 -27.65 -28.40
CA GLY A 366 22.78 -27.96 -27.73
C GLY A 366 22.92 -28.63 -26.37
N ALA A 367 22.25 -29.76 -26.18
CA ALA A 367 22.27 -30.51 -24.92
C ALA A 367 23.61 -31.14 -24.54
N ALA A 368 24.59 -31.18 -25.45
CA ALA A 368 25.94 -31.71 -25.13
C ALA A 368 26.78 -30.71 -24.29
N ALA A 369 26.23 -29.51 -24.13
CA ALA A 369 26.88 -28.40 -23.44
C ALA A 369 26.55 -28.40 -21.95
N ILE A 370 27.54 -28.01 -21.14
CA ILE A 370 27.29 -27.67 -19.75
C ILE A 370 26.88 -26.19 -19.73
N TRP A 371 25.75 -25.91 -19.07
CA TRP A 371 25.14 -24.59 -19.11
C TRP A 371 25.17 -23.91 -17.75
N TYR A 372 25.99 -22.86 -17.64
CA TYR A 372 26.13 -22.08 -16.40
C TYR A 372 25.09 -20.98 -16.35
N ALA A 373 24.43 -20.85 -15.20
CA ALA A 373 23.59 -19.70 -14.90
C ALA A 373 24.15 -18.99 -13.63
N PRO A 374 24.35 -17.66 -13.70
CA PRO A 374 24.89 -16.92 -12.57
C PRO A 374 23.87 -16.79 -11.46
N GLY A 375 24.38 -16.49 -10.25
CA GLY A 375 23.57 -16.40 -9.05
C GLY A 375 22.51 -15.34 -9.15
N LYS A 376 22.86 -14.22 -9.81
CA LYS A 376 21.91 -13.13 -9.97
C LYS A 376 20.67 -13.52 -10.80
N ALA A 377 20.82 -14.53 -11.65
CA ALA A 377 19.67 -15.11 -12.34
C ALA A 377 18.92 -16.18 -11.54
N ALA A 378 19.61 -17.11 -10.91
CA ALA A 378 18.99 -18.28 -10.20
C ALA A 378 18.57 -18.09 -8.70
N ASN A 379 19.38 -17.41 -7.89
CA ASN A 379 18.97 -17.15 -6.49
C ASN A 379 18.19 -15.83 -6.27
N ALA A 380 17.63 -15.33 -7.37
CA ALA A 380 16.73 -14.19 -7.35
C ALA A 380 15.37 -14.50 -6.77
N GLY A 381 14.99 -15.78 -6.71
CA GLY A 381 13.69 -16.12 -6.12
C GLY A 381 13.48 -15.45 -4.78
N GLY A 382 14.50 -15.55 -3.93
CA GLY A 382 14.44 -15.07 -2.57
C GLY A 382 14.13 -13.60 -2.48
N VAL A 383 14.96 -12.80 -3.13
CA VAL A 383 14.75 -11.36 -3.09
C VAL A 383 13.39 -10.99 -3.71
N ALA A 384 12.99 -11.72 -4.77
CA ALA A 384 11.73 -11.44 -5.46
C ALA A 384 10.53 -11.61 -4.56
N VAL A 385 10.55 -12.62 -3.70
CA VAL A 385 9.50 -12.80 -2.71
C VAL A 385 9.63 -11.74 -1.62
N SER A 386 10.85 -11.41 -1.21
CA SER A 386 11.05 -10.29 -0.29
C SER A 386 10.27 -9.05 -0.79
N GLY A 387 10.34 -8.77 -2.09
CA GLY A 387 9.52 -7.71 -2.67
C GLY A 387 8.04 -7.93 -2.43
N LEU A 388 7.60 -9.15 -2.71
CA LEU A 388 6.23 -9.53 -2.39
C LEU A 388 5.88 -9.34 -0.89
N GLU A 389 6.85 -9.66 -0.01
CA GLU A 389 6.74 -9.37 1.43
C GLU A 389 6.55 -7.87 1.65
N MET A 390 7.39 -7.06 1.01
CA MET A 390 7.24 -5.61 1.12
C MET A 390 5.84 -5.17 0.64
N ALA A 391 5.42 -5.69 -0.51
CA ALA A 391 4.12 -5.33 -1.06
C ALA A 391 2.96 -5.74 -0.15
N GLN A 392 3.05 -6.97 0.36
CA GLN A 392 2.11 -7.46 1.38
C GLN A 392 2.01 -6.46 2.54
N ASN A 393 3.16 -6.08 3.11
CA ASN A 393 3.18 -5.11 4.22
C ASN A 393 2.57 -3.80 3.74
N SER A 394 2.97 -3.38 2.54
CA SER A 394 2.51 -2.12 1.94
C SER A 394 0.99 -2.05 1.80
N ALA A 395 0.41 -3.15 1.32
CA ALA A 395 -1.04 -3.26 1.10
C ALA A 395 -1.79 -3.62 2.37
N ARG A 396 -1.02 -4.07 3.37
CA ARG A 396 -1.44 -4.30 4.76
C ARG A 396 -2.26 -5.57 4.92
N LEU A 397 -1.85 -6.59 4.18
CA LEU A 397 -2.54 -7.88 4.11
C LEU A 397 -1.51 -9.00 3.87
N SER A 398 -1.99 -10.23 4.05
CA SER A 398 -1.16 -11.40 3.95
C SER A 398 -1.73 -12.32 2.88
N TRP A 399 -0.92 -12.61 1.88
CA TRP A 399 -1.33 -13.45 0.75
C TRP A 399 -1.12 -14.93 1.05
N THR A 400 -1.75 -15.77 0.23
CA THR A 400 -1.71 -17.24 0.42
C THR A 400 -0.48 -17.83 -0.22
N ALA A 401 -0.10 -19.04 0.20
CA ALA A 401 1.13 -19.66 -0.32
C ALA A 401 1.15 -19.81 -1.85
N GLU A 402 -0.01 -20.19 -2.42
CA GLU A 402 -0.16 -20.41 -3.87
C GLU A 402 -0.01 -19.09 -4.61
N GLU A 403 -0.84 -18.12 -4.26
CA GLU A 403 -0.70 -16.75 -4.76
C GLU A 403 0.75 -16.33 -4.92
N VAL A 404 1.58 -16.60 -3.90
CA VAL A 404 3.04 -16.25 -3.90
C VAL A 404 3.89 -17.17 -4.79
N ASP A 405 3.67 -18.48 -4.71
CA ASP A 405 4.47 -19.42 -5.47
C ASP A 405 4.17 -19.25 -6.97
N ALA A 406 2.93 -18.86 -7.28
CA ALA A 406 2.50 -18.51 -8.64
C ALA A 406 3.37 -17.38 -9.14
N ARG A 407 3.42 -16.30 -8.37
CA ARG A 407 4.23 -15.11 -8.69
C ARG A 407 5.72 -15.43 -8.73
N LEU A 408 6.18 -16.31 -7.86
CA LEU A 408 7.57 -16.76 -7.90
C LEU A 408 7.86 -17.49 -9.21
N LYS A 409 6.98 -18.42 -9.62
CA LYS A 409 7.11 -19.13 -10.92
C LYS A 409 7.20 -18.15 -12.11
N ASP A 410 6.21 -17.27 -12.23
CA ASP A 410 6.25 -16.17 -13.22
C ASP A 410 7.61 -15.52 -13.27
N ILE A 411 8.13 -15.16 -12.10
CA ILE A 411 9.31 -14.29 -11.98
C ILE A 411 10.63 -15.00 -12.29
N MET A 412 10.74 -16.26 -11.91
CA MET A 412 11.90 -17.07 -12.27
C MET A 412 11.92 -17.35 -13.77
N LYS A 413 10.76 -17.63 -14.35
CA LYS A 413 10.61 -17.84 -15.81
C LYS A 413 10.90 -16.56 -16.61
N SER A 414 10.27 -15.45 -16.25
CA SER A 414 10.54 -14.16 -16.88
C SER A 414 12.02 -13.84 -16.90
N CYS A 415 12.71 -14.21 -15.83
CA CYS A 415 14.16 -13.99 -15.66
C CYS A 415 15.03 -14.91 -16.53
N PHE A 416 14.60 -16.14 -16.73
CA PHE A 416 15.30 -17.00 -17.67
C PHE A 416 15.12 -16.45 -19.07
N GLN A 417 13.89 -16.06 -19.40
CA GLN A 417 13.54 -15.56 -20.75
C GLN A 417 14.21 -14.23 -21.08
N ASN A 418 14.43 -13.40 -20.07
CA ASN A 418 15.15 -12.14 -20.26
C ASN A 418 16.65 -12.42 -20.51
N GLY A 419 17.25 -13.31 -19.74
CA GLY A 419 18.66 -13.66 -19.92
C GLY A 419 18.90 -14.24 -21.30
N LEU A 420 17.97 -15.07 -21.74
CA LEU A 420 18.09 -15.85 -22.97
C LEU A 420 17.92 -14.96 -24.16
N ASP A 421 16.84 -14.20 -24.17
CA ASP A 421 16.53 -13.27 -25.25
C ASP A 421 17.60 -12.19 -25.39
N THR A 422 18.02 -11.64 -24.27
CA THR A 422 19.01 -10.60 -24.27
C THR A 422 20.38 -11.14 -24.66
N ALA A 423 20.66 -12.42 -24.39
CA ALA A 423 21.90 -13.04 -24.90
C ALA A 423 21.92 -13.22 -26.44
N LYS A 424 20.81 -13.67 -26.98
CA LYS A 424 20.64 -13.81 -28.42
C LYS A 424 20.77 -12.46 -29.11
N GLU A 425 20.15 -11.43 -28.54
CA GLU A 425 20.14 -10.08 -29.12
C GLU A 425 21.52 -9.40 -29.15
N TYR A 426 22.17 -9.30 -27.98
CA TYR A 426 23.44 -8.55 -27.83
C TYR A 426 24.77 -9.33 -28.00
N ALA A 427 24.71 -10.68 -28.03
CA ALA A 427 25.91 -11.50 -28.14
C ALA A 427 25.58 -12.86 -28.71
N THR A 428 24.90 -12.82 -29.88
CA THR A 428 24.28 -14.01 -30.50
C THR A 428 25.25 -15.17 -30.58
N PRO A 429 24.86 -16.35 -30.06
CA PRO A 429 25.80 -17.48 -30.12
C PRO A 429 25.97 -17.99 -31.54
N ALA A 430 27.00 -18.83 -31.75
CA ALA A 430 27.14 -19.51 -33.04
C ALA A 430 25.90 -20.40 -33.34
N ASP A 431 25.86 -21.03 -34.51
CA ASP A 431 24.75 -21.94 -34.82
C ASP A 431 24.78 -23.21 -33.92
N GLY A 432 23.63 -23.49 -33.27
CA GLY A 432 23.42 -24.68 -32.44
C GLY A 432 23.97 -24.57 -31.02
N ILE A 433 24.56 -23.41 -30.70
CA ILE A 433 25.18 -23.12 -29.41
C ILE A 433 24.17 -22.33 -28.55
N LEU A 434 24.24 -22.62 -27.26
CA LEU A 434 23.33 -22.05 -26.29
C LEU A 434 23.72 -20.63 -26.01
N PRO A 435 22.72 -19.75 -25.84
CA PRO A 435 23.04 -18.39 -25.40
C PRO A 435 23.76 -18.40 -24.06
N SER A 436 24.58 -17.38 -23.84
CA SER A 436 25.25 -17.22 -22.56
C SER A 436 24.22 -16.70 -21.59
N LEU A 437 23.96 -17.47 -20.54
CA LEU A 437 23.01 -17.01 -19.52
C LEU A 437 23.65 -15.97 -18.58
N VAL A 438 24.95 -16.08 -18.36
CA VAL A 438 25.66 -15.07 -17.60
C VAL A 438 25.63 -13.70 -18.28
N THR A 439 25.93 -13.68 -19.58
CA THR A 439 26.04 -12.44 -20.35
C THR A 439 24.67 -11.78 -20.48
N GLY A 440 23.68 -12.54 -20.91
CA GLY A 440 22.35 -11.99 -21.07
C GLY A 440 21.68 -11.50 -19.80
N SER A 441 21.94 -12.18 -18.68
CA SER A 441 21.43 -11.78 -17.37
C SER A 441 22.16 -10.51 -16.89
N ASN A 442 23.48 -10.53 -17.00
CA ASN A 442 24.28 -9.36 -16.67
C ASN A 442 23.85 -8.16 -17.54
N ILE A 443 23.66 -8.36 -18.85
CA ILE A 443 23.30 -7.25 -19.73
C ILE A 443 21.88 -6.74 -19.47
N ALA A 444 20.93 -7.66 -19.40
CA ALA A 444 19.54 -7.27 -19.10
C ALA A 444 19.44 -6.49 -17.78
N GLY A 445 20.13 -6.99 -16.73
CA GLY A 445 20.16 -6.29 -15.44
C GLY A 445 20.81 -4.92 -15.54
N PHE A 446 22.02 -4.88 -16.07
CA PHE A 446 22.76 -3.62 -16.25
C PHE A 446 22.05 -2.55 -17.10
N THR A 447 21.43 -2.94 -18.21
CA THR A 447 20.74 -1.98 -19.08
C THR A 447 19.58 -1.30 -18.37
N LYS A 448 18.70 -2.08 -17.73
CA LYS A 448 17.52 -1.51 -17.06
C LYS A 448 17.97 -0.49 -16.04
N VAL A 449 19.05 -0.82 -15.31
CA VAL A 449 19.64 0.06 -14.29
C VAL A 449 20.26 1.32 -14.95
N ALA A 450 21.21 1.11 -15.85
CA ALA A 450 21.87 2.22 -16.56
C ALA A 450 20.91 3.28 -17.13
N ALA A 451 19.82 2.83 -17.77
CA ALA A 451 18.81 3.76 -18.34
C ALA A 451 17.97 4.50 -17.28
N ALA A 452 17.56 3.79 -16.23
CA ALA A 452 16.93 4.44 -15.08
C ALA A 452 17.86 5.48 -14.40
N MET A 453 19.17 5.20 -14.37
CA MET A 453 20.14 6.15 -13.83
C MET A 453 20.25 7.41 -14.72
N LYS A 454 20.26 7.20 -16.03
CA LYS A 454 20.31 8.30 -16.99
C LYS A 454 19.08 9.20 -16.84
N ASP A 455 17.90 8.61 -16.91
CA ASP A 455 16.63 9.33 -16.76
C ASP A 455 16.63 10.20 -15.54
N GLN A 456 17.20 9.70 -14.44
CA GLN A 456 17.16 10.35 -13.12
C GLN A 456 18.27 11.42 -12.88
N GLY A 457 19.31 11.32 -13.71
CA GLY A 457 20.38 12.28 -13.71
C GLY A 457 21.61 11.81 -12.96
N ASP A 458 21.73 10.53 -12.65
CA ASP A 458 22.94 10.05 -11.94
C ASP A 458 24.12 10.10 -12.91
N TRP A 459 23.82 9.98 -14.21
CA TRP A 459 24.81 10.22 -15.26
C TRP A 459 24.17 10.82 -16.54
N TRP A 460 25.02 11.47 -17.35
CA TRP A 460 24.65 12.05 -18.62
C TRP A 460 25.78 11.86 -19.65
N SER B 2 -8.85 45.84 -0.83
CA SER B 2 -7.86 46.57 -1.70
C SER B 2 -6.38 46.27 -1.43
N ASN B 3 -6.05 45.59 -0.34
CA ASN B 3 -4.69 45.02 -0.15
C ASN B 3 -4.37 43.84 -1.11
N LEU B 4 -5.41 43.15 -1.58
CA LEU B 4 -5.19 41.94 -2.36
C LEU B 4 -4.60 42.30 -3.71
N PRO B 5 -3.47 41.65 -4.09
CA PRO B 5 -2.95 41.84 -5.45
C PRO B 5 -3.93 41.34 -6.52
N VAL B 6 -4.08 42.10 -7.62
CA VAL B 6 -4.98 41.68 -8.71
C VAL B 6 -4.35 40.47 -9.43
N GLU B 7 -5.02 39.30 -9.29
CA GLU B 7 -4.58 38.02 -9.88
C GLU B 7 -5.63 37.55 -10.91
N PRO B 8 -5.58 38.10 -12.15
CA PRO B 8 -6.67 37.97 -13.12
C PRO B 8 -7.04 36.54 -13.46
N GLU B 9 -6.01 35.71 -13.67
CA GLU B 9 -6.19 34.28 -13.97
C GLU B 9 -6.97 33.49 -12.89
N PHE B 10 -6.64 33.74 -11.63
CA PHE B 10 -7.34 33.14 -10.51
C PHE B 10 -8.79 33.65 -10.36
N GLU B 11 -8.97 34.96 -10.25
CA GLU B 11 -10.30 35.55 -10.04
C GLU B 11 -11.27 35.15 -11.15
N GLN B 12 -10.78 34.78 -12.34
CA GLN B 12 -11.64 34.22 -13.41
C GLN B 12 -12.16 32.84 -13.08
N ALA B 13 -11.23 31.93 -12.79
CA ALA B 13 -11.56 30.57 -12.41
C ALA B 13 -12.52 30.64 -11.25
N TYR B 14 -12.22 31.50 -10.29
CA TYR B 14 -13.15 31.72 -9.17
C TYR B 14 -14.54 32.30 -9.56
N LYS B 15 -14.62 33.28 -10.46
CA LYS B 15 -15.93 33.88 -10.78
C LYS B 15 -16.83 32.91 -11.55
N GLU B 16 -16.26 32.17 -12.51
CA GLU B 16 -17.05 31.13 -13.22
C GLU B 16 -17.51 30.04 -12.26
N LEU B 17 -16.65 29.65 -11.32
CA LEU B 17 -17.07 28.65 -10.36
C LEU B 17 -18.18 29.23 -9.51
N ALA B 18 -17.96 30.42 -9.00
CA ALA B 18 -18.87 31.01 -8.04
C ALA B 18 -20.23 31.28 -8.64
N SER B 19 -20.25 31.79 -9.87
CA SER B 19 -21.52 32.13 -10.53
C SER B 19 -22.39 30.89 -10.84
N THR B 20 -21.75 29.74 -11.06
CA THR B 20 -22.46 28.51 -11.39
C THR B 20 -23.15 28.00 -10.16
N LEU B 21 -22.46 28.08 -9.03
CA LEU B 21 -23.06 27.73 -7.74
C LEU B 21 -24.23 28.67 -7.42
N GLU B 22 -23.94 29.95 -7.58
CA GLU B 22 -24.95 31.00 -7.48
C GLU B 22 -26.18 30.75 -8.35
N ASN B 23 -25.93 30.42 -9.62
CA ASN B 23 -26.97 30.20 -10.64
C ASN B 23 -27.45 28.74 -10.55
N SER B 24 -27.97 28.40 -9.38
CA SER B 24 -28.41 27.05 -9.02
C SER B 24 -29.32 27.10 -7.78
N THR B 25 -29.76 25.95 -7.32
CA THR B 25 -30.53 25.86 -6.10
C THR B 25 -29.63 25.65 -4.88
N LEU B 26 -28.34 25.32 -5.10
CA LEU B 26 -27.42 24.83 -4.05
C LEU B 26 -27.41 25.68 -2.78
N PHE B 27 -27.21 26.98 -2.95
CA PHE B 27 -27.18 27.90 -1.80
C PHE B 27 -28.54 28.08 -1.11
N GLN B 28 -29.65 27.78 -1.80
CA GLN B 28 -30.98 27.77 -1.16
C GLN B 28 -31.07 26.62 -0.13
N LYS B 29 -30.71 25.39 -0.52
CA LYS B 29 -30.71 24.24 0.43
C LYS B 29 -29.47 24.14 1.35
N ASN B 30 -28.39 24.86 1.00
CA ASN B 30 -27.10 24.85 1.75
C ASN B 30 -26.46 26.25 1.87
N PRO B 31 -27.13 27.23 2.50
CA PRO B 31 -26.56 28.60 2.65
C PRO B 31 -25.24 28.68 3.42
N GLU B 32 -25.02 27.73 4.33
CA GLU B 32 -23.76 27.61 5.08
C GLU B 32 -22.54 27.44 4.12
N TYR B 33 -22.76 26.90 2.91
CA TYR B 33 -21.71 26.72 1.87
C TYR B 33 -21.09 28.00 1.30
N ARG B 34 -21.75 29.14 1.47
CA ARG B 34 -21.11 30.42 1.17
C ARG B 34 -19.83 30.59 1.99
N LYS B 35 -19.89 30.18 3.26
CA LYS B 35 -18.73 30.18 4.18
C LYS B 35 -17.68 29.20 3.68
N ALA B 36 -18.12 28.06 3.16
CA ALA B 36 -17.21 27.08 2.55
C ALA B 36 -16.45 27.65 1.35
N LEU B 37 -17.12 28.44 0.53
CA LEU B 37 -16.46 29.04 -0.63
C LEU B 37 -15.36 30.05 -0.26
N ALA B 38 -15.69 30.88 0.72
CA ALA B 38 -14.74 31.87 1.29
C ALA B 38 -13.42 31.21 1.70
N VAL B 39 -13.56 30.08 2.39
CA VAL B 39 -12.42 29.40 2.98
C VAL B 39 -11.62 28.68 1.91
N VAL B 40 -12.29 27.81 1.15
CA VAL B 40 -11.58 26.95 0.19
C VAL B 40 -10.73 27.75 -0.79
N SER B 41 -11.23 28.92 -1.18
CA SER B 41 -10.58 29.74 -2.20
C SER B 41 -9.36 30.55 -1.73
N VAL B 42 -8.96 30.40 -0.47
CA VAL B 42 -7.68 30.91 0.06
C VAL B 42 -6.76 29.71 0.31
N PRO B 43 -5.62 29.64 -0.41
CA PRO B 43 -4.81 28.41 -0.39
C PRO B 43 -4.21 28.12 0.97
N GLU B 44 -4.30 26.87 1.38
CA GLU B 44 -3.89 26.45 2.73
C GLU B 44 -2.42 26.87 2.92
N ARG B 45 -1.58 26.43 1.99
CA ARG B 45 -0.19 26.82 1.97
C ARG B 45 0.23 27.22 0.56
N VAL B 46 1.11 28.23 0.50
CA VAL B 46 1.88 28.56 -0.72
C VAL B 46 3.40 28.72 -0.39
N ILE B 47 4.24 28.13 -1.26
CA ILE B 47 5.71 28.26 -1.20
C ILE B 47 6.21 28.96 -2.51
N GLN B 48 6.92 30.10 -2.34
CA GLN B 48 7.67 30.80 -3.41
C GLN B 48 9.14 30.66 -3.10
N PHE B 49 10.00 30.55 -4.10
CA PHE B 49 11.44 30.41 -3.83
C PHE B 49 12.36 30.81 -4.99
N ARG B 50 13.60 31.13 -4.63
CA ARG B 50 14.63 31.42 -5.60
C ARG B 50 15.18 30.12 -6.13
N VAL B 51 15.48 30.13 -7.41
CA VAL B 51 16.11 29.01 -8.05
C VAL B 51 17.31 29.58 -8.80
N VAL B 52 18.43 29.56 -8.13
CA VAL B 52 19.72 29.90 -8.72
C VAL B 52 20.18 28.66 -9.48
N TRP B 53 20.59 28.85 -10.72
CA TRP B 53 21.15 27.74 -11.50
C TRP B 53 22.17 28.22 -12.50
N GLU B 54 22.96 27.29 -13.02
CA GLU B 54 24.09 27.58 -13.92
C GLU B 54 23.81 27.14 -15.37
N ASN B 55 24.03 28.02 -16.33
CA ASN B 55 23.86 27.61 -17.72
C ASN B 55 25.12 26.88 -18.22
N ASP B 56 25.15 26.53 -19.51
CA ASP B 56 26.28 25.83 -20.14
C ASP B 56 27.56 26.68 -20.26
N LYS B 57 27.41 28.00 -20.20
CA LYS B 57 28.53 28.92 -20.29
C LYS B 57 29.18 29.18 -18.92
N GLY B 58 28.69 28.53 -17.86
CA GLY B 58 29.21 28.74 -16.52
C GLY B 58 28.58 29.97 -15.88
N GLU B 59 27.54 30.51 -16.48
CA GLU B 59 26.98 31.78 -16.03
C GLU B 59 25.87 31.55 -15.05
N VAL B 60 25.86 32.36 -14.01
CA VAL B 60 24.76 32.35 -13.03
C VAL B 60 23.40 32.79 -13.61
N GLN B 61 22.34 32.07 -13.26
CA GLN B 61 20.98 32.31 -13.77
C GLN B 61 19.98 32.26 -12.63
N VAL B 62 19.06 33.22 -12.62
CA VAL B 62 18.03 33.33 -11.58
C VAL B 62 16.66 33.09 -12.14
N ASN B 63 15.87 32.28 -11.43
CA ASN B 63 14.46 32.05 -11.77
C ASN B 63 13.60 31.92 -10.51
N ARG B 64 12.29 32.06 -10.70
CA ARG B 64 11.34 32.01 -9.60
C ARG B 64 10.57 30.68 -9.49
N GLY B 65 10.77 29.95 -8.40
CA GLY B 65 10.06 28.69 -8.14
C GLY B 65 8.77 28.92 -7.37
N PHE B 66 7.83 27.96 -7.48
CA PHE B 66 6.51 28.03 -6.82
C PHE B 66 5.96 26.65 -6.43
N ARG B 67 5.24 26.55 -5.32
CA ARG B 67 4.32 25.42 -5.06
C ARG B 67 3.07 25.90 -4.30
N VAL B 68 1.93 25.72 -4.94
CA VAL B 68 0.66 26.15 -4.42
C VAL B 68 0.00 24.89 -3.88
N GLN B 69 -0.22 24.84 -2.56
CA GLN B 69 -0.85 23.70 -1.89
C GLN B 69 -2.23 24.17 -1.37
N PHE B 70 -3.25 24.01 -2.22
CA PHE B 70 -4.52 24.78 -2.11
C PHE B 70 -5.56 24.20 -1.15
N ASN B 71 -5.72 22.89 -1.21
CA ASN B 71 -6.68 22.18 -0.38
C ASN B 71 -6.30 20.73 -0.30
N SER B 72 -6.33 20.18 0.91
CA SER B 72 -5.97 18.77 1.12
C SER B 72 -7.06 17.96 1.85
N ALA B 73 -8.28 18.48 1.92
CA ALA B 73 -9.36 17.78 2.61
C ALA B 73 -9.62 16.40 2.02
N LEU B 74 -9.61 16.29 0.69
CA LEU B 74 -9.90 15.00 0.05
C LEU B 74 -8.67 14.13 -0.17
N GLY B 75 -7.49 14.59 0.24
CA GLY B 75 -6.24 13.84 -0.04
C GLY B 75 -5.02 14.71 0.10
N PRO B 76 -3.82 14.12 -0.14
CA PRO B 76 -2.59 14.91 -0.16
C PRO B 76 -2.61 15.81 -1.37
N TYR B 77 -1.95 16.95 -1.33
CA TYR B 77 -1.95 17.86 -2.48
C TYR B 77 -1.47 17.10 -3.75
N LYS B 78 -2.18 17.30 -4.84
CA LYS B 78 -1.84 16.64 -6.08
C LYS B 78 -1.95 17.69 -7.17
N GLY B 79 -0.98 17.70 -8.06
CA GLY B 79 -0.85 18.76 -9.07
C GLY B 79 0.33 18.56 -9.99
N GLY B 80 0.29 19.15 -11.17
CA GLY B 80 1.44 19.23 -12.06
C GLY B 80 2.36 20.43 -11.82
N LEU B 81 3.50 20.42 -12.50
CA LEU B 81 4.51 21.49 -12.46
C LEU B 81 4.63 22.12 -13.86
N ARG B 82 4.48 23.44 -13.95
CA ARG B 82 4.55 24.18 -15.21
C ARG B 82 5.86 25.01 -15.37
N PHE B 83 6.68 24.70 -16.38
CA PHE B 83 7.87 25.47 -16.69
C PHE B 83 7.62 26.30 -18.00
N HIS B 84 7.19 27.54 -17.82
CA HIS B 84 6.82 28.47 -18.92
C HIS B 84 7.10 29.92 -18.49
N PRO B 85 7.54 30.78 -19.44
CA PRO B 85 7.89 32.15 -19.03
C PRO B 85 6.74 33.01 -18.46
N SER B 86 5.48 32.61 -18.74
CA SER B 86 4.29 33.29 -18.21
C SER B 86 4.04 33.11 -16.71
N VAL B 87 4.75 32.18 -16.06
CA VAL B 87 4.49 31.80 -14.67
C VAL B 87 4.64 32.91 -13.63
N ASN B 88 3.53 33.10 -12.93
CA ASN B 88 3.45 33.94 -11.77
C ASN B 88 2.53 33.22 -10.81
N LEU B 89 2.26 33.85 -9.66
CA LEU B 89 1.38 33.27 -8.63
C LEU B 89 -0.08 33.16 -9.09
N SER B 90 -0.62 34.21 -9.73
CA SER B 90 -1.99 34.19 -10.32
C SER B 90 -2.32 32.93 -11.22
N ILE B 91 -1.39 32.61 -12.14
CA ILE B 91 -1.55 31.49 -13.06
C ILE B 91 -1.54 30.14 -12.35
N LEU B 92 -0.62 29.99 -11.41
CA LEU B 92 -0.55 28.77 -10.60
C LEU B 92 -1.71 28.66 -9.65
N LYS B 93 -2.22 29.81 -9.18
CA LYS B 93 -3.38 29.80 -8.28
C LYS B 93 -4.69 29.50 -8.95
N PHE B 94 -4.80 29.71 -10.27
CA PHE B 94 -6.02 29.28 -10.99
C PHE B 94 -5.95 27.78 -11.24
N LEU B 95 -4.78 27.30 -11.66
CA LEU B 95 -4.54 25.88 -11.89
C LEU B 95 -4.63 25.04 -10.62
N GLY B 96 -4.05 25.53 -9.55
CA GLY B 96 -4.13 24.85 -8.28
C GLY B 96 -5.55 24.81 -7.77
N PHE B 97 -6.30 25.89 -7.93
CA PHE B 97 -7.70 25.94 -7.49
C PHE B 97 -8.55 25.03 -8.36
N GLU B 98 -8.45 25.12 -9.68
CA GLU B 98 -9.16 24.17 -10.55
C GLU B 98 -8.91 22.73 -10.11
N GLN B 99 -7.64 22.38 -9.93
CA GLN B 99 -7.22 21.03 -9.57
C GLN B 99 -7.97 20.45 -8.37
N ILE B 100 -8.34 21.29 -7.40
CA ILE B 100 -9.09 20.86 -6.22
C ILE B 100 -10.30 20.05 -6.67
N PHE B 101 -11.12 20.71 -7.47
CA PHE B 101 -12.46 20.24 -7.82
C PHE B 101 -12.40 19.15 -8.86
N LYS B 102 -11.43 19.24 -9.76
CA LYS B 102 -11.16 18.17 -10.72
C LYS B 102 -10.79 16.86 -10.05
N ASN B 103 -9.89 16.93 -9.07
CA ASN B 103 -9.48 15.74 -8.31
C ASN B 103 -10.66 15.12 -7.55
N ALA B 104 -11.55 15.99 -7.03
CA ALA B 104 -12.80 15.57 -6.36
C ALA B 104 -13.75 14.75 -7.25
N LEU B 105 -13.71 14.98 -8.57
CA LEU B 105 -14.55 14.26 -9.55
C LEU B 105 -14.04 12.86 -9.97
N THR B 106 -12.77 12.58 -9.75
CA THR B 106 -12.20 11.27 -10.08
C THR B 106 -12.60 10.15 -9.12
N GLY B 107 -13.10 10.53 -7.94
CA GLY B 107 -13.42 9.55 -6.91
C GLY B 107 -12.23 9.17 -6.05
N LEU B 108 -11.01 9.40 -6.54
CA LEU B 108 -9.81 9.09 -5.76
C LEU B 108 -9.60 10.14 -4.69
N ASN B 109 -8.64 9.91 -3.80
CA ASN B 109 -8.32 10.83 -2.70
C ASN B 109 -7.09 11.66 -3.05
N MET B 110 -7.32 12.91 -3.43
CA MET B 110 -6.28 13.79 -3.94
C MET B 110 -6.64 15.27 -3.66
N GLY B 111 -5.68 16.00 -3.11
CA GLY B 111 -5.82 17.44 -2.86
C GLY B 111 -5.59 18.24 -4.12
N GLY B 112 -5.60 19.55 -3.97
CA GLY B 112 -5.52 20.49 -5.10
C GLY B 112 -4.25 21.30 -4.99
N GLY B 113 -3.30 20.93 -5.82
CA GLY B 113 -2.02 21.63 -5.87
C GLY B 113 -1.63 21.96 -7.29
N LYS B 114 -0.65 22.85 -7.41
CA LYS B 114 0.02 23.09 -8.67
C LYS B 114 1.28 23.89 -8.38
N GLY B 115 2.26 23.82 -9.27
CA GLY B 115 3.44 24.69 -9.16
C GLY B 115 4.21 24.88 -10.46
N GLY B 116 5.46 25.32 -10.33
CA GLY B 116 6.39 25.43 -11.45
C GLY B 116 7.34 26.59 -11.27
N SER B 117 7.68 27.19 -12.40
CA SER B 117 8.62 28.29 -12.43
C SER B 117 8.56 29.06 -13.76
N ASP B 118 8.98 30.32 -13.70
CA ASP B 118 9.08 31.14 -14.89
C ASP B 118 10.27 30.73 -15.81
N PHE B 119 11.16 29.85 -15.36
CA PHE B 119 12.13 29.18 -16.27
C PHE B 119 11.43 28.74 -17.53
N ASP B 120 12.04 29.01 -18.69
CA ASP B 120 11.51 28.67 -19.99
C ASP B 120 12.40 27.59 -20.57
N PRO B 121 11.85 26.37 -20.76
CA PRO B 121 12.69 25.30 -21.38
C PRO B 121 13.14 25.59 -22.84
N LYS B 122 12.41 26.45 -23.55
CA LYS B 122 12.78 26.87 -24.90
C LYS B 122 14.08 27.66 -24.86
N GLY B 123 14.97 27.33 -25.79
CA GLY B 123 16.34 27.82 -25.80
C GLY B 123 17.30 26.84 -25.18
N LYS B 124 16.82 26.09 -24.19
CA LYS B 124 17.69 25.48 -23.22
C LYS B 124 18.21 24.17 -23.72
N SER B 125 19.44 23.82 -23.35
CA SER B 125 19.99 22.50 -23.66
C SER B 125 19.40 21.45 -22.69
N ASP B 126 19.65 20.18 -22.93
CA ASP B 126 19.21 19.15 -22.00
C ASP B 126 20.02 19.31 -20.69
N SER B 127 21.31 19.66 -20.81
CA SER B 127 22.12 20.04 -19.67
C SER B 127 21.47 21.12 -18.84
N GLU B 128 21.09 22.20 -19.46
CA GLU B 128 20.50 23.32 -18.71
C GLU B 128 19.17 22.99 -17.99
N ILE B 129 18.43 22.03 -18.51
CA ILE B 129 17.19 21.60 -17.91
C ILE B 129 17.47 20.69 -16.68
N ARG B 130 18.36 19.71 -16.84
CA ARG B 130 18.86 18.92 -15.72
C ARG B 130 19.30 19.79 -14.57
N ARG B 131 20.07 20.82 -14.89
CA ARG B 131 20.60 21.71 -13.86
C ARG B 131 19.52 22.56 -13.18
N PHE B 132 18.61 23.12 -13.97
CA PHE B 132 17.50 23.86 -13.39
C PHE B 132 16.68 22.90 -12.54
N CYS B 133 16.28 21.78 -13.13
CA CYS B 133 15.55 20.76 -12.38
C CYS B 133 16.23 20.47 -11.01
N VAL B 134 17.54 20.16 -10.99
CA VAL B 134 18.28 19.85 -9.75
C VAL B 134 18.16 20.95 -8.71
N ALA B 135 18.59 22.16 -9.07
CA ALA B 135 18.39 23.32 -8.21
C ALA B 135 16.90 23.58 -7.84
N PHE B 136 15.98 23.23 -8.74
CA PHE B 136 14.54 23.48 -8.50
C PHE B 136 14.04 22.70 -7.31
N MET B 137 14.44 21.43 -7.28
CA MET B 137 13.94 20.46 -6.32
C MET B 137 14.74 20.47 -5.05
N THR B 138 15.92 21.11 -5.05
CA THR B 138 16.65 21.30 -3.80
C THR B 138 15.79 22.10 -2.81
N GLU B 139 15.11 23.14 -3.27
CA GLU B 139 14.17 23.84 -2.39
C GLU B 139 12.85 23.11 -2.23
N LEU B 140 12.21 22.72 -3.34
CA LEU B 140 10.90 22.03 -3.31
C LEU B 140 10.83 20.80 -2.40
N CYS B 141 11.89 20.00 -2.46
CA CYS B 141 12.01 18.75 -1.72
C CYS B 141 11.37 18.76 -0.33
N ARG B 142 11.66 19.73 0.52
CA ARG B 142 11.14 19.69 1.91
C ARG B 142 9.62 19.76 2.02
N HIS B 143 8.97 20.38 1.04
CA HIS B 143 7.57 20.75 1.18
C HIS B 143 6.62 19.68 0.68
N ILE B 144 7.19 18.61 0.12
CA ILE B 144 6.46 17.53 -0.55
C ILE B 144 6.83 16.11 -0.07
N GLY B 145 6.12 15.12 -0.56
CA GLY B 145 6.28 13.72 -0.15
C GLY B 145 5.04 12.91 -0.50
N ALA B 146 5.19 11.59 -0.62
CA ALA B 146 4.15 10.69 -1.17
C ALA B 146 2.78 10.72 -0.46
N ASP B 147 2.78 11.14 0.81
CA ASP B 147 1.57 11.33 1.61
C ASP B 147 1.25 12.83 1.90
N THR B 148 2.09 13.75 1.39
CA THR B 148 1.97 15.18 1.68
C THR B 148 1.53 16.00 0.47
N ASP B 149 2.28 15.87 -0.61
CA ASP B 149 2.06 16.62 -1.84
C ASP B 149 2.79 15.90 -2.97
N VAL B 150 2.08 15.52 -4.04
CA VAL B 150 2.67 14.70 -5.12
C VAL B 150 2.63 15.46 -6.46
N PRO B 151 3.75 16.10 -6.86
CA PRO B 151 3.72 16.84 -8.11
C PRO B 151 3.90 15.97 -9.36
N ALA B 152 3.85 16.61 -10.54
CA ALA B 152 3.92 15.94 -11.86
C ALA B 152 4.20 16.94 -13.01
N GLY B 153 3.83 16.55 -14.23
CA GLY B 153 3.99 17.40 -15.39
C GLY B 153 2.78 18.23 -15.75
N ASP B 154 3.09 19.34 -16.40
CA ASP B 154 2.12 20.21 -17.04
C ASP B 154 2.99 20.76 -18.17
N ILE B 155 2.73 22.00 -18.60
CA ILE B 155 3.39 22.57 -19.77
C ILE B 155 4.87 22.72 -19.51
N GLY B 156 5.72 22.13 -20.37
CA GLY B 156 7.18 22.26 -20.24
C GLY B 156 7.86 21.33 -19.23
N VAL B 157 7.07 20.50 -18.54
CA VAL B 157 7.61 19.45 -17.70
C VAL B 157 6.99 18.18 -18.20
N THR B 158 7.86 17.35 -18.79
CA THR B 158 7.54 16.07 -19.39
C THR B 158 8.15 14.98 -18.50
N GLY B 159 8.20 13.74 -18.97
CA GLY B 159 8.89 12.66 -18.24
C GLY B 159 10.41 12.82 -18.13
N ARG B 160 11.01 13.55 -19.05
CA ARG B 160 12.43 13.85 -19.03
C ARG B 160 12.77 14.62 -17.77
N GLU B 161 11.95 15.65 -17.49
CA GLU B 161 12.17 16.60 -16.39
C GLU B 161 11.79 15.98 -15.07
N ILE B 162 10.71 15.19 -15.11
CA ILE B 162 10.29 14.41 -13.96
C ILE B 162 11.42 13.46 -13.59
N GLY B 163 12.04 12.79 -14.57
CA GLY B 163 13.25 12.00 -14.35
C GLY B 163 14.31 12.69 -13.51
N TYR B 164 14.71 13.89 -13.93
CA TYR B 164 15.77 14.66 -13.23
C TYR B 164 15.35 15.02 -11.83
N LEU B 165 14.12 15.55 -11.73
CA LEU B 165 13.47 15.93 -10.47
C LEU B 165 13.47 14.77 -9.48
N PHE B 166 12.82 13.67 -9.87
CA PHE B 166 12.71 12.50 -9.02
C PHE B 166 14.07 12.14 -8.46
N GLY B 167 15.02 11.86 -9.37
CA GLY B 167 16.39 11.44 -9.01
C GLY B 167 17.11 12.35 -8.02
N GLN B 168 16.84 13.64 -8.10
CA GLN B 168 17.39 14.60 -7.16
C GLN B 168 16.69 14.42 -5.83
N TYR B 169 15.36 14.38 -5.85
CA TYR B 169 14.58 14.20 -4.62
C TYR B 169 14.95 12.93 -3.85
N ARG B 170 15.22 11.87 -4.59
CA ARG B 170 15.67 10.63 -3.98
C ARG B 170 17.02 10.85 -3.31
N LYS B 171 17.91 11.51 -4.02
CA LYS B 171 19.22 11.82 -3.47
C LYS B 171 19.11 12.67 -2.20
N LEU B 172 18.19 13.61 -2.20
CA LEU B 172 17.98 14.54 -1.09
C LEU B 172 17.27 13.97 0.11
N ARG B 173 16.18 13.24 -0.11
CA ARG B 173 15.39 12.67 1.00
C ARG B 173 15.75 11.26 1.37
N ASN B 174 16.70 10.65 0.66
CA ASN B 174 17.09 9.27 0.91
C ASN B 174 15.85 8.38 1.06
N SER B 175 15.04 8.34 0.01
CA SER B 175 13.74 7.70 0.04
C SER B 175 13.19 7.59 -1.37
N TRP B 176 12.56 6.46 -1.66
CA TRP B 176 12.11 6.11 -3.01
C TRP B 176 10.63 5.92 -2.88
N GLU B 177 9.85 6.79 -3.52
CA GLU B 177 8.41 6.84 -3.24
C GLU B 177 7.60 7.44 -4.38
N GLY B 178 6.29 7.40 -4.23
CA GLY B 178 5.38 8.07 -5.16
C GLY B 178 5.27 9.52 -4.80
N VAL B 179 6.39 10.22 -4.94
CA VAL B 179 6.48 11.66 -4.72
C VAL B 179 6.10 12.41 -5.99
N LEU B 180 6.44 11.84 -7.16
CA LEU B 180 6.04 12.37 -8.45
C LEU B 180 5.36 11.29 -9.29
N THR B 181 4.36 11.70 -10.06
CA THR B 181 3.71 10.83 -11.03
C THR B 181 4.21 11.21 -12.41
N GLY B 182 3.85 10.41 -13.42
CA GLY B 182 4.40 10.59 -14.76
C GLY B 182 5.84 10.13 -14.90
N LYS B 183 6.24 9.21 -14.04
CA LYS B 183 7.59 8.67 -14.04
C LYS B 183 7.76 7.60 -15.11
N GLY B 184 9.02 7.33 -15.49
CA GLY B 184 9.39 6.26 -16.46
C GLY B 184 8.98 4.86 -16.02
N GLY B 185 8.84 3.94 -16.96
CA GLY B 185 8.30 2.59 -16.63
C GLY B 185 9.03 1.86 -15.51
N SER B 186 10.34 1.76 -15.63
CA SER B 186 11.11 0.92 -14.72
C SER B 186 11.27 1.49 -13.29
N TRP B 187 11.01 2.79 -13.10
CA TRP B 187 11.18 3.46 -11.78
C TRP B 187 9.84 4.07 -11.26
N GLY B 188 8.82 3.21 -11.17
CA GLY B 188 7.53 3.55 -10.54
C GLY B 188 6.50 4.16 -11.48
N GLY B 189 6.74 4.09 -12.78
CA GLY B 189 5.80 4.65 -13.75
C GLY B 189 4.63 3.70 -13.92
N SER B 190 3.56 4.24 -14.49
CA SER B 190 2.28 3.54 -14.77
C SER B 190 1.99 3.61 -16.25
N LEU B 191 1.75 2.44 -16.85
CA LEU B 191 1.22 2.38 -18.22
C LEU B 191 -0.06 3.19 -18.39
N ILE B 192 -0.23 3.70 -19.61
CA ILE B 192 -1.36 4.58 -19.95
C ILE B 192 -1.24 6.04 -19.42
N ARG B 193 -0.21 6.38 -18.62
CA ARG B 193 -0.04 7.81 -18.27
C ARG B 193 0.17 8.69 -19.49
N PRO B 194 1.20 8.40 -20.32
CA PRO B 194 1.38 9.28 -21.46
C PRO B 194 0.05 9.57 -22.13
N GLU B 195 -0.74 8.51 -22.36
CA GLU B 195 -1.96 8.56 -23.15
C GLU B 195 -3.20 9.08 -22.40
N ALA B 196 -3.12 9.15 -21.07
CA ALA B 196 -4.28 9.30 -20.18
C ALA B 196 -5.22 10.49 -20.42
N THR B 197 -4.66 11.69 -20.35
CA THR B 197 -5.46 12.92 -20.36
C THR B 197 -6.23 13.02 -21.68
N GLY B 198 -5.49 12.75 -22.77
CA GLY B 198 -6.00 12.84 -24.13
C GLY B 198 -7.12 11.85 -24.37
N TYR B 199 -6.85 10.57 -24.14
CA TYR B 199 -7.86 9.51 -24.32
C TYR B 199 -9.07 9.88 -23.49
N GLY B 200 -8.82 10.38 -22.28
CA GLY B 200 -9.87 10.75 -21.33
C GLY B 200 -10.84 11.81 -21.82
N VAL B 201 -10.26 12.88 -22.35
CA VAL B 201 -11.02 13.90 -23.05
C VAL B 201 -11.94 13.25 -24.10
N VAL B 202 -11.38 12.41 -24.98
CA VAL B 202 -12.18 11.81 -26.05
C VAL B 202 -13.26 10.93 -25.46
N TYR B 203 -12.89 10.06 -24.51
CA TYR B 203 -13.85 9.20 -23.80
C TYR B 203 -14.98 9.98 -23.18
N TYR B 204 -14.66 11.08 -22.53
CA TYR B 204 -15.69 11.94 -21.95
C TYR B 204 -16.67 12.40 -23.02
N VAL B 205 -16.13 12.80 -24.16
CA VAL B 205 -16.93 13.41 -25.22
C VAL B 205 -17.75 12.35 -25.96
N GLU B 206 -17.31 11.08 -25.92
CA GLU B 206 -18.16 9.97 -26.42
C GLU B 206 -19.49 9.95 -25.68
N HIS B 207 -19.42 10.08 -24.35
CA HIS B 207 -20.62 10.07 -23.49
C HIS B 207 -21.52 11.29 -23.75
N MET B 208 -20.89 12.45 -24.03
CA MET B 208 -21.59 13.70 -24.43
C MET B 208 -22.32 13.56 -25.78
N ILE B 209 -21.59 13.04 -26.75
CA ILE B 209 -22.14 12.76 -28.07
C ILE B 209 -23.32 11.79 -27.92
N ALA B 210 -23.01 10.60 -27.38
CA ALA B 210 -24.01 9.56 -27.21
C ALA B 210 -25.24 10.02 -26.40
N HIS B 211 -25.09 10.91 -25.42
CA HIS B 211 -26.27 11.45 -24.71
C HIS B 211 -27.11 12.38 -25.61
N ALA B 212 -26.43 13.40 -26.17
CA ALA B 212 -27.11 14.46 -26.91
C ALA B 212 -27.85 13.97 -28.15
N THR B 213 -27.25 12.96 -28.82
CA THR B 213 -27.78 12.36 -30.07
C THR B 213 -28.61 11.09 -29.86
N ASN B 214 -28.94 10.79 -28.60
CA ASN B 214 -29.56 9.52 -28.22
C ASN B 214 -28.83 8.37 -28.84
N GLY B 215 -27.51 8.37 -28.75
CA GLY B 215 -26.69 7.24 -29.17
C GLY B 215 -26.54 7.03 -30.65
N ALA B 216 -27.01 7.99 -31.47
CA ALA B 216 -27.08 7.85 -32.93
C ALA B 216 -25.73 8.15 -33.56
N GLU B 217 -25.12 9.26 -33.16
CA GLU B 217 -23.79 9.62 -33.64
C GLU B 217 -22.77 9.16 -32.61
N SER B 218 -21.57 8.83 -33.09
CA SER B 218 -20.38 8.69 -32.25
C SER B 218 -19.25 9.56 -32.85
N PHE B 219 -18.01 9.31 -32.46
CA PHE B 219 -16.85 9.99 -33.06
C PHE B 219 -16.51 9.53 -34.49
N ALA B 220 -17.11 8.44 -34.98
CA ALA B 220 -16.88 7.98 -36.35
C ALA B 220 -17.38 9.00 -37.40
N GLY B 221 -16.48 9.37 -38.32
CA GLY B 221 -16.76 10.36 -39.34
C GLY B 221 -17.06 11.75 -38.80
N LYS B 222 -16.53 12.08 -37.62
CA LYS B 222 -16.68 13.41 -37.03
C LYS B 222 -15.44 14.23 -37.38
N ARG B 223 -15.65 15.51 -37.58
CA ARG B 223 -14.56 16.41 -37.88
C ARG B 223 -14.15 17.10 -36.61
N VAL B 224 -12.88 16.94 -36.23
CA VAL B 224 -12.40 17.45 -34.92
C VAL B 224 -11.26 18.44 -35.03
N ALA B 225 -11.48 19.65 -34.53
CA ALA B 225 -10.41 20.68 -34.41
C ALA B 225 -9.73 20.67 -33.01
N ILE B 226 -8.43 20.38 -33.01
CA ILE B 226 -7.63 20.37 -31.81
C ILE B 226 -6.70 21.58 -31.87
N SER B 227 -6.46 22.18 -30.71
CA SER B 227 -5.42 23.19 -30.53
C SER B 227 -4.30 22.56 -29.72
N GLY B 228 -3.10 23.10 -29.85
CA GLY B 228 -1.94 22.49 -29.20
C GLY B 228 -1.39 21.30 -29.96
N SER B 229 -0.15 20.94 -29.65
CA SER B 229 0.48 19.73 -30.19
C SER B 229 1.33 19.02 -29.11
N GLY B 230 0.95 19.23 -27.85
CA GLY B 230 1.66 18.63 -26.72
C GLY B 230 1.04 17.33 -26.31
N ASN B 231 1.23 16.97 -25.04
CA ASN B 231 0.82 15.68 -24.46
C ASN B 231 -0.67 15.45 -24.56
N VAL B 232 -1.43 16.42 -24.06
CA VAL B 232 -2.88 16.37 -24.09
C VAL B 232 -3.34 16.31 -25.52
N ALA B 233 -2.82 17.21 -26.34
CA ALA B 233 -3.26 17.33 -27.72
C ALA B 233 -2.95 16.05 -28.50
N GLN B 234 -1.67 15.65 -28.51
CA GLN B 234 -1.19 14.43 -29.24
C GLN B 234 -2.10 13.20 -29.07
N TYR B 235 -2.28 12.79 -27.82
CA TYR B 235 -2.96 11.53 -27.53
C TYR B 235 -4.49 11.62 -27.69
N ALA B 236 -5.04 12.81 -27.56
CA ALA B 236 -6.42 13.04 -27.92
C ALA B 236 -6.58 12.86 -29.41
N ALA B 237 -5.65 13.42 -30.16
CA ALA B 237 -5.68 13.30 -31.61
C ALA B 237 -5.60 11.83 -32.03
N LEU B 238 -4.62 11.10 -31.48
CA LEU B 238 -4.45 9.67 -31.77
C LEU B 238 -5.67 8.78 -31.42
N LYS B 239 -6.36 9.14 -30.32
CA LYS B 239 -7.62 8.48 -29.91
C LYS B 239 -8.78 8.80 -30.87
N VAL B 240 -8.98 10.08 -31.19
CA VAL B 240 -10.02 10.45 -32.14
C VAL B 240 -9.86 9.70 -33.45
N ILE B 241 -8.63 9.70 -33.95
CA ILE B 241 -8.25 8.90 -35.12
C ILE B 241 -8.65 7.43 -34.95
N GLU B 242 -8.19 6.82 -33.85
CA GLU B 242 -8.58 5.44 -33.49
C GLU B 242 -10.09 5.17 -33.56
N LEU B 243 -10.93 6.14 -33.15
CA LEU B 243 -12.42 5.98 -33.12
C LEU B 243 -13.19 6.36 -34.39
N GLY B 244 -12.50 6.45 -35.52
CA GLY B 244 -13.12 6.74 -36.83
C GLY B 244 -13.23 8.20 -37.22
N GLY B 245 -12.68 9.08 -36.37
CA GLY B 245 -12.79 10.53 -36.53
C GLY B 245 -11.64 11.11 -37.35
N ARG B 246 -11.88 12.29 -37.88
CA ARG B 246 -10.93 12.98 -38.73
C ARG B 246 -10.53 14.24 -38.03
N VAL B 247 -9.24 14.29 -37.69
CA VAL B 247 -8.63 15.42 -36.99
C VAL B 247 -8.08 16.40 -38.03
N VAL B 248 -8.76 17.54 -38.11
CA VAL B 248 -8.46 18.58 -39.08
C VAL B 248 -7.43 19.64 -38.63
N SER B 249 -6.88 19.54 -37.42
CA SER B 249 -5.99 20.60 -36.87
C SER B 249 -5.22 20.21 -35.60
N LEU B 250 -3.99 20.69 -35.54
CA LEU B 250 -3.23 20.86 -34.29
C LEU B 250 -2.74 22.34 -34.28
N SER B 251 -1.94 22.73 -33.30
CA SER B 251 -1.34 24.08 -33.23
C SER B 251 -0.23 24.11 -32.20
N ASP B 252 0.48 25.23 -32.13
CA ASP B 252 1.45 25.47 -31.06
C ASP B 252 1.52 26.97 -30.83
N SER B 253 2.60 27.44 -30.20
CA SER B 253 2.72 28.86 -29.78
C SER B 253 2.95 29.83 -30.98
N GLN B 254 3.47 29.28 -32.08
CA GLN B 254 3.78 30.03 -33.28
C GLN B 254 2.68 30.01 -34.36
N GLY B 255 1.81 28.99 -34.34
CA GLY B 255 0.76 28.91 -35.36
C GLY B 255 0.00 27.60 -35.43
N SER B 256 -1.17 27.65 -36.07
CA SER B 256 -1.99 26.46 -36.31
C SER B 256 -1.40 25.66 -37.48
N LEU B 257 -1.80 24.40 -37.60
CA LEU B 257 -1.47 23.55 -38.74
C LEU B 257 -2.71 22.75 -39.11
N ILE B 258 -3.30 23.09 -40.25
CA ILE B 258 -4.65 22.66 -40.63
C ILE B 258 -4.57 21.92 -41.91
N VAL B 259 -5.34 20.84 -42.03
CA VAL B 259 -5.50 20.13 -43.34
C VAL B 259 -6.14 21.05 -44.39
N LYS B 260 -5.60 21.03 -45.60
CA LYS B 260 -6.18 21.82 -46.67
C LYS B 260 -7.63 21.40 -46.90
N ASP B 261 -7.90 20.09 -46.81
CA ASP B 261 -9.21 19.52 -47.11
C ASP B 261 -9.91 19.06 -45.80
N THR B 262 -10.60 19.98 -45.12
CA THR B 262 -11.13 19.67 -43.77
C THR B 262 -12.30 18.67 -43.82
N ALA B 263 -13.10 18.79 -44.87
CA ALA B 263 -14.28 17.95 -45.03
C ALA B 263 -13.90 16.48 -45.15
N LYS B 264 -13.01 16.15 -46.08
CA LYS B 264 -12.64 14.74 -46.33
C LYS B 264 -11.35 14.24 -45.64
N ASP B 265 -10.40 15.12 -45.30
CA ASP B 265 -9.06 14.68 -44.82
C ASP B 265 -8.88 14.66 -43.28
N SER B 266 -7.77 14.08 -42.85
CA SER B 266 -7.38 14.01 -41.42
C SER B 266 -5.88 13.89 -41.19
N PHE B 267 -5.43 14.35 -40.03
CA PHE B 267 -4.11 14.03 -39.53
C PHE B 267 -3.99 12.51 -39.40
N THR B 268 -2.75 12.02 -39.43
CA THR B 268 -2.43 10.58 -39.28
C THR B 268 -1.54 10.30 -38.07
N PRO B 269 -1.51 9.02 -37.61
CA PRO B 269 -0.59 8.66 -36.54
C PRO B 269 0.85 9.09 -36.81
N ALA B 270 1.36 8.72 -37.98
CA ALA B 270 2.75 8.96 -38.36
C ALA B 270 3.13 10.45 -38.33
N GLU B 271 2.21 11.32 -38.77
CA GLU B 271 2.42 12.78 -38.75
C GLU B 271 2.42 13.30 -37.32
N ILE B 272 1.51 12.79 -36.48
CA ILE B 272 1.49 13.13 -35.06
C ILE B 272 2.77 12.63 -34.37
N ASP B 273 3.17 11.37 -34.62
CA ASP B 273 4.41 10.85 -34.01
C ASP B 273 5.67 11.66 -34.43
N ALA B 274 5.63 12.30 -35.60
CA ALA B 274 6.76 13.15 -36.08
C ALA B 274 6.84 14.52 -35.45
N ILE B 275 5.68 15.13 -35.18
CA ILE B 275 5.54 16.37 -34.40
C ILE B 275 5.97 16.14 -32.95
N ALA B 276 5.40 15.10 -32.35
CA ALA B 276 5.74 14.71 -30.99
C ALA B 276 7.26 14.67 -30.85
N ALA B 277 7.92 14.02 -31.81
CA ALA B 277 9.39 13.97 -31.87
C ALA B 277 10.05 15.37 -31.87
N LEU B 278 9.43 16.33 -32.58
CA LEU B 278 9.88 17.73 -32.55
C LEU B 278 9.61 18.43 -31.22
N LYS B 279 8.55 18.05 -30.52
CA LYS B 279 8.25 18.65 -29.22
C LYS B 279 9.13 18.13 -28.10
N VAL B 280 9.38 16.81 -28.14
CA VAL B 280 10.46 16.16 -27.39
C VAL B 280 11.73 16.99 -27.51
N ASP B 281 12.14 17.28 -28.75
CA ASP B 281 13.34 18.11 -29.04
C ASP B 281 13.13 19.67 -28.87
N ARG B 282 11.96 20.08 -28.35
CA ARG B 282 11.61 21.49 -28.06
C ARG B 282 11.75 22.33 -29.29
N LYS B 283 11.09 21.90 -30.36
CA LYS B 283 11.12 22.60 -31.66
C LYS B 283 9.70 23.02 -31.97
N GLN B 284 9.53 23.71 -33.09
CA GLN B 284 8.23 24.23 -33.44
C GLN B 284 7.65 23.42 -34.57
N ILE B 285 6.36 23.62 -34.81
CA ILE B 285 5.68 23.05 -35.97
C ILE B 285 6.29 23.62 -37.26
N ALA B 286 6.56 24.93 -37.27
CA ALA B 286 7.14 25.61 -38.44
C ALA B 286 8.33 24.90 -39.11
N GLU B 287 9.13 24.18 -38.33
CA GLU B 287 10.27 23.41 -38.85
C GLU B 287 9.97 22.51 -40.04
N LEU B 288 8.78 21.91 -40.06
CA LEU B 288 8.47 20.84 -41.01
C LEU B 288 7.53 21.25 -42.14
N VAL B 289 7.15 22.51 -42.20
CA VAL B 289 6.24 22.97 -43.29
C VAL B 289 6.86 22.91 -44.71
N THR B 290 8.19 22.69 -44.77
CA THR B 290 8.94 22.53 -46.03
C THR B 290 9.26 21.05 -46.36
N ASP B 291 8.26 20.17 -46.28
CA ASP B 291 8.42 18.72 -46.51
C ASP B 291 7.34 18.18 -47.43
N ALA B 292 7.65 17.09 -48.12
CA ALA B 292 6.64 16.33 -48.88
C ALA B 292 5.53 15.98 -47.89
N ALA B 293 5.97 15.36 -46.80
CA ALA B 293 5.14 14.93 -45.67
C ALA B 293 3.99 15.88 -45.25
N PHE B 294 4.19 17.19 -45.44
CA PHE B 294 3.25 18.20 -44.93
C PHE B 294 2.88 19.30 -45.89
N ALA B 295 3.81 19.74 -46.75
CA ALA B 295 3.57 20.90 -47.60
C ALA B 295 2.25 20.85 -48.33
N ASP B 296 2.01 19.74 -49.01
CA ASP B 296 0.85 19.63 -49.90
C ASP B 296 -0.41 19.41 -49.12
N LYS B 297 -0.34 18.60 -48.06
CA LYS B 297 -1.55 18.23 -47.30
C LYS B 297 -2.13 19.31 -46.35
N PHE B 298 -1.23 20.17 -45.83
CA PHE B 298 -1.53 21.16 -44.77
C PHE B 298 -1.30 22.62 -45.15
N THR B 299 -1.74 23.52 -44.27
CA THR B 299 -1.62 24.96 -44.41
C THR B 299 -1.21 25.62 -43.08
N TYR B 300 0.09 25.89 -42.87
CA TYR B 300 0.60 26.58 -41.64
C TYR B 300 0.01 27.98 -41.52
N LEU B 301 -0.34 28.38 -40.30
CA LEU B 301 -1.02 29.66 -40.04
C LEU B 301 -0.39 30.37 -38.84
N PRO B 302 0.74 31.07 -39.05
CA PRO B 302 1.44 31.62 -37.90
C PRO B 302 0.60 32.70 -37.20
N GLY B 303 0.65 32.67 -35.87
CA GLY B 303 -0.07 33.61 -35.03
C GLY B 303 -1.57 33.57 -35.14
N GLN B 304 -2.13 32.43 -35.52
CA GLN B 304 -3.56 32.19 -35.40
C GLN B 304 -3.86 30.86 -34.76
N ARG B 305 -5.10 30.75 -34.33
CA ARG B 305 -5.63 29.56 -33.74
C ARG B 305 -6.50 28.88 -34.79
N PRO B 306 -6.73 27.56 -34.66
CA PRO B 306 -7.44 26.90 -35.74
C PRO B 306 -8.94 27.24 -35.95
N TRP B 307 -9.59 27.87 -34.97
CA TRP B 307 -11.09 27.88 -34.88
C TRP B 307 -11.81 28.49 -36.10
N VAL B 308 -11.48 29.74 -36.44
CA VAL B 308 -12.01 30.40 -37.64
C VAL B 308 -11.58 29.75 -38.96
N HIS B 309 -10.42 29.11 -39.04
CA HIS B 309 -9.89 28.56 -40.32
C HIS B 309 -10.16 27.06 -40.59
N VAL B 310 -11.24 26.49 -40.04
CA VAL B 310 -11.62 25.08 -40.32
C VAL B 310 -12.99 24.94 -40.96
N GLY B 311 -13.95 25.79 -40.54
CA GLY B 311 -15.29 25.89 -41.16
C GLY B 311 -16.19 24.66 -41.03
N ALA B 312 -15.83 23.63 -41.77
CA ALA B 312 -16.47 22.34 -41.65
C ALA B 312 -16.01 21.71 -40.32
N VAL B 313 -16.73 21.92 -39.22
CA VAL B 313 -16.29 21.32 -37.94
C VAL B 313 -17.43 20.87 -36.99
N ASP B 314 -17.15 19.77 -36.28
CA ASP B 314 -18.14 19.12 -35.39
C ASP B 314 -17.75 19.07 -33.94
N VAL B 315 -16.46 18.86 -33.66
CA VAL B 315 -15.91 18.93 -32.30
C VAL B 315 -14.70 19.88 -32.22
N ALA B 316 -14.54 20.52 -31.06
CA ALA B 316 -13.39 21.37 -30.74
C ALA B 316 -12.78 20.93 -29.42
N LEU B 317 -11.50 20.61 -29.46
CA LEU B 317 -10.74 20.14 -28.30
C LEU B 317 -9.57 21.09 -27.95
N PRO B 318 -9.87 22.21 -27.25
CA PRO B 318 -8.82 23.14 -26.81
C PRO B 318 -7.80 22.42 -25.96
N SER B 319 -6.59 22.22 -26.46
CA SER B 319 -5.64 21.36 -25.74
C SER B 319 -4.26 21.96 -25.47
N ALA B 320 -4.17 23.29 -25.42
CA ALA B 320 -2.86 23.97 -25.37
C ALA B 320 -2.59 24.73 -24.10
N THR B 321 -3.43 25.72 -23.81
CA THR B 321 -3.19 26.65 -22.71
C THR B 321 -4.49 27.37 -22.40
N GLN B 322 -4.43 28.22 -21.38
CA GLN B 322 -5.64 28.83 -20.83
C GLN B 322 -6.10 29.94 -21.75
N ASN B 323 -7.41 30.22 -21.72
CA ASN B 323 -8.06 31.31 -22.49
C ASN B 323 -7.73 31.34 -23.98
N GLU B 324 -7.58 30.16 -24.57
CA GLU B 324 -7.25 30.03 -26.00
C GLU B 324 -8.48 29.97 -26.93
N VAL B 325 -9.69 30.25 -26.40
CA VAL B 325 -10.92 30.41 -27.19
C VAL B 325 -11.68 31.66 -26.79
N SER B 326 -11.70 32.64 -27.70
CA SER B 326 -12.35 33.94 -27.47
C SER B 326 -13.84 33.91 -27.81
N GLY B 327 -14.60 34.86 -27.22
CA GLY B 327 -16.01 35.09 -27.57
C GLY B 327 -16.34 35.05 -29.07
N GLU B 328 -15.59 35.83 -29.84
CA GLU B 328 -15.68 35.80 -31.30
C GLU B 328 -15.40 34.40 -31.83
N GLU B 329 -14.35 33.74 -31.36
CA GLU B 329 -14.02 32.39 -31.84
C GLU B 329 -15.10 31.33 -31.52
N ALA B 330 -15.76 31.47 -30.37
CA ALA B 330 -16.84 30.54 -30.00
C ALA B 330 -17.99 30.63 -31.01
N GLN B 331 -18.35 31.87 -31.38
CA GLN B 331 -19.41 32.15 -32.37
C GLN B 331 -19.12 31.55 -33.74
N ALA B 332 -17.85 31.60 -34.14
CA ALA B 332 -17.37 30.96 -35.37
C ALA B 332 -17.72 29.48 -35.36
N LEU B 333 -17.32 28.84 -34.27
CA LEU B 333 -17.57 27.41 -34.03
C LEU B 333 -19.06 27.12 -34.08
N ILE B 334 -19.85 27.92 -33.35
CA ILE B 334 -21.32 27.86 -33.41
C ILE B 334 -21.82 27.98 -34.87
N ALA B 335 -21.40 29.05 -35.53
CA ALA B 335 -21.79 29.32 -36.92
C ALA B 335 -21.42 28.19 -37.87
N ALA B 336 -20.30 27.54 -37.59
CA ALA B 336 -19.77 26.42 -38.37
C ALA B 336 -20.29 25.02 -37.92
N GLY B 337 -21.34 24.99 -37.11
CA GLY B 337 -22.06 23.77 -36.78
C GLY B 337 -21.43 22.91 -35.72
N CYS B 338 -20.39 23.37 -35.06
CA CYS B 338 -19.80 22.60 -33.97
C CYS B 338 -20.87 22.38 -32.91
N LYS B 339 -20.96 21.15 -32.42
CA LYS B 339 -21.92 20.83 -31.39
C LYS B 339 -21.28 20.47 -30.07
N PHE B 340 -20.06 19.92 -30.08
CA PHE B 340 -19.40 19.50 -28.85
C PHE B 340 -18.07 20.23 -28.64
N ILE B 341 -17.81 20.63 -27.40
CA ILE B 341 -16.56 21.30 -27.06
C ILE B 341 -16.19 21.00 -25.61
N ALA B 342 -14.99 20.46 -25.44
CA ALA B 342 -14.47 20.11 -24.13
C ALA B 342 -13.05 20.66 -23.98
N GLU B 343 -12.77 21.24 -22.83
CA GLU B 343 -11.45 21.79 -22.55
C GLU B 343 -10.47 20.64 -22.24
N GLY B 344 -9.54 20.35 -23.16
CA GLY B 344 -8.36 19.54 -22.84
C GLY B 344 -7.40 20.37 -21.97
N SER B 345 -7.25 21.65 -22.33
CA SER B 345 -6.41 22.59 -21.58
C SER B 345 -7.17 23.10 -20.36
N ASN B 346 -6.43 23.54 -19.36
CA ASN B 346 -7.07 24.01 -18.15
C ASN B 346 -7.56 25.43 -18.34
N MET B 347 -8.87 25.62 -18.07
CA MET B 347 -9.59 26.86 -18.30
C MET B 347 -9.35 27.29 -19.73
N GLY B 348 -9.54 26.38 -20.68
CA GLY B 348 -9.28 26.64 -22.10
C GLY B 348 -10.05 27.80 -22.73
N CYS B 349 -11.29 28.00 -22.30
CA CYS B 349 -12.18 29.01 -22.88
C CYS B 349 -12.38 30.19 -21.93
N THR B 350 -12.34 31.38 -22.52
CA THR B 350 -12.63 32.63 -21.84
C THR B 350 -14.07 32.68 -21.40
N GLN B 351 -14.38 33.54 -20.46
CA GLN B 351 -15.75 33.67 -19.97
C GLN B 351 -16.66 34.10 -21.07
N ALA B 352 -16.19 35.02 -21.90
CA ALA B 352 -16.93 35.43 -23.10
C ALA B 352 -17.37 34.22 -23.94
N ALA B 353 -16.46 33.27 -24.17
CA ALA B 353 -16.73 32.06 -24.96
C ALA B 353 -17.64 31.06 -24.24
N ILE B 354 -17.37 30.85 -22.96
CA ILE B 354 -18.20 29.97 -22.16
C ILE B 354 -19.62 30.48 -22.24
N ASP B 355 -19.82 31.77 -21.94
CA ASP B 355 -21.15 32.38 -21.95
C ASP B 355 -21.94 32.11 -23.24
N ALA B 356 -21.28 32.27 -24.39
CA ALA B 356 -21.90 31.99 -25.69
C ALA B 356 -22.37 30.53 -25.78
N PHE B 357 -21.51 29.60 -25.37
CA PHE B 357 -21.84 28.20 -25.41
C PHE B 357 -23.03 27.81 -24.52
N GLU B 358 -23.23 28.50 -23.40
CA GLU B 358 -24.34 28.17 -22.49
C GLU B 358 -25.63 28.91 -22.90
N ALA B 359 -25.47 30.12 -23.44
CA ALA B 359 -26.60 30.87 -24.00
C ALA B 359 -27.23 30.10 -25.17
N HIS B 360 -26.36 29.46 -25.96
CA HIS B 360 -26.76 28.59 -27.07
C HIS B 360 -27.38 27.30 -26.57
N ARG B 361 -26.81 26.73 -25.51
CA ARG B 361 -27.35 25.52 -24.90
C ARG B 361 -28.75 25.78 -24.35
N GLU B 362 -28.97 26.93 -23.70
CA GLU B 362 -30.33 27.33 -23.28
C GLU B 362 -31.28 27.63 -24.43
N ALA B 363 -30.72 27.98 -25.59
CA ALA B 363 -31.48 28.41 -26.78
C ALA B 363 -31.95 27.31 -27.74
N ASN B 364 -31.34 26.13 -27.72
CA ASN B 364 -31.64 25.06 -28.69
C ASN B 364 -31.80 23.68 -28.03
N LYS B 365 -32.88 22.98 -28.38
CA LYS B 365 -33.18 21.67 -27.80
C LYS B 365 -32.24 20.63 -28.36
N GLY B 366 -31.87 19.69 -27.51
CA GLY B 366 -31.28 18.43 -27.94
C GLY B 366 -30.00 18.62 -28.70
N ALA B 367 -29.78 17.74 -29.68
CA ALA B 367 -28.48 17.61 -30.38
C ALA B 367 -28.08 18.87 -31.14
N ALA B 368 -29.08 19.72 -31.48
CA ALA B 368 -28.92 21.01 -32.17
C ALA B 368 -28.15 22.13 -31.38
N ALA B 369 -27.81 21.84 -30.14
CA ALA B 369 -27.10 22.78 -29.29
C ALA B 369 -25.62 22.43 -29.24
N ILE B 370 -24.85 23.44 -28.87
CA ILE B 370 -23.44 23.27 -28.59
C ILE B 370 -23.34 22.96 -27.09
N TRP B 371 -22.68 21.84 -26.77
CA TRP B 371 -22.51 21.45 -25.40
C TRP B 371 -21.10 21.78 -25.03
N TYR B 372 -20.95 22.47 -23.89
CA TYR B 372 -19.64 22.81 -23.34
C TYR B 372 -19.40 22.05 -22.08
N ALA B 373 -18.24 21.39 -22.05
CA ALA B 373 -17.76 20.67 -20.89
C ALA B 373 -16.52 21.35 -20.33
N PRO B 374 -16.44 21.58 -18.99
CA PRO B 374 -15.22 22.19 -18.43
C PRO B 374 -14.02 21.21 -18.38
N GLY B 375 -12.81 21.77 -18.26
CA GLY B 375 -11.60 20.97 -18.15
C GLY B 375 -11.60 20.05 -16.95
N LYS B 376 -11.96 20.57 -15.78
CA LYS B 376 -11.99 19.77 -14.57
C LYS B 376 -12.73 18.44 -14.70
N ALA B 377 -13.72 18.38 -15.59
CA ALA B 377 -14.36 17.13 -16.00
C ALA B 377 -13.58 16.36 -17.11
N ALA B 378 -13.42 16.90 -18.33
CA ALA B 378 -12.83 16.14 -19.46
C ALA B 378 -11.33 15.76 -19.36
N ASN B 379 -10.52 16.67 -18.83
CA ASN B 379 -9.08 16.41 -18.69
C ASN B 379 -8.69 15.63 -17.41
N ALA B 380 -9.67 15.05 -16.71
CA ALA B 380 -9.41 14.43 -15.41
C ALA B 380 -8.78 13.05 -15.54
N GLY B 381 -8.78 12.45 -16.73
CA GLY B 381 -8.06 11.18 -16.92
C GLY B 381 -6.61 11.23 -16.49
N GLY B 382 -5.93 12.32 -16.83
CA GLY B 382 -4.53 12.51 -16.50
C GLY B 382 -4.24 12.34 -15.03
N VAL B 383 -4.85 13.19 -14.22
CA VAL B 383 -4.68 13.11 -12.77
C VAL B 383 -5.25 11.81 -12.14
N ALA B 384 -6.33 11.30 -12.75
CA ALA B 384 -6.99 10.09 -12.27
C ALA B 384 -5.99 8.98 -12.41
N VAL B 385 -5.45 8.76 -13.60
CA VAL B 385 -4.45 7.71 -13.75
C VAL B 385 -3.23 7.98 -12.87
N SER B 386 -2.85 9.27 -12.75
CA SER B 386 -1.77 9.71 -11.85
C SER B 386 -1.96 9.19 -10.43
N GLY B 387 -3.18 9.30 -9.91
CA GLY B 387 -3.56 8.66 -8.64
C GLY B 387 -3.54 7.13 -8.65
N LEU B 388 -3.81 6.52 -9.81
CA LEU B 388 -3.56 5.07 -9.99
C LEU B 388 -2.05 4.73 -10.10
N GLU B 389 -1.21 5.70 -10.49
CA GLU B 389 0.25 5.55 -10.43
C GLU B 389 0.75 5.61 -8.97
N MET B 390 0.15 6.48 -8.18
CA MET B 390 0.43 6.52 -6.75
C MET B 390 -0.03 5.20 -6.09
N ALA B 391 -1.19 4.70 -6.52
CA ALA B 391 -1.74 3.46 -5.97
C ALA B 391 -0.80 2.29 -6.19
N GLN B 392 -0.21 2.28 -7.37
CA GLN B 392 0.71 1.23 -7.79
C GLN B 392 2.05 1.32 -7.10
N ASN B 393 2.53 2.55 -6.91
CA ASN B 393 3.75 2.80 -6.16
C ASN B 393 3.63 2.27 -4.69
N SER B 394 2.48 2.51 -4.06
CA SER B 394 2.19 2.12 -2.68
C SER B 394 1.88 0.61 -2.50
N ALA B 395 1.49 -0.04 -3.59
CA ALA B 395 1.35 -1.49 -3.65
C ALA B 395 2.63 -2.22 -4.14
N ARG B 396 3.66 -1.47 -4.52
CA ARG B 396 4.97 -1.99 -4.93
C ARG B 396 4.93 -2.88 -6.17
N LEU B 397 4.06 -2.49 -7.10
CA LEU B 397 3.63 -3.32 -8.25
C LEU B 397 3.19 -2.50 -9.48
N SER B 398 3.19 -3.17 -10.63
CA SER B 398 2.83 -2.57 -11.93
C SER B 398 1.63 -3.26 -12.58
N TRP B 399 0.62 -2.47 -12.90
CA TRP B 399 -0.59 -2.95 -13.55
C TRP B 399 -0.43 -3.05 -15.07
N THR B 400 -1.37 -3.72 -15.72
CA THR B 400 -1.34 -3.93 -17.18
C THR B 400 -1.82 -2.68 -17.93
N ALA B 401 -1.43 -2.57 -19.19
CA ALA B 401 -2.02 -1.58 -20.11
C ALA B 401 -3.56 -1.57 -20.04
N GLU B 402 -4.16 -2.77 -20.11
CA GLU B 402 -5.62 -2.92 -20.14
C GLU B 402 -6.32 -2.45 -18.87
N GLU B 403 -5.82 -2.95 -17.75
CA GLU B 403 -6.38 -2.70 -16.44
C GLU B 403 -6.50 -1.22 -16.16
N VAL B 404 -5.51 -0.45 -16.58
CA VAL B 404 -5.53 0.99 -16.34
C VAL B 404 -6.55 1.65 -17.25
N ASP B 405 -6.43 1.38 -18.56
CA ASP B 405 -7.37 1.92 -19.56
C ASP B 405 -8.82 1.69 -19.07
N ALA B 406 -9.08 0.48 -18.57
CA ALA B 406 -10.38 0.10 -18.02
C ALA B 406 -10.83 1.03 -16.88
N ARG B 407 -9.94 1.26 -15.91
CA ARG B 407 -10.27 2.15 -14.80
C ARG B 407 -10.53 3.54 -15.32
N LEU B 408 -9.64 3.97 -16.22
CA LEU B 408 -9.78 5.26 -16.88
C LEU B 408 -11.16 5.47 -17.52
N LYS B 409 -11.64 4.52 -18.32
CA LYS B 409 -12.93 4.69 -19.02
C LYS B 409 -14.06 4.78 -17.99
N ASP B 410 -13.97 3.96 -16.95
CA ASP B 410 -14.96 3.94 -15.87
C ASP B 410 -15.00 5.27 -15.17
N ILE B 411 -13.84 5.74 -14.73
CA ILE B 411 -13.75 7.02 -14.02
C ILE B 411 -14.37 8.15 -14.84
N MET B 412 -14.01 8.18 -16.11
CA MET B 412 -14.51 9.19 -17.01
C MET B 412 -16.02 9.08 -17.24
N LYS B 413 -16.56 7.85 -17.28
CA LYS B 413 -18.01 7.67 -17.44
C LYS B 413 -18.83 8.25 -16.26
N SER B 414 -18.34 8.00 -15.06
CA SER B 414 -18.93 8.49 -13.81
C SER B 414 -18.76 9.99 -13.68
N CYS B 415 -17.63 10.52 -14.13
CA CYS B 415 -17.49 11.98 -14.18
C CYS B 415 -18.58 12.69 -15.04
N PHE B 416 -18.84 12.11 -16.20
CA PHE B 416 -19.87 12.63 -17.06
C PHE B 416 -21.19 12.51 -16.36
N GLN B 417 -21.46 11.30 -15.89
CA GLN B 417 -22.74 10.99 -15.27
C GLN B 417 -23.02 11.92 -14.06
N ASN B 418 -22.01 12.08 -13.22
CA ASN B 418 -22.11 12.88 -11.99
C ASN B 418 -22.47 14.29 -12.35
N GLY B 419 -21.71 14.84 -13.29
CA GLY B 419 -21.93 16.20 -13.77
C GLY B 419 -23.34 16.36 -14.26
N LEU B 420 -23.75 15.42 -15.12
CA LEU B 420 -25.08 15.43 -15.73
C LEU B 420 -26.20 15.44 -14.68
N ASP B 421 -26.12 14.50 -13.72
CA ASP B 421 -27.16 14.33 -12.67
C ASP B 421 -27.21 15.49 -11.71
N THR B 422 -26.04 15.93 -11.29
CA THR B 422 -25.96 17.05 -10.37
C THR B 422 -26.60 18.30 -10.97
N ALA B 423 -26.35 18.54 -12.26
CA ALA B 423 -26.98 19.65 -12.99
C ALA B 423 -28.46 19.46 -13.10
N LYS B 424 -28.86 18.20 -13.27
CA LYS B 424 -30.26 17.86 -13.31
C LYS B 424 -30.96 18.11 -11.97
N GLU B 425 -30.30 17.79 -10.87
CA GLU B 425 -30.88 18.03 -9.54
C GLU B 425 -30.90 19.51 -9.18
N TYR B 426 -29.75 20.16 -9.35
CA TYR B 426 -29.52 21.49 -8.78
C TYR B 426 -29.82 22.68 -9.71
N ALA B 427 -29.86 22.44 -11.03
CA ALA B 427 -30.12 23.51 -12.00
C ALA B 427 -30.88 22.93 -13.18
N THR B 428 -32.07 22.40 -12.90
CA THR B 428 -32.78 21.57 -13.87
C THR B 428 -33.03 22.42 -15.09
N PRO B 429 -32.65 21.93 -16.30
CA PRO B 429 -32.85 22.70 -17.52
C PRO B 429 -34.30 22.60 -17.99
N ALA B 430 -34.71 23.50 -18.89
CA ALA B 430 -36.06 23.50 -19.47
C ALA B 430 -36.32 22.25 -20.30
N ASP B 431 -37.58 22.01 -20.63
CA ASP B 431 -37.95 20.82 -21.37
C ASP B 431 -37.24 20.80 -22.73
N GLY B 432 -36.43 19.76 -22.92
CA GLY B 432 -35.69 19.54 -24.16
C GLY B 432 -34.24 19.96 -24.08
N ILE B 433 -33.92 20.85 -23.13
CA ILE B 433 -32.61 21.49 -23.08
C ILE B 433 -31.60 20.62 -22.36
N LEU B 434 -30.42 20.45 -22.95
CA LEU B 434 -29.32 19.68 -22.31
C LEU B 434 -28.95 20.24 -20.92
N PRO B 435 -28.71 19.37 -19.91
CA PRO B 435 -28.25 19.93 -18.63
C PRO B 435 -26.89 20.62 -18.77
N SER B 436 -26.64 21.61 -17.92
CA SER B 436 -25.36 22.34 -17.94
C SER B 436 -24.19 21.49 -17.44
N LEU B 437 -23.33 21.00 -18.31
CA LEU B 437 -22.26 20.11 -17.86
C LEU B 437 -21.27 20.83 -16.94
N VAL B 438 -20.91 22.07 -17.27
CA VAL B 438 -20.06 22.87 -16.38
C VAL B 438 -20.71 23.20 -15.02
N THR B 439 -21.93 23.73 -14.99
CA THR B 439 -22.58 24.07 -13.73
C THR B 439 -22.72 22.80 -12.88
N GLY B 440 -23.04 21.70 -13.54
CA GLY B 440 -23.02 20.39 -12.92
C GLY B 440 -21.68 19.98 -12.37
N SER B 441 -20.68 19.89 -13.25
CA SER B 441 -19.32 19.47 -12.87
C SER B 441 -18.78 20.30 -11.66
N ASN B 442 -19.01 21.62 -11.68
CA ASN B 442 -18.62 22.49 -10.57
C ASN B 442 -19.35 22.06 -9.31
N ILE B 443 -20.68 22.04 -9.34
CA ILE B 443 -21.44 21.83 -8.10
C ILE B 443 -21.11 20.45 -7.51
N ALA B 444 -20.74 19.52 -8.38
CA ALA B 444 -20.39 18.14 -8.00
C ALA B 444 -19.08 18.05 -7.24
N GLY B 445 -18.01 18.58 -7.85
CA GLY B 445 -16.72 18.59 -7.21
C GLY B 445 -16.78 19.42 -5.94
N PHE B 446 -17.30 20.64 -6.08
CA PHE B 446 -17.39 21.59 -4.99
C PHE B 446 -18.05 21.06 -3.72
N THR B 447 -19.23 20.46 -3.86
CA THR B 447 -19.96 20.00 -2.66
C THR B 447 -19.19 18.90 -1.92
N LYS B 448 -18.49 18.02 -2.66
CA LYS B 448 -17.69 16.94 -2.05
C LYS B 448 -16.57 17.47 -1.16
N VAL B 449 -15.95 18.56 -1.61
CA VAL B 449 -14.86 19.22 -0.88
C VAL B 449 -15.47 20.05 0.22
N ALA B 450 -16.53 20.78 -0.08
CA ALA B 450 -17.20 21.57 0.93
C ALA B 450 -17.64 20.72 2.12
N ALA B 451 -18.18 19.54 1.84
CA ALA B 451 -18.58 18.56 2.88
C ALA B 451 -17.37 18.03 3.64
N ALA B 452 -16.36 17.58 2.89
CA ALA B 452 -15.12 17.05 3.46
C ALA B 452 -14.50 18.06 4.42
N MET B 453 -14.36 19.30 3.94
CA MET B 453 -13.93 20.38 4.82
C MET B 453 -14.77 20.48 6.11
N LYS B 454 -16.10 20.57 5.99
CA LYS B 454 -16.99 20.77 7.16
C LYS B 454 -16.72 19.71 8.23
N ASP B 455 -16.76 18.45 7.78
CA ASP B 455 -16.45 17.25 8.60
C ASP B 455 -15.16 17.45 9.36
N GLN B 456 -14.15 18.00 8.68
CA GLN B 456 -12.79 18.15 9.23
C GLN B 456 -12.53 19.42 10.07
N GLY B 457 -13.53 20.27 10.21
CA GLY B 457 -13.41 21.46 11.04
C GLY B 457 -12.69 22.59 10.36
N ASP B 458 -12.49 22.47 9.04
CA ASP B 458 -11.89 23.53 8.26
C ASP B 458 -12.78 24.74 8.14
N TRP B 459 -14.08 24.54 8.34
CA TRP B 459 -15.00 25.66 8.50
C TRP B 459 -16.20 25.13 9.25
N TRP B 460 -17.02 26.04 9.78
CA TRP B 460 -18.24 25.67 10.50
C TRP B 460 -19.25 26.79 10.33
N MET C 1 5.22 -4.42 43.23
CA MET C 1 4.55 -4.83 44.51
C MET C 1 3.48 -3.75 44.93
N SER C 2 3.64 -3.08 46.09
CA SER C 2 2.58 -2.25 46.72
C SER C 2 2.75 -0.74 46.47
N ASN C 3 3.56 -0.36 45.48
CA ASN C 3 3.69 1.04 45.03
C ASN C 3 2.67 1.45 43.95
N LEU C 4 2.20 0.43 43.21
CA LEU C 4 1.38 0.57 41.98
C LEU C 4 -0.03 0.99 42.32
N PRO C 5 -0.59 1.96 41.59
CA PRO C 5 -1.96 2.36 41.93
C PRO C 5 -2.91 1.17 41.76
N VAL C 6 -4.01 1.18 42.52
CA VAL C 6 -4.99 0.09 42.44
C VAL C 6 -5.83 0.39 41.24
N GLU C 7 -5.62 -0.35 40.15
CA GLU C 7 -6.34 -0.14 38.87
C GLU C 7 -7.35 -1.28 38.63
N PRO C 8 -8.62 -1.10 39.12
CA PRO C 8 -9.55 -2.25 39.19
C PRO C 8 -10.02 -2.84 37.86
N GLU C 9 -10.30 -1.98 36.88
CA GLU C 9 -10.82 -2.47 35.61
C GLU C 9 -9.67 -3.09 34.85
N PHE C 10 -8.49 -2.49 34.81
CA PHE C 10 -7.33 -3.16 34.19
C PHE C 10 -7.09 -4.53 34.84
N GLU C 11 -7.11 -4.60 36.19
CA GLU C 11 -6.78 -5.85 36.93
C GLU C 11 -7.82 -6.94 36.70
N GLN C 12 -9.09 -6.55 36.61
CA GLN C 12 -10.17 -7.46 36.25
C GLN C 12 -9.87 -8.21 35.00
N ALA C 13 -9.67 -7.50 33.90
CA ALA C 13 -9.40 -8.14 32.61
C ALA C 13 -8.05 -8.88 32.59
N TYR C 14 -7.08 -8.43 33.40
CA TYR C 14 -5.83 -9.14 33.51
C TYR C 14 -6.10 -10.50 34.08
N LYS C 15 -6.85 -10.54 35.17
CA LYS C 15 -7.17 -11.79 35.86
C LYS C 15 -7.97 -12.77 35.00
N GLU C 16 -9.05 -12.31 34.34
CA GLU C 16 -9.86 -13.21 33.48
C GLU C 16 -8.97 -13.88 32.42
N LEU C 17 -7.98 -13.15 31.90
CA LEU C 17 -7.03 -13.74 30.95
C LEU C 17 -6.13 -14.73 31.66
N ALA C 18 -5.45 -14.28 32.71
CA ALA C 18 -4.43 -15.06 33.42
C ALA C 18 -4.99 -16.38 33.91
N SER C 19 -6.19 -16.30 34.49
CA SER C 19 -6.85 -17.49 35.03
C SER C 19 -7.23 -18.46 33.89
N THR C 20 -7.76 -17.94 32.77
CA THR C 20 -8.13 -18.80 31.63
C THR C 20 -6.90 -19.49 31.00
N LEU C 21 -5.76 -18.83 31.04
CA LEU C 21 -4.51 -19.46 30.61
C LEU C 21 -4.03 -20.56 31.56
N GLU C 22 -4.23 -20.35 32.85
CA GLU C 22 -3.88 -21.33 33.89
C GLU C 22 -4.71 -22.59 33.82
N ASN C 23 -5.99 -22.39 33.56
CA ASN C 23 -6.94 -23.48 33.33
C ASN C 23 -6.88 -24.01 31.93
N SER C 24 -5.76 -24.64 31.65
CA SER C 24 -5.45 -25.24 30.38
C SER C 24 -4.06 -25.80 30.53
N THR C 25 -3.69 -26.55 29.51
CA THR C 25 -2.36 -27.13 29.41
C THR C 25 -1.36 -26.19 28.75
N LEU C 26 -1.66 -24.90 28.67
CA LEU C 26 -0.79 -23.95 27.98
C LEU C 26 0.53 -23.82 28.72
N PHE C 27 0.46 -23.56 30.03
CA PHE C 27 1.68 -23.43 30.82
C PHE C 27 2.32 -24.77 31.18
N GLN C 28 1.63 -25.89 30.99
CA GLN C 28 2.33 -27.19 31.06
C GLN C 28 3.24 -27.38 29.80
N LYS C 29 2.67 -27.16 28.61
CA LYS C 29 3.41 -27.29 27.36
C LYS C 29 4.47 -26.16 27.16
N ASN C 30 4.08 -24.92 27.47
CA ASN C 30 4.97 -23.76 27.33
C ASN C 30 5.04 -22.93 28.62
N PRO C 31 5.74 -23.45 29.62
CA PRO C 31 5.85 -22.76 30.93
C PRO C 31 6.48 -21.37 30.88
N GLU C 32 7.42 -21.20 29.95
CA GLU C 32 8.14 -19.95 29.72
C GLU C 32 7.23 -18.73 29.45
N TYR C 33 6.07 -18.97 28.84
CA TYR C 33 5.10 -17.89 28.60
C TYR C 33 4.59 -17.13 29.83
N ARG C 34 4.78 -17.66 31.03
CA ARG C 34 4.53 -16.88 32.25
C ARG C 34 5.32 -15.56 32.24
N LYS C 35 6.56 -15.63 31.71
CA LYS C 35 7.41 -14.45 31.51
C LYS C 35 6.72 -13.48 30.57
N ALA C 36 6.29 -13.98 29.40
CA ALA C 36 5.55 -13.13 28.48
C ALA C 36 4.28 -12.50 29.09
N LEU C 37 3.57 -13.28 29.90
CA LEU C 37 2.38 -12.75 30.54
C LEU C 37 2.77 -11.56 31.39
N ALA C 38 3.87 -11.68 32.13
CA ALA C 38 4.38 -10.57 32.94
C ALA C 38 4.89 -9.38 32.08
N VAL C 39 5.57 -9.64 30.96
CA VAL C 39 6.08 -8.54 30.10
C VAL C 39 4.93 -7.79 29.42
N VAL C 40 3.96 -8.52 28.87
CA VAL C 40 2.88 -7.91 28.05
C VAL C 40 1.90 -7.00 28.83
N SER C 41 1.70 -7.30 30.12
CA SER C 41 0.74 -6.58 30.95
C SER C 41 1.26 -5.26 31.45
N VAL C 42 2.53 -4.97 31.17
CA VAL C 42 3.06 -3.62 31.36
C VAL C 42 3.00 -2.89 30.02
N PRO C 43 2.31 -1.73 29.98
CA PRO C 43 2.20 -1.06 28.69
C PRO C 43 3.56 -0.71 28.07
N GLU C 44 3.68 -0.83 26.75
CA GLU C 44 4.91 -0.40 26.05
C GLU C 44 5.22 1.08 26.30
N ARG C 45 4.19 1.90 26.11
CA ARG C 45 4.26 3.33 26.33
C ARG C 45 2.85 3.87 26.61
N VAL C 46 2.78 4.94 27.40
CA VAL C 46 1.53 5.61 27.72
C VAL C 46 1.75 7.13 27.72
N ILE C 47 0.77 7.88 27.21
CA ILE C 47 0.87 9.32 27.14
C ILE C 47 -0.34 9.99 27.82
N GLN C 48 -0.09 10.64 28.96
CA GLN C 48 -1.10 11.47 29.62
C GLN C 48 -0.76 12.93 29.31
N PHE C 49 -1.80 13.77 29.18
CA PHE C 49 -1.61 15.21 28.94
C PHE C 49 -2.82 16.09 29.28
N ARG C 50 -2.51 17.33 29.66
CA ARG C 50 -3.52 18.35 29.90
C ARG C 50 -4.23 18.64 28.59
N VAL C 51 -5.50 18.98 28.65
CA VAL C 51 -6.18 19.54 27.47
C VAL C 51 -6.93 20.82 27.85
N VAL C 52 -6.31 21.96 27.55
CA VAL C 52 -6.92 23.25 27.75
C VAL C 52 -7.73 23.51 26.46
N TRP C 53 -8.97 23.95 26.63
CA TRP C 53 -9.87 24.23 25.49
C TRP C 53 -10.92 25.25 25.90
N GLU C 54 -11.57 25.87 24.93
CA GLU C 54 -12.43 27.02 25.22
C GLU C 54 -13.90 26.72 25.03
N ASN C 55 -14.70 27.04 26.04
CA ASN C 55 -16.12 26.77 25.94
C ASN C 55 -16.83 27.88 25.15
N ASP C 56 -18.15 27.75 24.97
CA ASP C 56 -18.96 28.72 24.19
C ASP C 56 -19.08 30.10 24.85
N LYS C 57 -18.96 30.15 26.18
CA LYS C 57 -18.94 31.41 26.91
C LYS C 57 -17.57 32.13 26.91
N GLY C 58 -16.56 31.56 26.25
CA GLY C 58 -15.20 32.10 26.27
C GLY C 58 -14.38 31.69 27.49
N GLU C 59 -14.90 30.78 28.32
CA GLU C 59 -14.22 30.34 29.55
C GLU C 59 -13.26 29.19 29.27
N VAL C 60 -12.09 29.28 29.90
CA VAL C 60 -11.08 28.22 29.82
C VAL C 60 -11.64 26.97 30.50
N GLN C 61 -11.19 25.81 30.01
CA GLN C 61 -11.64 24.48 30.50
C GLN C 61 -10.47 23.48 30.44
N VAL C 62 -10.38 22.62 31.46
CA VAL C 62 -9.33 21.59 31.54
C VAL C 62 -9.94 20.19 31.55
N ASN C 63 -9.23 19.25 30.93
CA ASN C 63 -9.58 17.82 30.94
C ASN C 63 -8.29 17.01 30.73
N ARG C 64 -8.31 15.76 31.18
CA ARG C 64 -7.12 14.93 31.06
C ARG C 64 -7.22 14.08 29.81
N GLY C 65 -6.07 13.97 29.13
CA GLY C 65 -5.94 13.24 27.88
C GLY C 65 -5.01 12.05 28.07
N PHE C 66 -5.29 10.98 27.34
CA PHE C 66 -4.61 9.70 27.50
C PHE C 66 -4.46 9.03 26.17
N ARG C 67 -3.28 8.42 25.95
CA ARG C 67 -3.10 7.40 24.91
C ARG C 67 -2.24 6.26 25.42
N VAL C 68 -2.78 5.04 25.38
CA VAL C 68 -2.14 3.85 25.95
C VAL C 68 -1.70 2.99 24.77
N GLN C 69 -0.40 2.82 24.64
CA GLN C 69 0.20 2.12 23.49
C GLN C 69 0.79 0.84 24.11
N PHE C 70 -0.08 -0.16 24.22
CA PHE C 70 0.16 -1.31 25.08
C PHE C 70 1.14 -2.35 24.50
N ASN C 71 0.98 -2.62 23.22
CA ASN C 71 1.76 -3.65 22.57
C ASN C 71 1.76 -3.46 21.06
N SER C 72 2.91 -3.65 20.45
CA SER C 72 3.10 -3.38 19.04
C SER C 72 3.87 -4.49 18.40
N ALA C 73 3.76 -5.70 18.90
CA ALA C 73 4.55 -6.76 18.32
C ALA C 73 3.90 -7.21 17.00
N LEU C 74 2.57 -7.16 16.97
CA LEU C 74 1.78 -7.66 15.83
C LEU C 74 1.43 -6.59 14.86
N GLY C 75 1.74 -5.35 15.19
CA GLY C 75 1.42 -4.26 14.30
C GLY C 75 1.73 -2.93 14.93
N PRO C 76 1.21 -1.87 14.33
CA PRO C 76 1.21 -0.64 15.03
C PRO C 76 0.08 -0.63 16.03
N TYR C 77 0.16 0.28 16.98
CA TYR C 77 -0.88 0.48 17.97
C TYR C 77 -2.23 0.78 17.26
N LYS C 78 -3.30 0.20 17.78
CA LYS C 78 -4.60 0.33 17.17
C LYS C 78 -5.66 0.23 18.23
N GLY C 79 -6.51 1.22 18.29
CA GLY C 79 -7.73 1.13 19.04
C GLY C 79 -8.32 2.48 19.34
N GLY C 80 -9.64 2.52 19.42
CA GLY C 80 -10.43 3.74 19.62
C GLY C 80 -10.10 4.75 20.72
N LEU C 81 -10.89 5.81 20.72
CA LEU C 81 -10.75 6.88 21.65
C LEU C 81 -12.07 7.07 22.35
N ARG C 82 -12.03 7.24 23.66
CA ARG C 82 -13.23 7.30 24.50
C ARG C 82 -13.37 8.63 25.21
N PHE C 83 -14.50 9.32 25.00
CA PHE C 83 -14.81 10.55 25.74
C PHE C 83 -15.95 10.27 26.71
N HIS C 84 -15.59 10.17 27.99
CA HIS C 84 -16.53 9.85 29.06
C HIS C 84 -15.99 10.28 30.46
N PRO C 85 -16.86 10.93 31.28
CA PRO C 85 -16.39 11.51 32.54
C PRO C 85 -15.73 10.52 33.48
N SER C 86 -15.98 9.24 33.27
CA SER C 86 -15.34 8.17 34.02
C SER C 86 -13.90 7.86 33.61
N VAL C 87 -13.48 8.32 32.42
CA VAL C 87 -12.23 7.87 31.82
C VAL C 87 -11.06 8.16 32.75
N ASN C 88 -10.14 7.21 32.86
CA ASN C 88 -8.88 7.39 33.59
C ASN C 88 -7.91 6.39 33.07
N LEU C 89 -6.72 6.36 33.66
CA LEU C 89 -5.70 5.43 33.21
C LEU C 89 -6.20 3.99 33.28
N SER C 90 -6.64 3.58 34.48
CA SER C 90 -7.11 2.20 34.74
C SER C 90 -7.99 1.66 33.61
N ILE C 91 -9.07 2.37 33.35
CA ILE C 91 -10.05 1.96 32.32
C ILE C 91 -9.43 1.78 30.94
N LEU C 92 -8.76 2.82 30.50
CA LEU C 92 -8.10 2.79 29.21
C LEU C 92 -7.00 1.68 29.12
N LYS C 93 -6.45 1.29 30.27
CA LYS C 93 -5.55 0.14 30.30
C LYS C 93 -6.30 -1.16 30.01
N PHE C 94 -7.51 -1.32 30.50
CA PHE C 94 -8.24 -2.58 30.25
C PHE C 94 -8.53 -2.64 28.77
N LEU C 95 -8.99 -1.52 28.25
CA LEU C 95 -9.38 -1.42 26.85
C LEU C 95 -8.26 -1.72 25.88
N GLY C 96 -7.10 -1.15 26.16
CA GLY C 96 -5.91 -1.39 25.36
C GLY C 96 -5.35 -2.77 25.54
N PHE C 97 -5.56 -3.35 26.72
CA PHE C 97 -5.07 -4.67 27.02
C PHE C 97 -5.88 -5.69 26.24
N GLU C 98 -7.21 -5.59 26.39
CA GLU C 98 -8.18 -6.32 25.57
C GLU C 98 -7.87 -6.27 24.06
N GLN C 99 -7.51 -5.07 23.60
CA GLN C 99 -7.27 -4.80 22.18
C GLN C 99 -6.09 -5.59 21.61
N ILE C 100 -5.04 -5.77 22.41
CA ILE C 100 -3.81 -6.43 21.97
C ILE C 100 -4.19 -7.75 21.42
N PHE C 101 -5.03 -8.41 22.21
CA PHE C 101 -5.49 -9.76 21.95
C PHE C 101 -6.62 -9.82 20.90
N LYS C 102 -7.55 -8.87 20.94
CA LYS C 102 -8.61 -8.82 19.94
C LYS C 102 -8.01 -8.71 18.57
N ASN C 103 -7.10 -7.78 18.42
CA ASN C 103 -6.44 -7.58 17.15
C ASN C 103 -5.68 -8.87 16.76
N ALA C 104 -4.99 -9.50 17.71
CA ALA C 104 -4.34 -10.81 17.48
C ALA C 104 -5.23 -11.80 16.73
N LEU C 105 -6.55 -11.75 17.00
CA LEU C 105 -7.55 -12.64 16.38
C LEU C 105 -8.12 -12.29 15.00
N THR C 106 -7.99 -11.05 14.53
CA THR C 106 -8.45 -10.74 13.17
C THR C 106 -7.50 -11.29 12.10
N GLY C 107 -6.28 -11.68 12.49
CA GLY C 107 -5.29 -12.26 11.57
C GLY C 107 -4.57 -11.19 10.78
N LEU C 108 -4.92 -9.93 11.05
CA LEU C 108 -4.29 -8.74 10.47
C LEU C 108 -3.21 -8.21 11.43
N ASN C 109 -2.27 -7.44 10.90
CA ASN C 109 -1.19 -6.89 11.69
C ASN C 109 -1.61 -5.62 12.39
N MET C 110 -2.05 -5.77 13.64
CA MET C 110 -2.38 -4.64 14.52
C MET C 110 -2.01 -4.92 15.98
N GLY C 111 -1.23 -4.00 16.53
CA GLY C 111 -0.97 -3.99 17.95
C GLY C 111 -2.11 -3.33 18.71
N GLY C 112 -1.95 -3.28 20.02
CA GLY C 112 -3.01 -2.89 20.92
C GLY C 112 -2.80 -1.52 21.49
N GLY C 113 -3.87 -0.72 21.46
CA GLY C 113 -3.93 0.52 22.20
C GLY C 113 -5.34 1.02 22.44
N LYS C 114 -5.43 2.13 23.16
CA LYS C 114 -6.69 2.86 23.32
C LYS C 114 -6.37 4.17 23.97
N GLY C 115 -7.30 5.09 23.88
CA GLY C 115 -7.15 6.32 24.60
C GLY C 115 -8.44 7.04 24.82
N GLY C 116 -8.30 8.32 25.13
CA GLY C 116 -9.43 9.20 25.28
C GLY C 116 -9.16 10.30 26.29
N SER C 117 -10.24 10.67 26.96
CA SER C 117 -10.21 11.78 27.85
C SER C 117 -11.47 11.86 28.66
N ASP C 118 -11.34 12.43 29.86
CA ASP C 118 -12.48 12.61 30.79
C ASP C 118 -13.49 13.70 30.39
N PHE C 119 -13.24 14.34 29.26
CA PHE C 119 -14.25 15.13 28.54
C PHE C 119 -15.59 14.38 28.46
N ASP C 120 -16.69 15.09 28.76
CA ASP C 120 -18.06 14.54 28.73
C ASP C 120 -18.86 15.24 27.64
N PRO C 121 -19.04 14.58 26.48
CA PRO C 121 -19.82 15.15 25.39
C PRO C 121 -21.24 15.64 25.73
N LYS C 122 -21.89 15.08 26.75
CA LYS C 122 -23.26 15.50 27.09
C LYS C 122 -23.30 16.94 27.59
N GLY C 123 -24.17 17.76 26.97
CA GLY C 123 -24.33 19.19 27.30
C GLY C 123 -23.41 20.17 26.58
N LYS C 124 -22.48 19.65 25.78
CA LYS C 124 -21.55 20.47 25.01
C LYS C 124 -22.17 20.71 23.64
N SER C 125 -22.07 21.93 23.11
CA SER C 125 -22.52 22.23 21.74
C SER C 125 -21.52 21.64 20.78
N ASP C 126 -21.97 21.37 19.56
CA ASP C 126 -21.04 20.86 18.52
C ASP C 126 -19.78 21.73 18.38
N SER C 127 -19.94 23.04 18.54
CA SER C 127 -18.83 23.96 18.56
C SER C 127 -17.82 23.63 19.66
N GLU C 128 -18.28 23.39 20.90
CA GLU C 128 -17.37 23.06 22.04
C GLU C 128 -16.56 21.76 21.83
N ILE C 129 -17.18 20.83 21.11
CA ILE C 129 -16.58 19.53 20.82
C ILE C 129 -15.45 19.75 19.84
N ARG C 130 -15.78 20.41 18.74
CA ARG C 130 -14.82 20.81 17.75
C ARG C 130 -13.56 21.38 18.39
N ARG C 131 -13.73 22.27 19.35
CA ARG C 131 -12.59 22.91 19.99
C ARG C 131 -11.77 21.97 20.85
N PHE C 132 -12.47 21.11 21.59
CA PHE C 132 -11.81 20.09 22.38
C PHE C 132 -10.96 19.21 21.47
N CYS C 133 -11.58 18.71 20.41
CA CYS C 133 -10.92 17.81 19.47
C CYS C 133 -9.66 18.47 18.90
N VAL C 134 -9.75 19.78 18.65
CA VAL C 134 -8.60 20.56 18.20
C VAL C 134 -7.46 20.51 19.24
N ALA C 135 -7.76 20.88 20.47
CA ALA C 135 -6.75 20.84 21.55
C ALA C 135 -6.21 19.43 21.70
N PHE C 136 -7.13 18.47 21.72
CA PHE C 136 -6.81 17.09 22.01
C PHE C 136 -5.79 16.54 21.01
N MET C 137 -6.07 16.78 19.73
CA MET C 137 -5.19 16.27 18.67
C MET C 137 -3.83 16.99 18.59
N THR C 138 -3.82 18.25 19.06
CA THR C 138 -2.63 19.08 19.01
C THR C 138 -1.54 18.44 19.84
N GLU C 139 -1.84 17.99 21.04
CA GLU C 139 -0.84 17.24 21.81
C GLU C 139 -0.69 15.83 21.23
N LEU C 140 -1.82 15.15 20.99
CA LEU C 140 -1.80 13.73 20.59
C LEU C 140 -0.91 13.39 19.40
N CYS C 141 -0.98 14.16 18.30
CA CYS C 141 -0.41 13.71 17.02
C CYS C 141 1.09 13.41 17.04
N ARG C 142 1.82 14.10 17.88
CA ARG C 142 3.25 13.84 18.11
C ARG C 142 3.57 12.33 18.27
N HIS C 143 2.63 11.58 18.86
CA HIS C 143 2.87 10.23 19.35
C HIS C 143 2.27 9.12 18.52
N ILE C 144 1.60 9.50 17.41
CA ILE C 144 0.79 8.59 16.58
C ILE C 144 1.17 8.71 15.08
N GLY C 145 0.51 7.94 14.21
CA GLY C 145 0.80 7.93 12.73
C GLY C 145 0.28 6.69 11.99
N ALA C 146 0.28 6.74 10.66
CA ALA C 146 -0.20 5.60 9.86
C ALA C 146 0.53 4.32 10.19
N ASP C 147 1.85 4.40 10.42
CA ASP C 147 2.68 3.25 10.83
C ASP C 147 3.06 3.20 12.32
N THR C 148 2.64 4.19 13.09
CA THR C 148 2.98 4.26 14.51
C THR C 148 1.83 3.81 15.42
N ASP C 149 0.65 4.43 15.30
CA ASP C 149 -0.51 4.19 16.20
C ASP C 149 -1.70 4.79 15.52
N VAL C 150 -2.76 4.01 15.37
CA VAL C 150 -3.94 4.44 14.62
C VAL C 150 -5.18 4.46 15.50
N PRO C 151 -5.49 5.61 16.09
CA PRO C 151 -6.73 5.64 16.84
C PRO C 151 -7.98 5.55 15.96
N ALA C 152 -9.13 5.71 16.62
CA ALA C 152 -10.45 5.55 16.01
C ALA C 152 -11.48 6.08 17.03
N GLY C 153 -12.71 5.57 16.95
N GLY C 153 -12.71 5.57 16.95
CA GLY C 153 -13.74 5.89 17.91
CA GLY C 153 -13.74 5.89 17.91
C GLY C 153 -14.09 4.73 18.85
C GLY C 153 -14.09 4.73 18.85
N ASP C 154 -14.57 5.13 20.03
CA ASP C 154 -15.16 4.25 21.02
C ASP C 154 -16.42 5.03 21.48
N ILE C 155 -16.76 4.95 22.77
CA ILE C 155 -17.89 5.67 23.37
C ILE C 155 -17.62 7.17 23.42
N GLY C 156 -18.55 7.94 22.86
CA GLY C 156 -18.45 9.40 22.84
C GLY C 156 -17.59 9.98 21.71
N VAL C 157 -17.09 9.10 20.83
CA VAL C 157 -16.25 9.49 19.71
C VAL C 157 -16.84 8.85 18.46
N THR C 158 -17.72 9.60 17.78
CA THR C 158 -18.35 9.19 16.50
C THR C 158 -17.57 9.77 15.29
N GLY C 159 -18.07 9.53 14.09
CA GLY C 159 -17.52 10.13 12.87
C GLY C 159 -17.44 11.66 12.82
N ARG C 160 -18.32 12.33 13.57
CA ARG C 160 -18.27 13.78 13.68
C ARG C 160 -16.96 14.19 14.29
N GLU C 161 -16.64 13.52 15.42
CA GLU C 161 -15.46 13.82 16.25
C GLU C 161 -14.16 13.34 15.61
N ILE C 162 -14.22 12.19 14.95
CA ILE C 162 -13.09 11.64 14.20
C ILE C 162 -12.64 12.70 13.23
N GLY C 163 -13.61 13.30 12.53
CA GLY C 163 -13.34 14.35 11.53
C GLY C 163 -12.58 15.54 12.04
N TYR C 164 -12.96 16.03 13.22
CA TYR C 164 -12.26 17.14 13.85
C TYR C 164 -10.80 16.81 14.13
N LEU C 165 -10.57 15.59 14.58
CA LEU C 165 -9.21 15.13 14.89
C LEU C 165 -8.39 14.92 13.62
N PHE C 166 -9.05 14.46 12.56
CA PHE C 166 -8.38 14.17 11.32
C PHE C 166 -7.89 15.45 10.65
N GLY C 167 -8.79 16.43 10.56
CA GLY C 167 -8.49 17.76 10.02
C GLY C 167 -7.42 18.51 10.77
N GLN C 168 -7.33 18.27 12.08
CA GLN C 168 -6.31 18.90 12.88
C GLN C 168 -5.02 18.13 12.70
N TYR C 169 -5.10 16.81 12.66
CA TYR C 169 -3.91 16.01 12.38
C TYR C 169 -3.25 16.44 11.07
N ARG C 170 -4.06 16.57 10.02
CA ARG C 170 -3.61 16.95 8.67
C ARG C 170 -2.89 18.29 8.63
N LYS C 171 -3.46 19.27 9.33
CA LYS C 171 -2.81 20.57 9.55
C LYS C 171 -1.49 20.33 10.23
N LEU C 172 -1.55 19.87 11.45
CA LEU C 172 -0.33 19.75 12.26
C LEU C 172 0.82 18.93 11.65
N ARG C 173 0.51 17.82 10.97
CA ARG C 173 1.56 16.91 10.46
C ARG C 173 1.86 17.08 8.98
N ASN C 174 1.11 17.95 8.31
CA ASN C 174 1.17 18.17 6.87
C ASN C 174 1.16 16.86 6.15
N SER C 175 0.19 16.04 6.51
CA SER C 175 0.11 14.72 5.95
C SER C 175 -1.32 14.24 5.89
N TRP C 176 -1.68 13.70 4.73
CA TRP C 176 -2.92 12.95 4.54
C TRP C 176 -2.56 11.45 4.55
N GLU C 177 -2.87 10.81 5.68
CA GLU C 177 -2.47 9.42 5.88
C GLU C 177 -3.49 8.67 6.71
N GLY C 178 -3.37 7.33 6.74
CA GLY C 178 -4.30 6.43 7.46
C GLY C 178 -4.02 6.32 8.95
N VAL C 179 -4.01 7.50 9.58
CA VAL C 179 -3.75 7.71 11.02
C VAL C 179 -4.96 7.53 11.92
N LEU C 180 -6.15 7.69 11.33
CA LEU C 180 -7.43 7.38 11.96
C LEU C 180 -8.30 6.48 11.07
N THR C 181 -9.22 5.76 11.74
CA THR C 181 -10.24 4.93 11.08
C THR C 181 -11.62 5.32 11.60
N GLY C 182 -12.65 4.90 10.88
CA GLY C 182 -14.02 5.36 11.14
C GLY C 182 -14.19 6.77 10.61
N LYS C 183 -13.70 6.96 9.38
CA LYS C 183 -13.71 8.26 8.68
C LYS C 183 -14.84 8.29 7.70
N GLY C 184 -15.14 9.50 7.25
CA GLY C 184 -16.14 9.75 6.21
C GLY C 184 -15.83 9.13 4.85
N GLY C 185 -16.87 8.96 4.04
CA GLY C 185 -16.76 8.37 2.70
C GLY C 185 -15.84 9.18 1.79
N SER C 186 -16.15 10.47 1.62
CA SER C 186 -15.34 11.36 0.78
C SER C 186 -13.82 11.30 1.09
N TRP C 187 -13.45 11.14 2.36
CA TRP C 187 -12.06 11.38 2.84
C TRP C 187 -11.41 10.20 3.61
N GLY C 188 -11.23 9.07 2.92
CA GLY C 188 -10.38 7.99 3.43
C GLY C 188 -11.06 6.94 4.29
N GLY C 189 -12.36 7.10 4.52
CA GLY C 189 -13.15 6.09 5.24
C GLY C 189 -13.43 4.87 4.39
N SER C 190 -14.09 3.87 5.01
CA SER C 190 -14.51 2.62 4.35
C SER C 190 -16.02 2.38 4.47
N LEU C 191 -16.57 1.67 3.49
CA LEU C 191 -17.94 1.17 3.57
C LEU C 191 -17.96 -0.01 4.52
N ILE C 192 -19.10 -0.20 5.19
CA ILE C 192 -19.30 -1.28 6.17
C ILE C 192 -18.49 -1.06 7.48
N ARG C 193 -17.83 0.08 7.65
CA ARG C 193 -17.27 0.43 8.97
C ARG C 193 -18.35 0.81 10.03
N PRO C 194 -19.29 1.76 9.74
CA PRO C 194 -20.42 2.04 10.68
C PRO C 194 -21.06 0.76 11.20
N GLU C 195 -21.39 -0.09 10.26
CA GLU C 195 -22.09 -1.31 10.52
C GLU C 195 -21.19 -2.32 11.26
N ALA C 196 -19.92 -2.41 10.81
CA ALA C 196 -18.95 -3.51 11.14
C ALA C 196 -19.04 -4.22 12.53
N THR C 197 -18.95 -3.45 13.63
CA THR C 197 -18.87 -4.05 14.96
C THR C 197 -20.12 -4.82 15.30
N GLY C 198 -21.29 -4.22 15.12
CA GLY C 198 -22.57 -4.91 15.40
C GLY C 198 -22.89 -6.11 14.50
N TYR C 199 -22.68 -5.93 13.20
CA TYR C 199 -22.77 -7.01 12.24
C TYR C 199 -21.83 -8.15 12.69
N GLY C 200 -20.60 -7.77 13.03
CA GLY C 200 -19.55 -8.70 13.44
C GLY C 200 -19.93 -9.55 14.62
N VAL C 201 -20.63 -8.93 15.56
CA VAL C 201 -21.17 -9.64 16.72
C VAL C 201 -22.21 -10.66 16.22
N VAL C 202 -23.21 -10.21 15.47
CA VAL C 202 -24.28 -11.11 14.98
C VAL C 202 -23.80 -12.18 13.96
N TYR C 203 -22.71 -11.94 13.23
CA TYR C 203 -22.11 -13.01 12.40
C TYR C 203 -21.45 -14.06 13.28
N TYR C 204 -20.68 -13.63 14.27
CA TYR C 204 -20.02 -14.53 15.24
C TYR C 204 -20.99 -15.47 15.96
N VAL C 205 -22.16 -14.92 16.31
CA VAL C 205 -23.20 -15.65 17.05
C VAL C 205 -23.94 -16.58 16.09
N GLU C 206 -24.25 -16.08 14.88
CA GLU C 206 -24.71 -16.91 13.76
C GLU C 206 -23.90 -18.21 13.70
N HIS C 207 -22.59 -18.14 13.92
CA HIS C 207 -21.74 -19.35 13.97
C HIS C 207 -21.94 -20.16 15.24
N MET C 208 -21.95 -19.49 16.39
CA MET C 208 -22.25 -20.17 17.67
C MET C 208 -23.56 -20.98 17.59
N ILE C 209 -24.58 -20.37 16.99
CA ILE C 209 -25.88 -21.01 16.80
C ILE C 209 -25.77 -22.16 15.81
N ALA C 210 -24.96 -22.00 14.77
CA ALA C 210 -24.72 -23.10 13.84
C ALA C 210 -24.09 -24.32 14.50
N HIS C 211 -23.08 -24.12 15.35
CA HIS C 211 -22.41 -25.25 15.99
C HIS C 211 -23.34 -25.96 16.95
N ALA C 212 -23.92 -25.23 17.91
CA ALA C 212 -24.87 -25.78 18.89
C ALA C 212 -26.06 -26.61 18.30
N THR C 213 -26.55 -26.23 17.12
CA THR C 213 -27.69 -26.92 16.45
C THR C 213 -27.32 -27.64 15.13
N ASN C 214 -26.04 -27.83 14.85
CA ASN C 214 -25.57 -28.38 13.58
C ASN C 214 -26.22 -27.78 12.31
N GLY C 215 -26.42 -26.47 12.30
CA GLY C 215 -27.06 -25.77 11.19
C GLY C 215 -28.59 -25.71 11.22
N ALA C 216 -29.22 -26.41 12.17
CA ALA C 216 -30.70 -26.51 12.21
C ALA C 216 -31.42 -25.23 12.70
N GLU C 217 -30.72 -24.35 13.38
CA GLU C 217 -31.31 -23.09 13.79
C GLU C 217 -30.42 -21.95 13.31
N SER C 218 -30.96 -20.74 13.42
CA SER C 218 -30.24 -19.52 13.09
C SER C 218 -30.76 -18.41 14.01
N PHE C 219 -30.47 -17.15 13.67
CA PHE C 219 -31.18 -16.02 14.30
C PHE C 219 -32.67 -15.94 13.93
N ALA C 220 -33.09 -16.75 12.95
CA ALA C 220 -34.47 -16.86 12.55
C ALA C 220 -35.28 -17.36 13.75
N GLY C 221 -36.28 -16.56 14.14
CA GLY C 221 -37.15 -16.90 15.26
C GLY C 221 -36.65 -16.52 16.65
N LYS C 222 -35.36 -16.25 16.79
CA LYS C 222 -34.77 -16.02 18.12
C LYS C 222 -35.15 -14.65 18.69
N ARG C 223 -35.40 -14.60 20.01
CA ARG C 223 -35.53 -13.36 20.74
C ARG C 223 -34.18 -12.92 21.26
N VAL C 224 -33.87 -11.64 21.06
CA VAL C 224 -32.55 -11.13 21.28
C VAL C 224 -32.66 -9.89 22.14
N ALA C 225 -31.99 -9.95 23.30
CA ALA C 225 -31.95 -8.85 24.29
C ALA C 225 -30.64 -8.09 24.14
N ILE C 226 -30.75 -6.83 23.76
CA ILE C 226 -29.60 -5.97 23.45
C ILE C 226 -29.60 -4.78 24.41
N SER C 227 -28.42 -4.38 24.90
CA SER C 227 -28.25 -3.18 25.75
C SER C 227 -27.49 -2.08 25.00
N GLY C 228 -27.63 -0.85 25.48
CA GLY C 228 -27.01 0.30 24.79
C GLY C 228 -27.79 0.69 23.54
N SER C 229 -27.54 1.88 23.01
CA SER C 229 -28.23 2.30 21.79
C SER C 229 -27.34 3.12 20.91
N GLY C 230 -26.06 2.78 20.91
CA GLY C 230 -25.06 3.45 20.09
C GLY C 230 -24.68 2.65 18.87
N ASN C 231 -23.45 2.88 18.40
CA ASN C 231 -22.93 2.28 17.17
C ASN C 231 -22.97 0.75 17.21
N VAL C 232 -22.56 0.14 18.32
CA VAL C 232 -22.55 -1.34 18.40
C VAL C 232 -23.98 -1.84 18.50
N ALA C 233 -24.72 -1.24 19.44
CA ALA C 233 -26.10 -1.64 19.70
C ALA C 233 -27.02 -1.50 18.48
N GLN C 234 -26.88 -0.41 17.74
CA GLN C 234 -27.74 -0.12 16.59
C GLN C 234 -27.65 -1.10 15.42
N TYR C 235 -26.43 -1.43 15.03
CA TYR C 235 -26.21 -2.23 13.83
C TYR C 235 -26.23 -3.72 14.11
N ALA C 236 -25.92 -4.09 15.36
CA ALA C 236 -26.20 -5.42 15.83
C ALA C 236 -27.69 -5.67 15.68
N ALA C 237 -28.51 -4.77 16.20
CA ALA C 237 -29.97 -4.87 16.12
C ALA C 237 -30.51 -4.91 14.68
N LEU C 238 -30.04 -4.01 13.83
CA LEU C 238 -30.40 -4.03 12.41
C LEU C 238 -30.15 -5.39 11.69
N LYS C 239 -29.02 -6.03 12.00
CA LYS C 239 -28.65 -7.34 11.44
C LYS C 239 -29.50 -8.48 11.99
N VAL C 240 -29.85 -8.41 13.28
CA VAL C 240 -30.78 -9.36 13.87
C VAL C 240 -32.08 -9.34 13.09
N ILE C 241 -32.69 -8.16 13.00
CA ILE C 241 -33.96 -7.99 12.28
C ILE C 241 -33.89 -8.49 10.84
N GLU C 242 -32.80 -8.14 10.17
CA GLU C 242 -32.46 -8.67 8.84
C GLU C 242 -32.49 -10.21 8.80
N LEU C 243 -31.89 -10.87 9.77
CA LEU C 243 -31.87 -12.34 9.80
C LEU C 243 -33.15 -13.01 10.38
N GLY C 244 -34.25 -12.25 10.50
CA GLY C 244 -35.51 -12.77 11.03
C GLY C 244 -35.53 -13.01 12.53
N GLY C 245 -34.77 -12.23 13.29
CA GLY C 245 -34.72 -12.34 14.73
C GLY C 245 -35.47 -11.17 15.34
N ARG C 246 -35.96 -11.36 16.56
CA ARG C 246 -36.76 -10.34 17.22
C ARG C 246 -35.95 -9.64 18.31
N VAL C 247 -35.67 -8.35 18.10
CA VAL C 247 -34.96 -7.56 19.08
C VAL C 247 -36.02 -7.06 20.07
N VAL C 248 -35.89 -7.50 21.34
CA VAL C 248 -36.86 -7.19 22.39
C VAL C 248 -36.43 -6.07 23.33
N SER C 249 -35.13 -5.77 23.40
CA SER C 249 -34.59 -4.75 24.32
C SER C 249 -33.56 -3.80 23.67
N LEU C 250 -33.58 -2.56 24.12
CA LEU C 250 -32.46 -1.66 24.01
C LEU C 250 -32.35 -0.93 25.34
N SER C 251 -31.29 -0.16 25.53
CA SER C 251 -31.09 0.59 26.77
C SER C 251 -30.19 1.76 26.50
N ASP C 252 -29.94 2.56 27.54
CA ASP C 252 -28.91 3.62 27.54
C ASP C 252 -28.45 3.84 29.00
N SER C 253 -27.74 4.93 29.28
CA SER C 253 -27.21 5.13 30.61
C SER C 253 -28.28 5.48 31.64
N GLN C 254 -29.45 5.92 31.20
CA GLN C 254 -30.57 6.27 32.09
C GLN C 254 -31.54 5.13 32.28
N GLY C 255 -31.87 4.43 31.20
CA GLY C 255 -32.83 3.33 31.26
C GLY C 255 -32.89 2.35 30.11
N SER C 256 -33.82 1.41 30.24
CA SER C 256 -34.03 0.33 29.27
C SER C 256 -35.39 0.48 28.63
N LEU C 257 -35.47 0.09 27.36
CA LEU C 257 -36.68 0.19 26.59
C LEU C 257 -36.95 -1.18 26.01
N ILE C 258 -38.02 -1.82 26.49
CA ILE C 258 -38.34 -3.20 26.15
C ILE C 258 -39.71 -3.27 25.45
N VAL C 259 -39.87 -4.19 24.50
CA VAL C 259 -41.18 -4.43 23.90
C VAL C 259 -42.10 -5.03 24.95
N LYS C 260 -43.38 -4.66 24.88
CA LYS C 260 -44.38 -5.18 25.81
C LYS C 260 -44.65 -6.68 25.65
N ASP C 261 -44.72 -7.17 24.41
CA ASP C 261 -44.93 -8.59 24.15
C ASP C 261 -43.61 -9.25 23.69
N THR C 262 -42.76 -9.71 24.61
CA THR C 262 -41.36 -10.12 24.24
C THR C 262 -41.30 -11.38 23.38
N ALA C 263 -42.21 -12.31 23.70
CA ALA C 263 -42.47 -13.48 22.87
C ALA C 263 -42.68 -13.17 21.36
N LYS C 264 -43.80 -12.51 20.99
CA LYS C 264 -44.17 -12.31 19.57
C LYS C 264 -43.63 -11.01 18.86
N ASP C 265 -42.99 -10.11 19.59
CA ASP C 265 -42.78 -8.70 19.10
C ASP C 265 -41.30 -8.27 18.98
N SER C 266 -41.02 -7.23 18.16
CA SER C 266 -39.64 -6.75 17.90
C SER C 266 -39.53 -5.28 17.52
N PHE C 267 -38.31 -4.75 17.57
CA PHE C 267 -38.02 -3.40 17.05
C PHE C 267 -38.03 -3.44 15.54
N THR C 268 -38.50 -2.35 14.94
CA THR C 268 -38.41 -2.14 13.48
C THR C 268 -37.13 -1.37 13.19
N PRO C 269 -36.58 -1.51 11.97
CA PRO C 269 -35.42 -0.67 11.61
C PRO C 269 -35.68 0.85 11.71
N ALA C 270 -36.90 1.27 11.37
CA ALA C 270 -37.32 2.69 11.46
C ALA C 270 -37.21 3.29 12.87
N GLU C 271 -37.48 2.48 13.90
CA GLU C 271 -37.40 2.91 15.31
C GLU C 271 -35.96 3.04 15.75
N ILE C 272 -35.14 2.07 15.33
CA ILE C 272 -33.70 2.11 15.53
C ILE C 272 -33.11 3.39 14.90
N ASP C 273 -33.48 3.70 13.66
CA ASP C 273 -33.07 4.97 13.03
C ASP C 273 -33.49 6.21 13.83
N ALA C 274 -34.70 6.18 14.40
CA ALA C 274 -35.22 7.29 15.23
C ALA C 274 -34.48 7.49 16.57
N ILE C 275 -33.96 6.40 17.14
CA ILE C 275 -33.07 6.46 18.31
C ILE C 275 -31.67 6.90 17.91
N ALA C 276 -31.12 6.24 16.89
CA ALA C 276 -29.77 6.55 16.37
C ALA C 276 -29.57 8.06 16.14
N ALA C 277 -30.70 8.68 15.78
CA ALA C 277 -30.87 10.13 15.60
C ALA C 277 -30.87 10.86 16.91
N LEU C 278 -31.63 10.36 17.87
CA LEU C 278 -31.54 10.88 19.23
C LEU C 278 -30.12 10.87 19.79
N LYS C 279 -29.31 9.84 19.48
CA LYS C 279 -27.91 9.79 19.99
C LYS C 279 -26.93 10.63 19.20
N VAL C 280 -27.18 10.84 17.91
CA VAL C 280 -26.41 11.85 17.18
C VAL C 280 -26.61 13.20 17.86
N ASP C 281 -27.82 13.46 18.37
CA ASP C 281 -28.13 14.66 19.20
C ASP C 281 -27.70 14.58 20.69
N ARG C 282 -27.13 13.45 21.12
CA ARG C 282 -26.76 13.21 22.53
C ARG C 282 -27.95 13.40 23.46
N LYS C 283 -29.12 12.98 22.98
CA LYS C 283 -30.39 13.08 23.69
C LYS C 283 -30.71 11.68 24.18
N GLN C 284 -31.42 11.65 25.30
CA GLN C 284 -31.70 10.39 25.96
C GLN C 284 -32.88 9.71 25.29
N ILE C 285 -32.85 8.38 25.37
CA ILE C 285 -33.85 7.48 24.83
C ILE C 285 -35.18 7.68 25.57
N ALA C 286 -35.06 8.09 26.84
CA ALA C 286 -36.16 8.53 27.72
C ALA C 286 -37.22 9.37 27.02
N GLU C 287 -36.78 10.29 26.18
CA GLU C 287 -37.67 11.20 25.45
C GLU C 287 -38.82 10.54 24.68
N LEU C 288 -38.75 9.23 24.46
CA LEU C 288 -39.83 8.49 23.77
C LEU C 288 -41.04 8.14 24.65
N VAL C 289 -40.94 8.36 25.98
CA VAL C 289 -42.11 8.28 26.91
C VAL C 289 -43.32 9.15 26.50
N THR C 290 -43.07 10.17 25.68
CA THR C 290 -44.04 11.16 25.27
C THR C 290 -44.55 11.01 23.82
N ASP C 291 -44.09 10.00 23.07
CA ASP C 291 -44.64 9.69 21.74
C ASP C 291 -45.58 8.47 21.88
N ALA C 292 -46.86 8.67 21.54
CA ALA C 292 -47.90 7.61 21.60
C ALA C 292 -47.50 6.36 20.82
N ALA C 293 -46.93 6.57 19.63
CA ALA C 293 -46.38 5.49 18.80
C ALA C 293 -45.57 4.47 19.61
N PHE C 294 -44.59 4.97 20.37
CA PHE C 294 -43.66 4.14 21.11
C PHE C 294 -44.27 3.63 22.43
N ALA C 295 -45.04 4.50 23.09
CA ALA C 295 -45.67 4.23 24.40
C ALA C 295 -46.62 3.05 24.36
N ASP C 296 -47.42 2.99 23.30
CA ASP C 296 -48.29 1.83 23.02
C ASP C 296 -47.48 0.53 22.94
N LYS C 297 -46.37 0.53 22.18
CA LYS C 297 -45.58 -0.70 21.88
C LYS C 297 -44.48 -1.07 22.87
N PHE C 298 -43.87 -0.06 23.51
CA PHE C 298 -42.72 -0.25 24.42
C PHE C 298 -42.99 0.10 25.92
N THR C 299 -42.03 -0.23 26.77
CA THR C 299 -42.06 0.12 28.21
C THR C 299 -40.67 0.66 28.57
N TYR C 300 -40.59 1.95 28.92
CA TYR C 300 -39.33 2.54 29.45
C TYR C 300 -39.20 2.25 30.96
N LEU C 301 -37.99 1.91 31.39
CA LEU C 301 -37.72 1.40 32.74
C LEU C 301 -36.55 2.14 33.34
N PRO C 302 -36.79 3.34 33.84
CA PRO C 302 -35.66 4.19 34.23
C PRO C 302 -34.83 3.55 35.33
N GLY C 303 -33.54 3.47 35.09
CA GLY C 303 -32.60 2.89 36.04
C GLY C 303 -32.48 1.37 36.05
N GLN C 304 -33.05 0.68 35.08
CA GLN C 304 -32.94 -0.78 35.01
C GLN C 304 -32.18 -1.20 33.76
N ARG C 305 -31.26 -2.15 33.90
CA ARG C 305 -30.78 -2.90 32.74
C ARG C 305 -31.90 -3.79 32.24
N PRO C 306 -31.85 -4.22 30.98
CA PRO C 306 -32.94 -5.01 30.42
C PRO C 306 -32.97 -6.49 30.80
N TRP C 307 -31.94 -7.01 31.45
CA TRP C 307 -31.68 -8.47 31.48
C TRP C 307 -32.75 -9.30 32.19
N VAL C 308 -33.33 -8.72 33.24
CA VAL C 308 -34.35 -9.42 34.02
C VAL C 308 -35.80 -9.05 33.65
N HIS C 309 -35.99 -8.21 32.64
CA HIS C 309 -37.33 -7.74 32.24
C HIS C 309 -37.78 -8.16 30.79
N VAL C 310 -37.00 -9.02 30.14
CA VAL C 310 -37.32 -9.44 28.78
C VAL C 310 -38.15 -10.73 28.72
N GLY C 311 -38.47 -11.28 29.90
CA GLY C 311 -39.12 -12.57 30.02
C GLY C 311 -38.15 -13.65 29.54
N ALA C 312 -38.71 -14.69 28.93
CA ALA C 312 -37.93 -15.70 28.25
C ALA C 312 -37.28 -15.07 27.01
N VAL C 313 -35.99 -15.34 26.87
CA VAL C 313 -35.21 -14.77 25.80
C VAL C 313 -34.12 -15.78 25.44
N ASP C 314 -33.51 -15.61 24.27
CA ASP C 314 -32.62 -16.65 23.67
C ASP C 314 -31.16 -16.22 23.55
N VAL C 315 -30.97 -15.00 23.07
CA VAL C 315 -29.65 -14.42 22.82
C VAL C 315 -29.56 -13.08 23.55
N ALA C 316 -28.40 -12.85 24.17
CA ALA C 316 -28.13 -11.64 24.95
C ALA C 316 -26.88 -11.00 24.37
N LEU C 317 -27.02 -9.74 23.94
CA LEU C 317 -25.90 -8.96 23.38
C LEU C 317 -25.65 -7.69 24.19
N PRO C 318 -24.91 -7.80 25.29
CA PRO C 318 -24.45 -6.59 25.95
C PRO C 318 -23.75 -5.67 24.93
N SER C 319 -24.24 -4.45 24.73
CA SER C 319 -23.60 -3.57 23.73
C SER C 319 -23.46 -2.11 24.15
N ALA C 320 -23.27 -1.89 25.46
CA ALA C 320 -23.21 -0.54 26.02
C ALA C 320 -21.82 -0.16 26.57
N THR C 321 -21.39 -0.85 27.61
CA THR C 321 -20.19 -0.47 28.37
C THR C 321 -19.78 -1.68 29.20
N GLN C 322 -18.59 -1.62 29.79
CA GLN C 322 -18.09 -2.72 30.64
C GLN C 322 -18.98 -2.99 31.87
N ASN C 323 -18.89 -4.22 32.37
CA ASN C 323 -19.47 -4.64 33.66
C ASN C 323 -20.98 -4.28 33.83
N GLU C 324 -21.73 -4.57 32.76
CA GLU C 324 -23.15 -4.26 32.65
C GLU C 324 -24.06 -5.51 32.75
N VAL C 325 -23.51 -6.60 33.26
CA VAL C 325 -24.19 -7.87 33.43
C VAL C 325 -23.68 -8.41 34.79
N SER C 326 -24.46 -8.20 35.85
CA SER C 326 -24.08 -8.68 37.20
C SER C 326 -24.14 -10.21 37.34
N GLY C 327 -23.70 -10.72 38.49
CA GLY C 327 -23.85 -12.15 38.79
C GLY C 327 -25.31 -12.53 38.76
N GLU C 328 -26.07 -11.81 39.59
CA GLU C 328 -27.54 -11.84 39.64
C GLU C 328 -28.22 -11.85 38.28
N GLU C 329 -27.81 -10.90 37.44
CA GLU C 329 -28.43 -10.70 36.12
C GLU C 329 -28.18 -11.91 35.19
N ALA C 330 -26.95 -12.44 35.22
CA ALA C 330 -26.57 -13.60 34.39
C ALA C 330 -27.34 -14.85 34.75
N GLN C 331 -27.54 -15.07 36.06
CA GLN C 331 -28.42 -16.14 36.56
C GLN C 331 -29.83 -16.07 35.97
N ALA C 332 -30.43 -14.88 35.98
CA ALA C 332 -31.78 -14.65 35.44
C ALA C 332 -31.85 -14.95 33.93
N LEU C 333 -30.76 -14.70 33.21
CA LEU C 333 -30.69 -15.03 31.79
C LEU C 333 -30.62 -16.54 31.53
N ILE C 334 -29.95 -17.28 32.42
CA ILE C 334 -30.01 -18.77 32.40
C ILE C 334 -31.46 -19.25 32.63
N ALA C 335 -32.09 -18.71 33.69
CA ALA C 335 -33.53 -18.87 34.03
C ALA C 335 -34.54 -18.59 32.90
N ALA C 336 -34.23 -17.62 32.05
CA ALA C 336 -35.07 -17.29 30.89
C ALA C 336 -34.84 -18.22 29.68
N GLY C 337 -33.80 -19.05 29.77
CA GLY C 337 -33.43 -19.97 28.69
C GLY C 337 -32.62 -19.32 27.58
N CYS C 338 -31.82 -18.32 27.94
CA CYS C 338 -30.86 -17.74 27.01
C CYS C 338 -29.79 -18.81 26.91
N LYS C 339 -29.38 -19.10 25.67
CA LYS C 339 -28.35 -20.11 25.38
C LYS C 339 -27.12 -19.54 24.64
N PHE C 340 -27.16 -18.24 24.38
CA PHE C 340 -26.10 -17.56 23.64
C PHE C 340 -25.95 -16.16 24.20
N ILE C 341 -24.72 -15.80 24.53
CA ILE C 341 -24.44 -14.44 24.99
C ILE C 341 -23.04 -14.05 24.58
N ALA C 342 -22.96 -12.94 23.85
CA ALA C 342 -21.72 -12.39 23.34
C ALA C 342 -21.57 -10.93 23.78
N GLU C 343 -20.39 -10.60 24.31
CA GLU C 343 -20.01 -9.23 24.62
C GLU C 343 -19.83 -8.39 23.32
N GLY C 344 -20.79 -7.52 23.03
CA GLY C 344 -20.60 -6.43 22.06
C GLY C 344 -19.70 -5.35 22.66
N SER C 345 -20.02 -4.98 23.89
CA SER C 345 -19.22 -4.04 24.67
C SER C 345 -17.91 -4.67 25.14
N ASN C 346 -16.88 -3.86 25.29
CA ASN C 346 -15.60 -4.37 25.77
C ASN C 346 -15.69 -4.61 27.27
N MET C 347 -15.19 -5.78 27.69
CA MET C 347 -15.39 -6.38 29.03
C MET C 347 -16.80 -6.20 29.58
N GLY C 348 -17.78 -6.46 28.75
CA GLY C 348 -19.19 -6.19 29.06
C GLY C 348 -19.83 -7.00 30.18
N CYS C 349 -19.35 -8.22 30.39
CA CYS C 349 -19.85 -9.10 31.44
C CYS C 349 -18.94 -9.04 32.65
N THR C 350 -19.56 -9.12 33.83
CA THR C 350 -18.83 -9.12 35.10
C THR C 350 -18.16 -10.47 35.30
N GLN C 351 -17.28 -10.58 36.29
CA GLN C 351 -16.64 -11.87 36.59
C GLN C 351 -17.67 -12.86 37.15
N ALA C 352 -18.60 -12.36 37.94
CA ALA C 352 -19.68 -13.19 38.47
C ALA C 352 -20.44 -13.86 37.33
N ALA C 353 -20.83 -13.01 36.37
CA ALA C 353 -21.56 -13.41 35.18
C ALA C 353 -20.79 -14.39 34.26
N ILE C 354 -19.51 -14.12 34.03
CA ILE C 354 -18.63 -15.03 33.27
C ILE C 354 -18.59 -16.35 34.03
N ASP C 355 -18.38 -16.29 35.34
CA ASP C 355 -18.21 -17.50 36.15
C ASP C 355 -19.43 -18.37 36.16
N ALA C 356 -20.60 -17.74 36.15
CA ALA C 356 -21.88 -18.45 36.07
C ALA C 356 -22.12 -19.11 34.70
N PHE C 357 -21.88 -18.38 33.61
CA PHE C 357 -22.03 -18.91 32.25
C PHE C 357 -21.04 -20.02 31.89
N GLU C 358 -19.84 -19.97 32.45
CA GLU C 358 -18.86 -21.02 32.20
C GLU C 358 -19.19 -22.26 33.03
N ALA C 359 -19.45 -22.07 34.32
CA ALA C 359 -19.88 -23.18 35.19
C ALA C 359 -21.11 -23.90 34.60
N HIS C 360 -22.02 -23.14 34.01
CA HIS C 360 -23.21 -23.69 33.33
C HIS C 360 -22.90 -24.49 32.03
N ARG C 361 -21.96 -24.01 31.25
CA ARG C 361 -21.54 -24.67 30.02
C ARG C 361 -20.99 -26.05 30.31
N GLU C 362 -20.32 -26.15 31.46
CA GLU C 362 -19.68 -27.39 31.93
C GLU C 362 -20.63 -28.35 32.65
N ALA C 363 -21.73 -27.80 33.17
CA ALA C 363 -22.84 -28.58 33.78
C ALA C 363 -23.88 -29.13 32.80
N ASN C 364 -24.01 -28.53 31.61
CA ASN C 364 -25.05 -28.87 30.65
C ASN C 364 -24.44 -29.25 29.29
N LYS C 365 -24.89 -30.38 28.75
CA LYS C 365 -24.31 -30.90 27.50
C LYS C 365 -25.02 -30.32 26.30
N GLY C 366 -24.26 -30.11 25.24
CA GLY C 366 -24.79 -29.57 23.98
C GLY C 366 -25.61 -28.29 24.14
N ALA C 367 -26.72 -28.21 23.40
CA ALA C 367 -27.55 -27.00 23.33
C ALA C 367 -28.43 -26.71 24.56
N ALA C 368 -28.26 -27.47 25.64
CA ALA C 368 -28.88 -27.15 26.93
C ALA C 368 -28.12 -26.01 27.59
N ALA C 369 -26.80 -26.04 27.38
CA ALA C 369 -25.88 -25.05 27.93
C ALA C 369 -26.07 -23.64 27.34
N ILE C 370 -25.73 -22.64 28.16
CA ILE C 370 -25.61 -21.25 27.68
C ILE C 370 -24.15 -20.99 27.28
N TRP C 371 -23.98 -20.26 26.18
CA TRP C 371 -22.67 -20.16 25.55
C TRP C 371 -22.19 -18.73 25.53
N TYR C 372 -21.12 -18.46 26.29
CA TYR C 372 -20.54 -17.11 26.41
C TYR C 372 -19.39 -16.94 25.45
N ALA C 373 -19.40 -15.85 24.72
CA ALA C 373 -18.30 -15.50 23.87
C ALA C 373 -17.70 -14.13 24.29
N PRO C 374 -16.36 -14.04 24.44
CA PRO C 374 -15.81 -12.79 24.96
C PRO C 374 -15.89 -11.64 23.96
N GLY C 375 -15.64 -10.42 24.47
CA GLY C 375 -15.62 -9.20 23.65
C GLY C 375 -14.61 -9.33 22.53
N LYS C 376 -13.40 -9.71 22.90
CA LYS C 376 -12.30 -9.85 21.95
C LYS C 376 -12.54 -10.79 20.76
N ALA C 377 -13.48 -11.72 20.86
CA ALA C 377 -13.80 -12.56 19.71
C ALA C 377 -14.93 -11.97 18.90
N ALA C 378 -16.01 -11.56 19.57
CA ALA C 378 -17.27 -11.11 18.93
C ALA C 378 -17.27 -9.70 18.32
N ASN C 379 -16.76 -8.71 19.04
CA ASN C 379 -16.77 -7.33 18.54
C ASN C 379 -15.54 -6.99 17.72
N ALA C 380 -14.62 -7.94 17.59
CA ALA C 380 -13.45 -7.80 16.69
C ALA C 380 -13.71 -7.28 15.26
N GLY C 381 -14.96 -7.38 14.79
CA GLY C 381 -15.35 -6.80 13.53
C GLY C 381 -15.10 -5.31 13.39
N GLY C 382 -15.19 -4.55 14.47
CA GLY C 382 -14.95 -3.12 14.39
C GLY C 382 -13.54 -2.87 13.90
N VAL C 383 -12.57 -3.39 14.66
CA VAL C 383 -11.15 -3.19 14.39
C VAL C 383 -10.67 -4.03 13.20
N ALA C 384 -11.40 -5.06 12.83
CA ALA C 384 -11.08 -5.82 11.63
C ALA C 384 -11.30 -4.98 10.36
N VAL C 385 -12.45 -4.30 10.28
CA VAL C 385 -12.75 -3.43 9.17
C VAL C 385 -12.04 -2.10 9.35
N SER C 386 -11.87 -1.70 10.61
CA SER C 386 -10.97 -0.60 10.91
C SER C 386 -9.63 -0.95 10.29
N GLY C 387 -9.13 -2.16 10.52
CA GLY C 387 -7.88 -2.64 9.91
C GLY C 387 -7.88 -2.73 8.39
N LEU C 388 -9.07 -2.90 7.81
CA LEU C 388 -9.27 -2.82 6.35
C LEU C 388 -9.31 -1.38 5.79
N GLU C 389 -9.71 -0.40 6.63
CA GLU C 389 -9.59 1.02 6.27
C GLU C 389 -8.18 1.35 5.95
N MET C 390 -7.28 0.96 6.86
CA MET C 390 -5.84 1.15 6.69
C MET C 390 -5.30 0.45 5.43
N ALA C 391 -5.78 -0.76 5.18
CA ALA C 391 -5.43 -1.51 3.97
C ALA C 391 -5.89 -0.84 2.68
N GLN C 392 -7.02 -0.15 2.77
CA GLN C 392 -7.55 0.65 1.66
C GLN C 392 -6.81 1.98 1.48
N ASN C 393 -6.55 2.67 2.59
CA ASN C 393 -5.80 3.91 2.58
C ASN C 393 -4.39 3.68 2.10
N SER C 394 -3.76 2.60 2.56
CA SER C 394 -2.42 2.25 2.06
C SER C 394 -2.37 1.97 0.55
N ALA C 395 -3.40 1.32 0.02
CA ALA C 395 -3.48 1.03 -1.43
C ALA C 395 -4.13 2.16 -2.26
N ARG C 396 -4.66 3.18 -1.56
CA ARG C 396 -5.20 4.43 -2.14
C ARG C 396 -6.40 4.20 -3.03
N LEU C 397 -7.16 3.17 -2.67
CA LEU C 397 -8.38 2.80 -3.38
C LEU C 397 -9.53 2.67 -2.36
N SER C 398 -10.76 2.47 -2.88
CA SER C 398 -11.96 2.16 -2.08
C SER C 398 -12.66 0.91 -2.58
N TRP C 399 -13.20 0.12 -1.65
CA TRP C 399 -13.72 -1.20 -1.92
C TRP C 399 -15.25 -1.18 -1.89
N THR C 400 -15.86 -2.13 -2.60
CA THR C 400 -17.31 -2.17 -2.74
C THR C 400 -17.88 -2.58 -1.38
N ALA C 401 -19.12 -2.14 -1.13
CA ALA C 401 -19.77 -2.48 0.12
C ALA C 401 -19.62 -3.98 0.42
N GLU C 402 -19.88 -4.84 -0.58
CA GLU C 402 -19.84 -6.31 -0.33
C GLU C 402 -18.45 -6.93 -0.43
N GLU C 403 -17.48 -6.23 -1.03
CA GLU C 403 -16.09 -6.66 -0.89
C GLU C 403 -15.73 -6.66 0.60
N VAL C 404 -16.13 -5.61 1.33
CA VAL C 404 -15.86 -5.54 2.78
C VAL C 404 -16.75 -6.44 3.65
N ASP C 405 -18.03 -6.54 3.33
CA ASP C 405 -18.92 -7.39 4.15
C ASP C 405 -18.45 -8.83 4.12
N ALA C 406 -18.01 -9.28 2.94
CA ALA C 406 -17.45 -10.62 2.74
C ALA C 406 -16.14 -10.86 3.49
N ARG C 407 -15.21 -9.92 3.36
CA ARG C 407 -13.94 -9.98 4.12
C ARG C 407 -14.22 -10.07 5.62
N LEU C 408 -15.19 -9.27 6.09
CA LEU C 408 -15.65 -9.28 7.48
C LEU C 408 -16.18 -10.64 7.90
N LYS C 409 -17.19 -11.14 7.18
CA LYS C 409 -17.81 -12.43 7.50
C LYS C 409 -16.76 -13.54 7.64
N ASP C 410 -15.85 -13.64 6.67
CA ASP C 410 -14.76 -14.62 6.68
C ASP C 410 -13.88 -14.52 7.95
N ILE C 411 -13.57 -13.29 8.38
CA ILE C 411 -12.76 -13.05 9.62
C ILE C 411 -13.44 -13.50 10.92
N MET C 412 -14.76 -13.31 11.01
CA MET C 412 -15.54 -13.78 12.16
C MET C 412 -15.69 -15.31 12.19
N LYS C 413 -15.80 -15.91 11.01
CA LYS C 413 -15.78 -17.37 10.89
C LYS C 413 -14.42 -17.85 11.39
N SER C 414 -13.32 -17.24 10.94
CA SER C 414 -11.97 -17.59 11.42
C SER C 414 -11.83 -17.40 12.93
N CYS C 415 -12.41 -16.31 13.45
CA CYS C 415 -12.32 -16.00 14.88
C CYS C 415 -13.10 -16.98 15.80
N PHE C 416 -14.33 -17.27 15.41
CA PHE C 416 -15.11 -18.32 16.08
C PHE C 416 -14.38 -19.65 16.05
N GLN C 417 -13.97 -20.04 14.85
CA GLN C 417 -13.23 -21.29 14.62
C GLN C 417 -11.92 -21.38 15.37
N ASN C 418 -11.17 -20.28 15.41
CA ASN C 418 -9.90 -20.21 16.17
C ASN C 418 -10.13 -20.51 17.67
N GLY C 419 -11.16 -19.86 18.22
CA GLY C 419 -11.54 -19.97 19.62
C GLY C 419 -11.96 -21.38 19.99
N LEU C 420 -12.76 -22.00 19.11
CA LEU C 420 -13.25 -23.36 19.34
C LEU C 420 -12.11 -24.35 19.30
N ASP C 421 -11.32 -24.31 18.22
CA ASP C 421 -10.26 -25.30 17.99
C ASP C 421 -9.12 -25.18 18.95
N THR C 422 -8.75 -23.95 19.31
CA THR C 422 -7.70 -23.74 20.31
C THR C 422 -8.16 -24.27 21.66
N ALA C 423 -9.40 -23.95 22.05
CA ALA C 423 -9.98 -24.48 23.31
C ALA C 423 -9.92 -26.01 23.41
N LYS C 424 -10.20 -26.73 22.33
CA LYS C 424 -10.09 -28.21 22.28
C LYS C 424 -8.66 -28.76 22.45
N GLU C 425 -7.67 -28.06 21.93
CA GLU C 425 -6.26 -28.46 22.04
C GLU C 425 -5.73 -28.25 23.47
N TYR C 426 -6.04 -27.11 24.07
CA TYR C 426 -5.43 -26.69 25.34
C TYR C 426 -6.32 -26.90 26.59
N ALA C 427 -7.64 -26.87 26.40
CA ALA C 427 -8.60 -27.00 27.50
C ALA C 427 -9.74 -27.94 27.11
N THR C 428 -9.38 -29.16 26.70
CA THR C 428 -10.33 -30.06 26.04
C THR C 428 -11.53 -30.24 26.93
N PRO C 429 -12.73 -29.93 26.44
CA PRO C 429 -13.86 -30.07 27.32
C PRO C 429 -14.29 -31.53 27.38
N ALA C 430 -15.13 -31.79 28.38
CA ALA C 430 -15.66 -33.13 28.59
C ALA C 430 -16.62 -33.53 27.46
N ASP C 431 -16.97 -34.81 27.41
CA ASP C 431 -17.69 -35.37 26.29
C ASP C 431 -19.15 -34.86 26.22
N GLY C 432 -19.53 -34.32 25.06
CA GLY C 432 -20.85 -33.70 24.85
C GLY C 432 -20.92 -32.21 25.16
N ILE C 433 -19.93 -31.72 25.92
CA ILE C 433 -19.83 -30.32 26.42
C ILE C 433 -19.19 -29.38 25.38
N LEU C 434 -19.71 -28.14 25.32
CA LEU C 434 -19.21 -27.14 24.37
C LEU C 434 -17.82 -26.65 24.78
N PRO C 435 -16.87 -26.52 23.82
CA PRO C 435 -15.59 -25.90 24.22
C PRO C 435 -15.75 -24.45 24.67
N SER C 436 -14.90 -24.05 25.62
CA SER C 436 -14.95 -22.71 26.23
C SER C 436 -14.43 -21.72 25.21
N LEU C 437 -15.29 -20.81 24.76
CA LEU C 437 -14.86 -19.87 23.74
C LEU C 437 -13.96 -18.82 24.38
N VAL C 438 -14.37 -18.31 25.56
CA VAL C 438 -13.55 -17.35 26.28
C VAL C 438 -12.16 -17.88 26.57
N THR C 439 -12.03 -19.14 26.90
CA THR C 439 -10.72 -19.66 27.18
C THR C 439 -9.94 -19.72 25.87
N GLY C 440 -10.42 -20.49 24.91
CA GLY C 440 -9.78 -20.59 23.59
C GLY C 440 -9.53 -19.29 22.81
N SER C 441 -10.38 -18.29 23.01
CA SER C 441 -10.16 -16.99 22.37
C SER C 441 -8.94 -16.33 23.01
N ASN C 442 -8.97 -16.20 24.35
CA ASN C 442 -7.83 -15.67 25.14
C ASN C 442 -6.50 -16.40 24.86
N ILE C 443 -6.54 -17.75 24.85
CA ILE C 443 -5.31 -18.54 24.63
C ILE C 443 -4.73 -18.23 23.26
N ALA C 444 -5.56 -18.29 22.23
CA ALA C 444 -5.10 -18.16 20.86
C ALA C 444 -4.58 -16.76 20.57
N GLY C 445 -5.21 -15.74 21.13
CA GLY C 445 -4.72 -14.37 20.98
C GLY C 445 -3.40 -14.17 21.69
N PHE C 446 -3.34 -14.67 22.94
CA PHE C 446 -2.16 -14.58 23.78
C PHE C 446 -0.95 -15.26 23.15
N THR C 447 -1.12 -16.47 22.62
CA THR C 447 0.05 -17.22 22.15
C THR C 447 0.63 -16.60 20.89
N LYS C 448 -0.20 -16.04 20.01
CA LYS C 448 0.30 -15.35 18.81
C LYS C 448 1.18 -14.16 19.20
N VAL C 449 0.64 -13.35 20.11
CA VAL C 449 1.28 -12.14 20.59
C VAL C 449 2.59 -12.50 21.31
N ALA C 450 2.54 -13.41 22.29
CA ALA C 450 3.74 -13.84 23.07
C ALA C 450 4.82 -14.59 22.29
N ALA C 451 4.41 -15.30 21.24
CA ALA C 451 5.33 -15.92 20.28
C ALA C 451 6.06 -14.86 19.47
N ALA C 452 5.30 -13.88 18.98
CA ALA C 452 5.87 -12.72 18.29
C ALA C 452 6.85 -11.93 19.18
N MET C 453 6.44 -11.68 20.41
CA MET C 453 7.29 -10.98 21.36
C MET C 453 8.61 -11.73 21.63
N LYS C 454 8.54 -13.06 21.76
CA LYS C 454 9.78 -13.86 21.92
C LYS C 454 10.69 -13.66 20.70
N ASP C 455 10.09 -13.79 19.51
CA ASP C 455 10.77 -13.70 18.20
C ASP C 455 11.48 -12.35 18.03
N GLN C 456 10.80 -11.30 18.50
CA GLN C 456 11.29 -9.92 18.41
C GLN C 456 12.21 -9.49 19.58
N GLY C 457 12.47 -10.38 20.53
CA GLY C 457 13.30 -10.07 21.66
C GLY C 457 12.69 -9.17 22.73
N ASP C 458 11.37 -8.93 22.73
CA ASP C 458 10.71 -8.29 23.90
C ASP C 458 10.89 -9.07 25.26
N TRP C 459 10.99 -10.40 25.21
CA TRP C 459 11.39 -11.25 26.35
C TRP C 459 12.16 -12.49 25.82
N TRP C 460 12.78 -13.22 26.74
CA TRP C 460 13.53 -14.42 26.35
C TRP C 460 13.57 -15.40 27.51
PA NDP D . 23.07 -20.15 5.60
O1A NDP D . 23.88 -19.64 6.78
O2A NDP D . 21.60 -20.46 5.80
O5B NDP D . 23.93 -21.44 5.22
C5B NDP D . 25.30 -21.26 4.91
C4B NDP D . 25.79 -22.59 4.42
O4B NDP D . 26.99 -22.39 3.72
C3B NDP D . 26.12 -23.50 5.58
O3B NDP D . 26.13 -24.90 5.28
C2B NDP D . 27.53 -23.10 5.86
O2B NDP D . 28.20 -24.11 6.59
C1B NDP D . 28.04 -22.94 4.48
N9A NDP D . 29.08 -21.95 4.47
C8A NDP D . 28.94 -20.64 4.80
N7A NDP D . 30.13 -19.98 4.66
C5A NDP D . 31.03 -20.91 4.24
C6A NDP D . 32.45 -20.89 3.89
N6A NDP D . 33.10 -19.72 3.99
N1A NDP D . 33.03 -22.07 3.49
C2A NDP D . 32.31 -23.22 3.42
N3A NDP D . 30.99 -23.34 3.70
C4A NDP D . 30.32 -22.21 4.12
O3 NDP D . 23.28 -19.17 4.32
PN NDP D . 22.25 -19.14 3.08
O1N NDP D . 21.91 -20.58 2.79
O2N NDP D . 21.11 -18.18 3.43
O5D NDP D . 23.04 -18.60 1.81
C5D NDP D . 24.10 -19.34 1.24
C4D NDP D . 24.49 -18.61 -0.05
O4D NDP D . 23.34 -18.31 -0.84
C3D NDP D . 25.19 -17.27 0.22
O3D NDP D . 26.31 -17.01 -0.67
C2D NDP D . 24.09 -16.27 0.02
O2D NDP D . 24.60 -15.00 -0.35
C1D NDP D . 23.28 -16.92 -1.08
N1N NDP D . 21.89 -16.45 -1.15
C2N NDP D . 21.02 -16.58 -0.13
C3N NDP D . 19.71 -16.10 -0.23
C7N NDP D . 18.64 -16.24 0.85
O7N NDP D . 17.50 -15.82 0.64
N7N NDP D . 18.91 -16.88 1.98
C4N NDP D . 19.24 -15.44 -1.49
C5N NDP D . 20.27 -15.39 -2.51
C6N NDP D . 21.54 -15.87 -2.31
P2B NDP D . 27.99 -24.10 8.16
O1X NDP D . 28.19 -22.64 8.51
O2X NDP D . 26.58 -24.62 8.35
O3X NDP D . 29.15 -24.98 8.61
C1 GOL E . 17.99 8.36 5.96
O1 GOL E . 19.06 9.01 6.69
C2 GOL E . 16.69 8.14 6.75
O2 GOL E . 15.71 9.10 6.39
C3 GOL E . 16.04 6.77 6.47
O3 GOL E . 14.92 6.48 7.32
C1 GOL F . -3.64 -11.22 -4.63
O1 GOL F . -3.91 -9.87 -4.25
C2 GOL F . -2.60 -11.28 -5.74
O2 GOL F . -1.30 -10.96 -5.21
C3 GOL F . -2.59 -12.67 -6.42
O3 GOL F . -1.40 -13.42 -6.09
C1 GOL G . 33.98 -26.09 2.44
O1 GOL G . 34.76 -25.06 1.84
C2 GOL G . 34.71 -27.39 2.27
O2 GOL G . 35.80 -27.45 3.21
C3 GOL G . 33.74 -28.52 2.52
O3 GOL G . 33.24 -28.43 3.87
C1 GOL H . 16.45 -15.21 4.03
O1 GOL H . 15.75 -13.95 3.98
C2 GOL H . 16.86 -15.65 5.45
O2 GOL H . 15.73 -15.65 6.36
C3 GOL H . 17.60 -17.00 5.48
O3 GOL H . 18.98 -16.94 5.03
C1 GOL I . 38.55 -15.77 -8.80
O1 GOL I . 38.12 -16.74 -9.76
C2 GOL I . 39.46 -16.41 -7.75
O2 GOL I . 39.92 -15.43 -6.82
C3 GOL I . 38.72 -17.51 -6.98
O3 GOL I . 39.31 -17.74 -5.70
O1 TLA J . 17.07 -9.34 0.11
O11 TLA J . 15.90 -10.97 1.08
C1 TLA J . 16.84 -10.55 0.31
C2 TLA J . 17.69 -11.56 -0.40
O2 TLA J . 17.39 -12.86 0.16
C3 TLA J . 19.21 -11.34 -0.32
O3 TLA J . 19.72 -12.00 0.87
C4 TLA J . 19.93 -11.84 -1.57
O4 TLA J . 21.06 -12.42 -1.46
O41 TLA J . 19.41 -11.69 -2.70
PA NDP K . 2.67 20.35 -23.34
O1A NDP K . 3.77 21.19 -22.71
O2A NDP K . 2.78 18.85 -23.49
O5B NDP K . 2.31 21.08 -24.72
C5B NDP K . 1.59 22.33 -24.74
C4B NDP K . 1.25 22.77 -26.15
O4B NDP K . 0.45 23.96 -26.10
C3B NDP K . 2.50 23.08 -26.92
O3B NDP K . 2.47 22.57 -28.27
C2B NDP K . 2.58 24.59 -26.91
O2B NDP K . 3.30 25.15 -28.01
C1B NDP K . 1.15 25.06 -26.71
N9A NDP K . 1.24 26.25 -25.82
C8A NDP K . 1.80 26.28 -24.60
N7A NDP K . 1.78 27.51 -24.04
C5A NDP K . 1.19 28.28 -24.93
C6A NDP K . 0.85 29.69 -24.96
N6A NDP K . 1.15 30.41 -23.89
N1A NDP K . 0.22 30.16 -26.07
C2A NDP K . -0.09 29.37 -27.13
N3A NDP K . 0.20 28.05 -27.16
C4A NDP K . 0.83 27.46 -26.12
O3 NDP K . 1.39 20.72 -22.48
PN NDP K . 0.30 19.65 -22.04
O1N NDP K . -0.39 19.15 -23.28
O2N NDP K . 1.04 18.69 -21.10
O5D NDP K . -0.77 20.62 -21.32
C5D NDP K . -1.46 21.59 -22.10
C4D NDP K . -2.77 21.95 -21.45
O4D NDP K . -3.40 20.76 -21.05
C3D NDP K . -2.58 22.76 -20.18
O3D NDP K . -3.65 23.69 -20.04
C2D NDP K . -2.62 21.74 -19.06
O2D NDP K . -3.10 22.16 -17.79
C1D NDP K . -3.65 20.81 -19.62
N1N NDP K . -3.67 19.53 -18.84
C2N NDP K . -2.62 18.68 -18.93
C3N NDP K . -2.60 17.47 -18.25
C7N NDP K . -1.46 16.49 -18.33
O7N NDP K . -1.54 15.47 -17.66
N7N NDP K . -0.39 16.69 -19.12
C4N NDP K . -3.77 17.09 -17.37
C5N NDP K . -4.82 18.07 -17.34
C6N NDP K . -4.73 19.24 -18.07
P2B NDP K . 4.91 24.85 -28.06
O1X NDP K . 5.08 23.34 -28.19
O2X NDP K . 5.43 25.64 -29.24
O3X NDP K . 5.39 25.42 -26.74
C1 GOL L . -5.83 -3.14 -11.40
O1 GOL L . -6.93 -3.27 -12.30
C2 GOL L . -5.90 -4.23 -10.34
O2 GOL L . -6.43 -3.68 -9.15
C3 GOL L . -4.53 -4.77 -10.00
O3 GOL L . -4.64 -6.06 -9.36
O1 TLA M . -4.57 17.19 -14.12
O11 TLA M . -3.92 19.29 -14.35
C1 TLA M . -3.66 18.08 -14.07
C2 TLA M . -2.23 17.75 -13.66
O2 TLA M . -1.29 18.64 -14.32
C3 TLA M . -1.81 16.28 -13.95
O3 TLA M . -0.84 16.28 -15.02
C4 TLA M . -1.25 15.56 -12.71
O4 TLA M . -0.58 14.50 -12.86
O41 TLA M . -1.47 15.99 -11.55
PA NDP N . -21.72 4.68 21.87
O1A NDP N . -22.14 4.95 20.45
O2A NDP N . -21.24 5.82 22.73
O5B NDP N . -22.93 3.95 22.62
C5B NDP N . -22.74 3.52 23.95
C4B NDP N . -24.09 3.26 24.59
O4B NDP N . -23.74 2.82 25.89
C3B NDP N . -25.03 4.46 24.68
O3B NDP N . -26.41 4.17 24.51
C2B NDP N . -24.80 4.91 26.10
O2B NDP N . -25.95 5.51 26.69
C1B NDP N . -24.41 3.64 26.83
N9A NDP N . -23.52 3.92 27.96
C8A NDP N . -22.36 4.64 27.92
N7A NDP N . -21.78 4.69 29.15
C5A NDP N . -22.59 4.00 29.97
C6A NDP N . -22.54 3.69 31.38
N6A NDP N . -21.50 4.17 32.07
N1A NDP N . -23.54 2.94 31.91
C2A NDP N . -24.58 2.48 31.15
N3A NDP N . -24.69 2.72 29.83
C4A NDP N . -23.73 3.48 29.20
O3 NDP N . -20.58 3.55 21.98
PN NDP N . -20.30 2.40 20.89
O1N NDP N . -21.65 1.79 20.49
O2N NDP N . -19.32 2.96 19.88
O5D NDP N . -19.55 1.31 21.80
C5D NDP N . -20.14 0.88 23.04
C4D NDP N . -19.44 -0.35 23.53
O4D NDP N . -19.01 -1.05 22.38
C3D NDP N . -18.21 -0.09 24.38
O3D NDP N . -18.05 -1.06 25.43
C2D NDP N . -17.09 -0.23 23.39
O2D NDP N . -15.87 -0.59 24.03
C1D NDP N . -17.62 -1.34 22.53
N1N NDP N . -16.96 -1.47 21.23
C2N NDP N . -17.17 -0.58 20.24
C3N NDP N . -16.56 -0.72 19.00
C7N NDP N . -16.75 0.26 17.88
O7N NDP N . -16.79 -0.12 16.71
N7N NDP N . -16.86 1.55 18.16
C4N NDP N . -15.65 -1.89 18.74
C5N NDP N . -15.52 -2.78 19.89
C6N NDP N . -16.18 -2.54 21.08
P2B NDP N . -26.07 7.12 26.60
O1X NDP N . -26.46 7.18 25.14
O2X NDP N . -27.18 7.54 27.56
O3X NDP N . -24.68 7.64 26.94
C1 GOL O . -11.56 -6.66 -2.11
O1 GOL O . -12.00 -7.87 -1.45
C2 GOL O . -10.03 -6.53 -2.02
O2 GOL O . -9.45 -7.78 -2.43
C3 GOL O . -9.51 -5.37 -2.89
O3 GOL O . -9.35 -5.74 -4.26
C1 GOL P . -29.86 1.14 32.99
O1 GOL P . -29.52 0.99 31.61
C2 GOL P . -29.06 2.28 33.61
O2 GOL P . -29.33 2.35 35.00
C3 GOL P . -27.56 2.11 33.39
O3 GOL P . -27.09 0.78 33.64
C1 GOL Q . 10.05 15.63 20.95
O1 GOL Q . 8.79 16.16 20.49
C2 GOL Q . 11.23 16.64 20.93
O2 GOL Q . 12.45 16.00 21.41
C3 GOL Q . 11.48 17.23 19.55
O3 GOL Q . 12.35 18.38 19.63
C1 GOL R . 7.27 12.77 21.25
O1 GOL R . 7.71 13.21 22.56
C2 GOL R . 7.73 11.37 20.75
O2 GOL R . 6.75 10.34 21.01
C3 GOL R . 7.99 11.30 19.25
O3 GOL R . 8.62 12.51 18.81
C1 GOL S . -1.81 6.40 3.57
O1 GOL S . -1.44 6.29 2.19
C2 GOL S . -1.07 5.38 4.46
O2 GOL S . -1.88 5.13 5.62
C3 GOL S . 0.37 5.83 4.82
O3 GOL S . 1.39 4.86 4.49
C1 GOL T . -34.95 -13.69 6.25
O1 GOL T . -36.03 -12.83 6.64
C2 GOL T . -35.41 -15.16 6.27
O2 GOL T . -34.40 -15.98 5.66
C3 GOL T . -35.70 -15.67 7.70
O3 GOL T . -36.38 -14.69 8.51
O1 TLA U . -12.47 -2.58 20.07
O11 TLA U . -12.51 -0.38 20.38
C1 TLA U . -12.39 -1.40 19.67
C2 TLA U . -12.06 -1.23 18.24
O2 TLA U . -10.64 -1.23 18.29
C3 TLA U . -12.53 0.08 17.57
O3 TLA U . -12.53 1.21 18.48
C4 TLA U . -11.65 0.34 16.39
O4 TLA U . -10.57 0.96 16.52
O41 TLA U . -12.02 -0.10 15.31
#